data_6VLP
# 
_entry.id   6VLP 
# 
_audit_conform.dict_name       mmcif_pdbx.dic 
_audit_conform.dict_version    5.380 
_audit_conform.dict_location   http://mmcif.pdb.org/dictionaries/ascii/mmcif_pdbx.dic 
# 
loop_
_database_2.database_id 
_database_2.database_code 
_database_2.pdbx_database_accession 
_database_2.pdbx_DOI 
PDB   6VLP         pdb_00006vlp 10.2210/pdb6vlp/pdb 
WWPDB D_1000246633 ?            ?                   
# 
_pdbx_database_status.status_code                     REL 
_pdbx_database_status.status_code_sf                  REL 
_pdbx_database_status.status_code_mr                  ? 
_pdbx_database_status.entry_id                        6VLP 
_pdbx_database_status.recvd_initial_deposition_date   2020-01-24 
_pdbx_database_status.SG_entry                        N 
_pdbx_database_status.deposit_site                    RCSB 
_pdbx_database_status.process_site                    RCSB 
_pdbx_database_status.status_code_cs                  ? 
_pdbx_database_status.status_code_nmr_data            ? 
_pdbx_database_status.methods_development_category    ? 
_pdbx_database_status.pdb_format_compatible           Y 
# 
loop_
_audit_author.name 
_audit_author.pdbx_ordinal 
_audit_author.identifier_ORCID 
'Valadares, N.F.' 1 0000-0002-6251-7342 
'Moura, G.T.'     2 0000-0002-1458-0099 
# 
_citation.abstract                  ? 
_citation.abstract_id_CAS           ? 
_citation.book_id_ISBN              ? 
_citation.book_publisher            ? 
_citation.book_publisher_city       ? 
_citation.book_title                ? 
_citation.coordinate_linkage        ? 
_citation.country                   ? 
_citation.database_id_Medline       ? 
_citation.details                   ? 
_citation.id                        primary 
_citation.journal_abbrev            'Biochim Biophys Acta Proteins Proteom' 
_citation.journal_id_ASTM           ? 
_citation.journal_id_CSD            ? 
_citation.journal_id_ISSN           ? 
_citation.journal_full              ? 
_citation.journal_issue             ? 
_citation.journal_volume            1869 
_citation.language                  ? 
_citation.page_first                140541 
_citation.page_last                 140541 
_citation.title                     
;Crystal structure and physicochemical characterization of a phytocystatin from Humulus lupulus: Insights into its domain-swapped dimer
;
_citation.year                      2020 
_citation.database_id_CSD           ? 
_citation.pdbx_database_id_DOI      10.1016/j.bbapap.2020.140541 
_citation.pdbx_database_id_PubMed   32947025 
_citation.unpublished_flag          ? 
# 
loop_
_citation_author.citation_id 
_citation_author.name 
_citation_author.ordinal 
_citation_author.identifier_ORCID 
primary 'Moura, G.T.'     1 0000-0002-1458-0099 
primary 'Souza, A.A.'     2 ?                   
primary 'Garay, A.V.'     3 ?                   
primary 'Freitas, S.M.'   4 ?                   
primary 'Valadares, N.F.' 5 ?                   
# 
_cell.angle_alpha                  90.000 
_cell.angle_alpha_esd              ? 
_cell.angle_beta                   90.000 
_cell.angle_beta_esd               ? 
_cell.angle_gamma                  90.000 
_cell.angle_gamma_esd              ? 
_cell.entry_id                     6VLP 
_cell.details                      ? 
_cell.formula_units_Z              ? 
_cell.length_a                     42.551 
_cell.length_a_esd                 ? 
_cell.length_b                     63.280 
_cell.length_b_esd                 ? 
_cell.length_c                     72.383 
_cell.length_c_esd                 ? 
_cell.volume                       194900.440 
_cell.volume_esd                   ? 
_cell.Z_PDB                        8 
_cell.reciprocal_angle_alpha       ? 
_cell.reciprocal_angle_beta        ? 
_cell.reciprocal_angle_gamma       ? 
_cell.reciprocal_angle_alpha_esd   ? 
_cell.reciprocal_angle_beta_esd    ? 
_cell.reciprocal_angle_gamma_esd   ? 
_cell.reciprocal_length_a          ? 
_cell.reciprocal_length_b          ? 
_cell.reciprocal_length_c          ? 
_cell.reciprocal_length_a_esd      ? 
_cell.reciprocal_length_b_esd      ? 
_cell.reciprocal_length_c_esd      ? 
_cell.pdbx_unique_axis             ? 
# 
_symmetry.entry_id                         6VLP 
_symmetry.cell_setting                     ? 
_symmetry.Int_Tables_number                20 
_symmetry.space_group_name_Hall            'C 2c 2' 
_symmetry.space_group_name_H-M             'C 2 2 21' 
_symmetry.pdbx_full_space_group_name_H-M   ? 
# 
loop_
_entity.id 
_entity.type 
_entity.src_method 
_entity.pdbx_description 
_entity.formula_weight 
_entity.pdbx_number_of_molecules 
_entity.pdbx_ec 
_entity.pdbx_mutation 
_entity.pdbx_fragment 
_entity.details 
1 polymer     man Hop1                             11258.755 1  ? ? ? ? 
2 non-polymer syn 'TRIS(HYDROXYETHYL)AMINOMETHANE' 163.215   1  ? ? ? ? 
3 non-polymer syn 'SULFATE ION'                    96.063    3  ? ? ? ? 
4 water       nat water                            18.015    70 ? ? ? ? 
# 
_entity_poly.entity_id                      1 
_entity_poly.type                           'polypeptide(L)' 
_entity_poly.nstd_linkage                   no 
_entity_poly.nstd_monomer                   no 
_entity_poly.pdbx_seq_one_letter_code       
;MATVGGIKEVDGNQNSLEIESLARYAVDEHNKKQNSLLQFEKVVNTKQQVVSGTIYIITLEAVDGGKKKVYEAKVWEKPW
MNFKELQEFKLIGDAPSGSSA
;
_entity_poly.pdbx_seq_one_letter_code_can   
;MATVGGIKEVDGNQNSLEIESLARYAVDEHNKKQNSLLQFEKVVNTKQQVVSGTIYIITLEAVDGGKKKVYEAKVWEKPW
MNFKELQEFKLIGDAPSGSSA
;
_entity_poly.pdbx_strand_id                 A 
_entity_poly.pdbx_target_identifier         ? 
# 
loop_
_entity_poly_seq.entity_id 
_entity_poly_seq.num 
_entity_poly_seq.mon_id 
_entity_poly_seq.hetero 
1 1   MET n 
1 2   ALA n 
1 3   THR n 
1 4   VAL n 
1 5   GLY n 
1 6   GLY n 
1 7   ILE n 
1 8   LYS n 
1 9   GLU n 
1 10  VAL n 
1 11  ASP n 
1 12  GLY n 
1 13  ASN n 
1 14  GLN n 
1 15  ASN n 
1 16  SER n 
1 17  LEU n 
1 18  GLU n 
1 19  ILE n 
1 20  GLU n 
1 21  SER n 
1 22  LEU n 
1 23  ALA n 
1 24  ARG n 
1 25  TYR n 
1 26  ALA n 
1 27  VAL n 
1 28  ASP n 
1 29  GLU n 
1 30  HIS n 
1 31  ASN n 
1 32  LYS n 
1 33  LYS n 
1 34  GLN n 
1 35  ASN n 
1 36  SER n 
1 37  LEU n 
1 38  LEU n 
1 39  GLN n 
1 40  PHE n 
1 41  GLU n 
1 42  LYS n 
1 43  VAL n 
1 44  VAL n 
1 45  ASN n 
1 46  THR n 
1 47  LYS n 
1 48  GLN n 
1 49  GLN n 
1 50  VAL n 
1 51  VAL n 
1 52  SER n 
1 53  GLY n 
1 54  THR n 
1 55  ILE n 
1 56  TYR n 
1 57  ILE n 
1 58  ILE n 
1 59  THR n 
1 60  LEU n 
1 61  GLU n 
1 62  ALA n 
1 63  VAL n 
1 64  ASP n 
1 65  GLY n 
1 66  GLY n 
1 67  LYS n 
1 68  LYS n 
1 69  LYS n 
1 70  VAL n 
1 71  TYR n 
1 72  GLU n 
1 73  ALA n 
1 74  LYS n 
1 75  VAL n 
1 76  TRP n 
1 77  GLU n 
1 78  LYS n 
1 79  PRO n 
1 80  TRP n 
1 81  MET n 
1 82  ASN n 
1 83  PHE n 
1 84  LYS n 
1 85  GLU n 
1 86  LEU n 
1 87  GLN n 
1 88  GLU n 
1 89  PHE n 
1 90  LYS n 
1 91  LEU n 
1 92  ILE n 
1 93  GLY n 
1 94  ASP n 
1 95  ALA n 
1 96  PRO n 
1 97  SER n 
1 98  GLY n 
1 99  SER n 
1 100 SER n 
1 101 ALA n 
# 
_entity_src_gen.entity_id                          1 
_entity_src_gen.pdbx_src_id                        1 
_entity_src_gen.pdbx_alt_source_flag               sample 
_entity_src_gen.pdbx_seq_type                      'Biological sequence' 
_entity_src_gen.pdbx_beg_seq_num                   1 
_entity_src_gen.pdbx_end_seq_num                   101 
_entity_src_gen.gene_src_common_name               'European hop' 
_entity_src_gen.gene_src_genus                     ? 
_entity_src_gen.pdbx_gene_src_gene                 ? 
_entity_src_gen.gene_src_species                   ? 
_entity_src_gen.gene_src_strain                    ? 
_entity_src_gen.gene_src_tissue                    ? 
_entity_src_gen.gene_src_tissue_fraction           ? 
_entity_src_gen.gene_src_details                   ? 
_entity_src_gen.pdbx_gene_src_fragment             ? 
_entity_src_gen.pdbx_gene_src_scientific_name      'Humulus lupulus' 
_entity_src_gen.pdbx_gene_src_ncbi_taxonomy_id     3486 
_entity_src_gen.pdbx_gene_src_variant              ? 
_entity_src_gen.pdbx_gene_src_cell_line            ? 
_entity_src_gen.pdbx_gene_src_atcc                 ? 
_entity_src_gen.pdbx_gene_src_organ                ? 
_entity_src_gen.pdbx_gene_src_organelle            ? 
_entity_src_gen.pdbx_gene_src_cell                 ? 
_entity_src_gen.pdbx_gene_src_cellular_location    ? 
_entity_src_gen.host_org_common_name               ? 
_entity_src_gen.pdbx_host_org_scientific_name      'Escherichia coli' 
_entity_src_gen.pdbx_host_org_ncbi_taxonomy_id     562 
_entity_src_gen.host_org_genus                     ? 
_entity_src_gen.pdbx_host_org_gene                 ? 
_entity_src_gen.pdbx_host_org_organ                ? 
_entity_src_gen.host_org_species                   ? 
_entity_src_gen.pdbx_host_org_tissue               ? 
_entity_src_gen.pdbx_host_org_tissue_fraction      ? 
_entity_src_gen.pdbx_host_org_strain               Lemo21 
_entity_src_gen.pdbx_host_org_variant              ? 
_entity_src_gen.pdbx_host_org_cell_line            ? 
_entity_src_gen.pdbx_host_org_atcc                 ? 
_entity_src_gen.pdbx_host_org_culture_collection   ? 
_entity_src_gen.pdbx_host_org_cell                 ? 
_entity_src_gen.pdbx_host_org_organelle            ? 
_entity_src_gen.pdbx_host_org_cellular_location    ? 
_entity_src_gen.pdbx_host_org_vector_type          plasmid 
_entity_src_gen.pdbx_host_org_vector               ? 
_entity_src_gen.host_org_details                   ? 
_entity_src_gen.expression_system_id               ? 
_entity_src_gen.plasmid_name                       pET24a 
_entity_src_gen.plasmid_details                    ? 
_entity_src_gen.pdbx_description                   ? 
# 
_struct_ref.id                         1 
_struct_ref.db_name                    PDB 
_struct_ref.db_code                    6VLP 
_struct_ref.pdbx_db_accession          6VLP 
_struct_ref.pdbx_db_isoform            ? 
_struct_ref.entity_id                  1 
_struct_ref.pdbx_seq_one_letter_code   ? 
_struct_ref.pdbx_align_begin           1 
# 
_struct_ref_seq.align_id                      1 
_struct_ref_seq.ref_id                        1 
_struct_ref_seq.pdbx_PDB_id_code              6VLP 
_struct_ref_seq.pdbx_strand_id                A 
_struct_ref_seq.seq_align_beg                 1 
_struct_ref_seq.pdbx_seq_align_beg_ins_code   ? 
_struct_ref_seq.seq_align_end                 101 
_struct_ref_seq.pdbx_seq_align_end_ins_code   ? 
_struct_ref_seq.pdbx_db_accession             6VLP 
_struct_ref_seq.db_align_beg                  1 
_struct_ref_seq.pdbx_db_align_beg_ins_code    ? 
_struct_ref_seq.db_align_end                  101 
_struct_ref_seq.pdbx_db_align_end_ins_code    ? 
_struct_ref_seq.pdbx_auth_seq_align_beg       1 
_struct_ref_seq.pdbx_auth_seq_align_end       101 
# 
loop_
_chem_comp.id 
_chem_comp.type 
_chem_comp.mon_nstd_flag 
_chem_comp.name 
_chem_comp.pdbx_synonyms 
_chem_comp.formula 
_chem_comp.formula_weight 
ALA 'L-peptide linking' y ALANINE                          ? 'C3 H7 N O2'     89.093  
ARG 'L-peptide linking' y ARGININE                         ? 'C6 H15 N4 O2 1' 175.209 
ASN 'L-peptide linking' y ASPARAGINE                       ? 'C4 H8 N2 O3'    132.118 
ASP 'L-peptide linking' y 'ASPARTIC ACID'                  ? 'C4 H7 N O4'     133.103 
GLN 'L-peptide linking' y GLUTAMINE                        ? 'C5 H10 N2 O3'   146.144 
GLU 'L-peptide linking' y 'GLUTAMIC ACID'                  ? 'C5 H9 N O4'     147.129 
GLY 'peptide linking'   y GLYCINE                          ? 'C2 H5 N O2'     75.067  
HIS 'L-peptide linking' y HISTIDINE                        ? 'C6 H10 N3 O2 1' 156.162 
HOH non-polymer         . WATER                            ? 'H2 O'           18.015  
ILE 'L-peptide linking' y ISOLEUCINE                       ? 'C6 H13 N O2'    131.173 
LEU 'L-peptide linking' y LEUCINE                          ? 'C6 H13 N O2'    131.173 
LYS 'L-peptide linking' y LYSINE                           ? 'C6 H15 N2 O2 1' 147.195 
MET 'L-peptide linking' y METHIONINE                       ? 'C5 H11 N O2 S'  149.211 
PHE 'L-peptide linking' y PHENYLALANINE                    ? 'C9 H11 N O2'    165.189 
PRO 'L-peptide linking' y PROLINE                          ? 'C5 H9 N O2'     115.130 
SER 'L-peptide linking' y SERINE                           ? 'C3 H7 N O3'     105.093 
SO4 non-polymer         . 'SULFATE ION'                    ? 'O4 S -2'        96.063  
TAM non-polymer         . 'TRIS(HYDROXYETHYL)AMINOMETHANE' ? 'C7 H17 N O3'    163.215 
THR 'L-peptide linking' y THREONINE                        ? 'C4 H9 N O3'     119.119 
TRP 'L-peptide linking' y TRYPTOPHAN                       ? 'C11 H12 N2 O2'  204.225 
TYR 'L-peptide linking' y TYROSINE                         ? 'C9 H11 N O3'    181.189 
VAL 'L-peptide linking' y VALINE                           ? 'C5 H11 N O2'    117.146 
# 
_exptl.absorpt_coefficient_mu     ? 
_exptl.absorpt_correction_T_max   ? 
_exptl.absorpt_correction_T_min   ? 
_exptl.absorpt_correction_type    ? 
_exptl.absorpt_process_details    ? 
_exptl.entry_id                   6VLP 
_exptl.crystals_number            1 
_exptl.details                    ? 
_exptl.method                     'X-RAY DIFFRACTION' 
_exptl.method_details             ? 
# 
_exptl_crystal.colour                      ? 
_exptl_crystal.density_diffrn              ? 
_exptl_crystal.density_Matthews            2.16 
_exptl_crystal.density_method              ? 
_exptl_crystal.density_percent_sol         43.16 
_exptl_crystal.description                 ? 
_exptl_crystal.F_000                       ? 
_exptl_crystal.id                          1 
_exptl_crystal.preparation                 ? 
_exptl_crystal.size_max                    ? 
_exptl_crystal.size_mid                    ? 
_exptl_crystal.size_min                    ? 
_exptl_crystal.size_rad                    ? 
_exptl_crystal.colour_lustre               ? 
_exptl_crystal.colour_modifier             ? 
_exptl_crystal.colour_primary              ? 
_exptl_crystal.density_meas                ? 
_exptl_crystal.density_meas_esd            ? 
_exptl_crystal.density_meas_gt             ? 
_exptl_crystal.density_meas_lt             ? 
_exptl_crystal.density_meas_temp           ? 
_exptl_crystal.density_meas_temp_esd       ? 
_exptl_crystal.density_meas_temp_gt        ? 
_exptl_crystal.density_meas_temp_lt        ? 
_exptl_crystal.pdbx_crystal_image_url      ? 
_exptl_crystal.pdbx_crystal_image_format   ? 
_exptl_crystal.pdbx_mosaicity              ? 
_exptl_crystal.pdbx_mosaicity_esd          ? 
# 
_exptl_crystal_grow.apparatus       ? 
_exptl_crystal_grow.atmosphere      ? 
_exptl_crystal_grow.crystal_id      1 
_exptl_crystal_grow.details         ? 
_exptl_crystal_grow.method          'VAPOR DIFFUSION, HANGING DROP' 
_exptl_crystal_grow.method_ref      ? 
_exptl_crystal_grow.pH              6.5 
_exptl_crystal_grow.pressure        ? 
_exptl_crystal_grow.pressure_esd    ? 
_exptl_crystal_grow.seeding         ? 
_exptl_crystal_grow.seeding_ref     ? 
_exptl_crystal_grow.temp            293 
_exptl_crystal_grow.temp_details    ? 
_exptl_crystal_grow.temp_esd        ? 
_exptl_crystal_grow.time            ? 
_exptl_crystal_grow.pdbx_details    '30% w/v PEG8000, 100 mM sodium cacodylate, pH 6.5, 200 mM sodium acetate trihydrate' 
_exptl_crystal_grow.pdbx_pH_range   ? 
# 
_diffrn.ambient_environment              ? 
_diffrn.ambient_temp                     100 
_diffrn.ambient_temp_details             ? 
_diffrn.ambient_temp_esd                 ? 
_diffrn.crystal_id                       1 
_diffrn.crystal_support                  ? 
_diffrn.crystal_treatment                ? 
_diffrn.details                          ? 
_diffrn.id                               1 
_diffrn.ambient_pressure                 ? 
_diffrn.ambient_pressure_esd             ? 
_diffrn.ambient_pressure_gt              ? 
_diffrn.ambient_pressure_lt              ? 
_diffrn.ambient_temp_gt                  ? 
_diffrn.ambient_temp_lt                  ? 
_diffrn.pdbx_serial_crystal_experiment   N 
# 
_diffrn_detector.details                      ? 
_diffrn_detector.detector                     PIXEL 
_diffrn_detector.diffrn_id                    1 
_diffrn_detector.type                         'DECTRIS PILATUS 2M' 
_diffrn_detector.area_resol_mean              ? 
_diffrn_detector.dtime                        ? 
_diffrn_detector.pdbx_frames_total            ? 
_diffrn_detector.pdbx_collection_time_total   ? 
_diffrn_detector.pdbx_collection_date         2018-05-11 
_diffrn_detector.pdbx_frequency               ? 
# 
_diffrn_radiation.collimation                      ? 
_diffrn_radiation.diffrn_id                        1 
_diffrn_radiation.filter_edge                      ? 
_diffrn_radiation.inhomogeneity                    ? 
_diffrn_radiation.monochromator                    'double crystal Si(111)' 
_diffrn_radiation.polarisn_norm                    ? 
_diffrn_radiation.polarisn_ratio                   ? 
_diffrn_radiation.probe                            ? 
_diffrn_radiation.type                             ? 
_diffrn_radiation.xray_symbol                      ? 
_diffrn_radiation.wavelength_id                    1 
_diffrn_radiation.pdbx_monochromatic_or_laue_m_l   M 
_diffrn_radiation.pdbx_wavelength_list             ? 
_diffrn_radiation.pdbx_wavelength                  ? 
_diffrn_radiation.pdbx_diffrn_protocol             'SINGLE WAVELENGTH' 
_diffrn_radiation.pdbx_analyzer                    ? 
_diffrn_radiation.pdbx_scattering_type             x-ray 
# 
_diffrn_radiation_wavelength.id           1 
_diffrn_radiation_wavelength.wavelength   1.45 
_diffrn_radiation_wavelength.wt           1.0 
# 
_diffrn_source.current                     ? 
_diffrn_source.details                     ? 
_diffrn_source.diffrn_id                   1 
_diffrn_source.power                       ? 
_diffrn_source.size                        ? 
_diffrn_source.source                      SYNCHROTRON 
_diffrn_source.target                      ? 
_diffrn_source.type                        'LNLS BEAMLINE W01B-MX2' 
_diffrn_source.voltage                     ? 
_diffrn_source.take-off_angle              ? 
_diffrn_source.pdbx_wavelength_list        1.45 
_diffrn_source.pdbx_wavelength             ? 
_diffrn_source.pdbx_synchrotron_beamline   W01B-MX2 
_diffrn_source.pdbx_synchrotron_site       LNLS 
# 
_reflns.B_iso_Wilson_estimate            ? 
_reflns.entry_id                         6VLP 
_reflns.data_reduction_details           ? 
_reflns.data_reduction_method            ? 
_reflns.d_resolution_high                1.681 
_reflns.d_resolution_low                 28.99 
_reflns.details                          ? 
_reflns.limit_h_max                      ? 
_reflns.limit_h_min                      ? 
_reflns.limit_k_max                      ? 
_reflns.limit_k_min                      ? 
_reflns.limit_l_max                      ? 
_reflns.limit_l_min                      ? 
_reflns.number_all                       ? 
_reflns.number_obs                       11170 
_reflns.observed_criterion               ? 
_reflns.observed_criterion_F_max         ? 
_reflns.observed_criterion_F_min         ? 
_reflns.observed_criterion_I_max         ? 
_reflns.observed_criterion_I_min         ? 
_reflns.observed_criterion_sigma_F       ? 
_reflns.observed_criterion_sigma_I       ? 
_reflns.percent_possible_obs             97.44 
_reflns.R_free_details                   ? 
_reflns.Rmerge_F_all                     ? 
_reflns.Rmerge_F_obs                     ? 
_reflns.Friedel_coverage                 ? 
_reflns.number_gt                        ? 
_reflns.threshold_expression             ? 
_reflns.pdbx_redundancy                  2.0 
_reflns.pdbx_Rmerge_I_obs                0.01952 
_reflns.pdbx_Rmerge_I_all                ? 
_reflns.pdbx_Rsym_value                  ? 
_reflns.pdbx_netI_over_av_sigmaI         ? 
_reflns.pdbx_netI_over_sigmaI            21.64 
_reflns.pdbx_res_netI_over_av_sigmaI_2   ? 
_reflns.pdbx_res_netI_over_sigmaI_2      ? 
_reflns.pdbx_chi_squared                 ? 
_reflns.pdbx_scaling_rejects             ? 
_reflns.pdbx_d_res_high_opt              ? 
_reflns.pdbx_d_res_low_opt               ? 
_reflns.pdbx_d_res_opt_method            ? 
_reflns.phase_calculation_details        ? 
_reflns.pdbx_Rrim_I_all                  0.02761 
_reflns.pdbx_Rpim_I_all                  ? 
_reflns.pdbx_d_opt                       ? 
_reflns.pdbx_number_measured_all         ? 
_reflns.pdbx_diffrn_id                   1 
_reflns.pdbx_ordinal                     1 
_reflns.pdbx_CC_half                     1 
_reflns.pdbx_CC_star                     1 
_reflns.pdbx_R_split                     ? 
# 
_reflns_shell.d_res_high                  1.681 
_reflns_shell.d_res_low                   1.741 
_reflns_shell.meanI_over_sigI_all         ? 
_reflns_shell.meanI_over_sigI_obs         ? 
_reflns_shell.number_measured_all         ? 
_reflns_shell.number_measured_obs         ? 
_reflns_shell.number_possible             ? 
_reflns_shell.number_unique_all           ? 
_reflns_shell.number_unique_obs           1011 
_reflns_shell.percent_possible_all        89.62 
_reflns_shell.percent_possible_obs        ? 
_reflns_shell.Rmerge_F_all                ? 
_reflns_shell.Rmerge_F_obs                ? 
_reflns_shell.Rmerge_I_all                ? 
_reflns_shell.Rmerge_I_obs                0.4666 
_reflns_shell.meanI_over_sigI_gt          ? 
_reflns_shell.meanI_over_uI_all           ? 
_reflns_shell.meanI_over_uI_gt            ? 
_reflns_shell.number_measured_gt          ? 
_reflns_shell.number_unique_gt            ? 
_reflns_shell.percent_possible_gt         ? 
_reflns_shell.Rmerge_F_gt                 ? 
_reflns_shell.Rmerge_I_gt                 ? 
_reflns_shell.pdbx_redundancy             2.0 
_reflns_shell.pdbx_Rsym_value             ? 
_reflns_shell.pdbx_chi_squared            ? 
_reflns_shell.pdbx_netI_over_sigmaI_all   ? 
_reflns_shell.pdbx_netI_over_sigmaI_obs   ? 
_reflns_shell.pdbx_Rrim_I_all             0.6599 
_reflns_shell.pdbx_Rpim_I_all             ? 
_reflns_shell.pdbx_rejects                ? 
_reflns_shell.pdbx_ordinal                1 
_reflns_shell.pdbx_diffrn_id              1 
_reflns_shell.pdbx_CC_half                0.629 
_reflns_shell.pdbx_CC_star                ? 
_reflns_shell.pdbx_R_split                ? 
# 
_refine.aniso_B[1][1]                            ? 
_refine.aniso_B[1][2]                            ? 
_refine.aniso_B[1][3]                            ? 
_refine.aniso_B[2][2]                            ? 
_refine.aniso_B[2][3]                            ? 
_refine.aniso_B[3][3]                            ? 
_refine.B_iso_max                                ? 
_refine.B_iso_mean                               32.04 
_refine.B_iso_min                                ? 
_refine.correlation_coeff_Fo_to_Fc               ? 
_refine.correlation_coeff_Fo_to_Fc_free          ? 
_refine.details                                  ? 
_refine.diff_density_max                         ? 
_refine.diff_density_max_esd                     ? 
_refine.diff_density_min                         ? 
_refine.diff_density_min_esd                     ? 
_refine.diff_density_rms                         ? 
_refine.diff_density_rms_esd                     ? 
_refine.entry_id                                 6VLP 
_refine.pdbx_refine_id                           'X-RAY DIFFRACTION' 
_refine.ls_abs_structure_details                 ? 
_refine.ls_abs_structure_Flack                   ? 
_refine.ls_abs_structure_Flack_esd               ? 
_refine.ls_abs_structure_Rogers                  ? 
_refine.ls_abs_structure_Rogers_esd              ? 
_refine.ls_d_res_high                            1.681 
_refine.ls_d_res_low                             28.99 
_refine.ls_extinction_coef                       ? 
_refine.ls_extinction_coef_esd                   ? 
_refine.ls_extinction_expression                 ? 
_refine.ls_extinction_method                     ? 
_refine.ls_goodness_of_fit_all                   ? 
_refine.ls_goodness_of_fit_all_esd               ? 
_refine.ls_goodness_of_fit_obs                   ? 
_refine.ls_goodness_of_fit_obs_esd               ? 
_refine.ls_hydrogen_treatment                    ? 
_refine.ls_matrix_type                           ? 
_refine.ls_number_constraints                    ? 
_refine.ls_number_parameters                     ? 
_refine.ls_number_reflns_all                     ? 
_refine.ls_number_reflns_obs                     11170 
_refine.ls_number_reflns_R_free                  ? 
_refine.ls_number_reflns_R_work                  ? 
_refine.ls_number_restraints                     ? 
_refine.ls_percent_reflns_obs                    97.44 
_refine.ls_percent_reflns_R_free                 ? 
_refine.ls_R_factor_all                          ? 
_refine.ls_R_factor_obs                          ? 
_refine.ls_R_factor_R_free                       0.2092 
_refine.ls_R_factor_R_free_error                 ? 
_refine.ls_R_factor_R_free_error_details         ? 
_refine.ls_R_factor_R_work                       0.1911 
_refine.ls_R_Fsqd_factor_obs                     ? 
_refine.ls_R_I_factor_obs                        ? 
_refine.ls_redundancy_reflns_all                 ? 
_refine.ls_redundancy_reflns_obs                 ? 
_refine.ls_restrained_S_all                      ? 
_refine.ls_restrained_S_obs                      ? 
_refine.ls_shift_over_esd_max                    ? 
_refine.ls_shift_over_esd_mean                   ? 
_refine.ls_structure_factor_coef                 ? 
_refine.ls_weighting_details                     ? 
_refine.ls_weighting_scheme                      ? 
_refine.ls_wR_factor_all                         ? 
_refine.ls_wR_factor_obs                         ? 
_refine.ls_wR_factor_R_free                      ? 
_refine.ls_wR_factor_R_work                      ? 
_refine.occupancy_max                            ? 
_refine.occupancy_min                            ? 
_refine.solvent_model_details                    ? 
_refine.solvent_model_param_bsol                 ? 
_refine.solvent_model_param_ksol                 ? 
_refine.pdbx_R_complete                          ? 
_refine.ls_R_factor_gt                           ? 
_refine.ls_goodness_of_fit_gt                    ? 
_refine.ls_goodness_of_fit_ref                   ? 
_refine.ls_shift_over_su_max                     ? 
_refine.ls_shift_over_su_max_lt                  ? 
_refine.ls_shift_over_su_mean                    ? 
_refine.ls_shift_over_su_mean_lt                 ? 
_refine.pdbx_ls_sigma_I                          ? 
_refine.pdbx_ls_sigma_F                          ? 
_refine.pdbx_ls_sigma_Fsqd                       ? 
_refine.pdbx_data_cutoff_high_absF               ? 
_refine.pdbx_data_cutoff_high_rms_absF           ? 
_refine.pdbx_data_cutoff_low_absF                ? 
_refine.pdbx_isotropic_thermal_model             ? 
_refine.pdbx_ls_cross_valid_method               'FREE R-VALUE' 
_refine.pdbx_method_to_determine_struct          'MOLECULAR REPLACEMENT' 
_refine.pdbx_starting_model                      'PDB entry 4TX4' 
_refine.pdbx_stereochemistry_target_values       ? 
_refine.pdbx_R_Free_selection_details            ? 
_refine.pdbx_stereochem_target_val_spec_case     ? 
_refine.pdbx_overall_ESU_R                       ? 
_refine.pdbx_overall_ESU_R_Free                  ? 
_refine.pdbx_solvent_vdw_probe_radii             ? 
_refine.pdbx_solvent_ion_probe_radii             ? 
_refine.pdbx_solvent_shrinkage_radii             ? 
_refine.pdbx_real_space_R                        ? 
_refine.pdbx_density_correlation                 ? 
_refine.pdbx_pd_number_of_powder_patterns        ? 
_refine.pdbx_pd_number_of_points                 ? 
_refine.pdbx_pd_meas_number_of_points            ? 
_refine.pdbx_pd_proc_ls_prof_R_factor            ? 
_refine.pdbx_pd_proc_ls_prof_wR_factor           ? 
_refine.pdbx_pd_Marquardt_correlation_coeff      ? 
_refine.pdbx_pd_Fsqrd_R_factor                   ? 
_refine.pdbx_pd_ls_matrix_band_width             ? 
_refine.pdbx_overall_phase_error                 ? 
_refine.pdbx_overall_SU_R_free_Cruickshank_DPI   ? 
_refine.pdbx_overall_SU_R_free_Blow_DPI          ? 
_refine.pdbx_overall_SU_R_Blow_DPI               ? 
_refine.pdbx_TLS_residual_ADP_flag               ? 
_refine.pdbx_diffrn_id                           1 
_refine.overall_SU_B                             ? 
_refine.overall_SU_ML                            ? 
_refine.overall_SU_R_Cruickshank_DPI             ? 
_refine.overall_SU_R_free                        ? 
_refine.overall_FOM_free_R_set                   ? 
_refine.overall_FOM_work_R_set                   ? 
_refine.pdbx_average_fsc_overall                 ? 
_refine.pdbx_average_fsc_work                    ? 
_refine.pdbx_average_fsc_free                    ? 
# 
_refine_hist.pdbx_refine_id                   'X-RAY DIFFRACTION' 
_refine_hist.cycle_id                         LAST 
_refine_hist.pdbx_number_atoms_protein        643 
_refine_hist.pdbx_number_atoms_nucleic_acid   0 
_refine_hist.pdbx_number_atoms_ligand         26 
_refine_hist.number_atoms_solvent             70 
_refine_hist.number_atoms_total               739 
_refine_hist.d_res_high                       1.681 
_refine_hist.d_res_low                        28.99 
# 
loop_
_refine_ls_restr.pdbx_refine_id 
_refine_ls_restr.criterion 
_refine_ls_restr.dev_ideal 
_refine_ls_restr.dev_ideal_target 
_refine_ls_restr.number 
_refine_ls_restr.rejects 
_refine_ls_restr.type 
_refine_ls_restr.weight 
_refine_ls_restr.pdbx_restraint_function 
'X-RAY DIFFRACTION' ? 0.0074  ? 682 ? f_bond_d           ? ? 
'X-RAY DIFFRACTION' ? 0.9522  ? 922 ? f_angle_d          ? ? 
'X-RAY DIFFRACTION' ? 0.0624  ? 99  ? f_chiral_restr     ? ? 
'X-RAY DIFFRACTION' ? 0.0059  ? 114 ? f_plane_restr      ? ? 
'X-RAY DIFFRACTION' ? 14.8137 ? 408 ? f_dihedral_angle_d ? ? 
# 
_struct.entry_id                     6VLP 
_struct.title                        'Hop phytocystatin in space group C2221' 
_struct.pdbx_model_details           ? 
_struct.pdbx_formula_weight          ? 
_struct.pdbx_formula_weight_method   ? 
_struct.pdbx_model_type_details      ? 
_struct.pdbx_CASP_flag               N 
# 
_struct_keywords.entry_id        6VLP 
_struct_keywords.text            'cystatin, domain-swap, inhibitor, hop, PROTEIN BINDING' 
_struct_keywords.pdbx_keywords   'PROTEIN BINDING' 
# 
loop_
_struct_asym.id 
_struct_asym.pdbx_blank_PDB_chainid_flag 
_struct_asym.pdbx_modified 
_struct_asym.entity_id 
_struct_asym.details 
A N N 1 ? 
B N N 2 ? 
C N N 3 ? 
D N N 3 ? 
E N N 3 ? 
F N N 4 ? 
# 
loop_
_struct_conf.conf_type_id 
_struct_conf.id 
_struct_conf.pdbx_PDB_helix_id 
_struct_conf.beg_label_comp_id 
_struct_conf.beg_label_asym_id 
_struct_conf.beg_label_seq_id 
_struct_conf.pdbx_beg_PDB_ins_code 
_struct_conf.end_label_comp_id 
_struct_conf.end_label_asym_id 
_struct_conf.end_label_seq_id 
_struct_conf.pdbx_end_PDB_ins_code 
_struct_conf.beg_auth_comp_id 
_struct_conf.beg_auth_asym_id 
_struct_conf.beg_auth_seq_id 
_struct_conf.end_auth_comp_id 
_struct_conf.end_auth_asym_id 
_struct_conf.end_auth_seq_id 
_struct_conf.pdbx_PDB_helix_class 
_struct_conf.details 
_struct_conf.pdbx_PDB_helix_length 
HELX_P HELX_P1 AA1 GLU A 18 ? ASN A 35 ? GLU A 18 ASN A 35 1 ? 18 
HELX_P HELX_P2 AA2 PRO A 79 ? ASN A 82 ? PRO A 79 ASN A 82 5 ? 4  
# 
_struct_conf_type.id          HELX_P 
_struct_conf_type.criteria    ? 
_struct_conf_type.reference   ? 
# 
_struct_sheet.id               AA1 
_struct_sheet.type             ? 
_struct_sheet.number_strands   3 
_struct_sheet.details          ? 
# 
loop_
_struct_sheet_order.sheet_id 
_struct_sheet_order.range_id_1 
_struct_sheet_order.range_id_2 
_struct_sheet_order.offset 
_struct_sheet_order.sense 
AA1 1 2 ? anti-parallel 
AA1 2 3 ? anti-parallel 
# 
loop_
_struct_sheet_range.sheet_id 
_struct_sheet_range.id 
_struct_sheet_range.beg_label_comp_id 
_struct_sheet_range.beg_label_asym_id 
_struct_sheet_range.beg_label_seq_id 
_struct_sheet_range.pdbx_beg_PDB_ins_code 
_struct_sheet_range.end_label_comp_id 
_struct_sheet_range.end_label_asym_id 
_struct_sheet_range.end_label_seq_id 
_struct_sheet_range.pdbx_end_PDB_ins_code 
_struct_sheet_range.beg_auth_comp_id 
_struct_sheet_range.beg_auth_asym_id 
_struct_sheet_range.beg_auth_seq_id 
_struct_sheet_range.end_auth_comp_id 
_struct_sheet_range.end_auth_asym_id 
_struct_sheet_range.end_auth_seq_id 
AA1 1 THR A 54 ? ASP A 64 ? THR A 54 ASP A 64 
AA1 2 LYS A 67 ? LYS A 78 ? LYS A 67 LYS A 78 
AA1 3 PHE A 83 ? ASP A 94 ? PHE A 83 ASP A 94 
# 
loop_
_pdbx_struct_sheet_hbond.sheet_id 
_pdbx_struct_sheet_hbond.range_id_1 
_pdbx_struct_sheet_hbond.range_id_2 
_pdbx_struct_sheet_hbond.range_1_label_atom_id 
_pdbx_struct_sheet_hbond.range_1_label_comp_id 
_pdbx_struct_sheet_hbond.range_1_label_asym_id 
_pdbx_struct_sheet_hbond.range_1_label_seq_id 
_pdbx_struct_sheet_hbond.range_1_PDB_ins_code 
_pdbx_struct_sheet_hbond.range_1_auth_atom_id 
_pdbx_struct_sheet_hbond.range_1_auth_comp_id 
_pdbx_struct_sheet_hbond.range_1_auth_asym_id 
_pdbx_struct_sheet_hbond.range_1_auth_seq_id 
_pdbx_struct_sheet_hbond.range_2_label_atom_id 
_pdbx_struct_sheet_hbond.range_2_label_comp_id 
_pdbx_struct_sheet_hbond.range_2_label_asym_id 
_pdbx_struct_sheet_hbond.range_2_label_seq_id 
_pdbx_struct_sheet_hbond.range_2_PDB_ins_code 
_pdbx_struct_sheet_hbond.range_2_auth_atom_id 
_pdbx_struct_sheet_hbond.range_2_auth_comp_id 
_pdbx_struct_sheet_hbond.range_2_auth_asym_id 
_pdbx_struct_sheet_hbond.range_2_auth_seq_id 
AA1 1 2 N ILE A 58 ? N ILE A 58 O ALA A 73 ? O ALA A 73 
AA1 2 3 N VAL A 70 ? N VAL A 70 O GLY A 93 ? O GLY A 93 
# 
loop_
_struct_site.id 
_struct_site.pdbx_evidence_code 
_struct_site.pdbx_auth_asym_id 
_struct_site.pdbx_auth_comp_id 
_struct_site.pdbx_auth_seq_id 
_struct_site.pdbx_auth_ins_code 
_struct_site.pdbx_num_residues 
_struct_site.details 
AC1 Software A TAM 201 ? 6 'binding site for residue TAM A 201' 
AC2 Software A SO4 202 ? 4 'binding site for residue SO4 A 202' 
AC3 Software A SO4 203 ? 4 'binding site for residue SO4 A 203' 
AC4 Software A SO4 204 ? 4 'binding site for residue SO4 A 204' 
# 
loop_
_struct_site_gen.id 
_struct_site_gen.site_id 
_struct_site_gen.pdbx_num_res 
_struct_site_gen.label_comp_id 
_struct_site_gen.label_asym_id 
_struct_site_gen.label_seq_id 
_struct_site_gen.pdbx_auth_ins_code 
_struct_site_gen.auth_comp_id 
_struct_site_gen.auth_asym_id 
_struct_site_gen.auth_seq_id 
_struct_site_gen.label_atom_id 
_struct_site_gen.label_alt_id 
_struct_site_gen.symmetry 
_struct_site_gen.details 
1  AC1 6 HIS A 30 ? HIS A 30  . ? 3_554 ? 
2  AC1 6 LYS A 33 ? LYS A 33  . ? 3_554 ? 
3  AC1 6 GLN A 87 ? GLN A 87  . ? 1_555 ? 
4  AC1 6 PHE A 89 ? PHE A 89  . ? 1_555 ? 
5  AC1 6 HOH F .  ? HOH A 302 . ? 1_555 ? 
6  AC1 6 HOH F .  ? HOH A 344 . ? 1_555 ? 
7  AC2 4 TRP A 76 ? TRP A 76  . ? 3_554 ? 
8  AC2 4 TRP A 76 ? TRP A 76  . ? 1_555 ? 
9  AC2 4 GLN A 87 ? GLN A 87  . ? 1_555 ? 
10 AC2 4 GLN A 87 ? GLN A 87  . ? 3_554 ? 
11 AC3 4 GLU A 18 ? GLU A 18  . ? 3_554 ? 
12 AC3 4 ILE A 19 ? ILE A 19  . ? 3_554 ? 
13 AC3 4 TYR A 56 ? TYR A 56  . ? 1_555 ? 
14 AC3 4 GLU A 77 ? GLU A 77  . ? 1_555 ? 
15 AC4 4 TYR A 25 ? TYR A 25  . ? 3_554 ? 
16 AC4 4 GLU A 29 ? GLU A 29  . ? 3_554 ? 
17 AC4 4 GLU A 85 ? GLU A 85  . ? 1_555 ? 
18 AC4 4 LEU A 86 ? LEU A 86  . ? 1_555 ? 
# 
_atom_sites.entry_id                    6VLP 
_atom_sites.Cartn_transf_matrix[1][1]   ? 
_atom_sites.Cartn_transf_matrix[1][2]   ? 
_atom_sites.Cartn_transf_matrix[1][3]   ? 
_atom_sites.Cartn_transf_matrix[2][1]   ? 
_atom_sites.Cartn_transf_matrix[2][2]   ? 
_atom_sites.Cartn_transf_matrix[2][3]   ? 
_atom_sites.Cartn_transf_matrix[3][1]   ? 
_atom_sites.Cartn_transf_matrix[3][2]   ? 
_atom_sites.Cartn_transf_matrix[3][3]   ? 
_atom_sites.Cartn_transf_vector[1]      ? 
_atom_sites.Cartn_transf_vector[2]      ? 
_atom_sites.Cartn_transf_vector[3]      ? 
_atom_sites.fract_transf_matrix[1][1]   0.00096478 
_atom_sites.fract_transf_matrix[1][2]   -0.00154698 
_atom_sites.fract_transf_matrix[1][3]   -0.02343017 
_atom_sites.fract_transf_matrix[2][1]   -0.01311416 
_atom_sites.fract_transf_matrix[2][2]   -0.00881771 
_atom_sites.fract_transf_matrix[2][3]   0.00004219 
_atom_sites.fract_transf_matrix[3][1]   -0.00768764 
_atom_sites.fract_transf_matrix[3][2]   0.01142834 
_atom_sites.fract_transf_matrix[3][3]   -0.00107111 
_atom_sites.fract_transf_vector[1]      -0.011238 
_atom_sites.fract_transf_vector[2]      0.012458 
_atom_sites.fract_transf_vector[3]      -0.275857 
_atom_sites.solution_primary            ? 
_atom_sites.solution_secondary          ? 
_atom_sites.solution_hydrogens          ? 
_atom_sites.special_details             ? 
# 
loop_
_atom_type.symbol 
C 
N 
O 
S 
# 
loop_
_atom_site.group_PDB 
_atom_site.id 
_atom_site.type_symbol 
_atom_site.label_atom_id 
_atom_site.label_alt_id 
_atom_site.label_comp_id 
_atom_site.label_asym_id 
_atom_site.label_entity_id 
_atom_site.label_seq_id 
_atom_site.pdbx_PDB_ins_code 
_atom_site.Cartn_x 
_atom_site.Cartn_y 
_atom_site.Cartn_z 
_atom_site.occupancy 
_atom_site.B_iso_or_equiv 
_atom_site.pdbx_formal_charge 
_atom_site.auth_seq_id 
_atom_site.auth_comp_id 
_atom_site.auth_asym_id 
_atom_site.auth_atom_id 
_atom_site.pdbx_PDB_model_num 
ATOM   1   N N   . GLU A 1 18 ? 6.62144   9.12149   -21.70519 1.000 59.73085  ?  18  GLU A N   1 
ATOM   2   C CA  . GLU A 1 18 ? 6.74038   9.66253   -20.35887 1.000 54.50654  ?  18  GLU A CA  1 
ATOM   3   C C   . GLU A 1 18 ? 5.55271   9.21054   -19.53338 1.000 55.20136  ?  18  GLU A C   1 
ATOM   4   O O   . GLU A 1 18 ? 5.46874   8.05237   -19.12536 1.000 58.97549  ?  18  GLU A O   1 
ATOM   5   C CB  . GLU A 1 18 ? 6.81461   11.19552  -20.37377 1.000 46.64507  ?  18  GLU A CB  1 
ATOM   6   N N   . ILE A 1 19 ? 4.61461   10.13186  -19.31187 1.000 43.26835  ?  19  ILE A N   1 
ATOM   7   C CA  . ILE A 1 19 ? 3.49802   9.82893   -18.42510 1.000 26.92954  ?  19  ILE A CA  1 
ATOM   8   C C   . ILE A 1 19 ? 2.52110   8.85570   -19.07610 1.000 28.83240  ?  19  ILE A C   1 
ATOM   9   O O   . ILE A 1 19 ? 1.86798   8.06688   -18.38090 1.000 26.02417  ?  19  ILE A O   1 
ATOM   10  C CB  . ILE A 1 19 ? 2.79502   11.12562  -18.00104 1.000 27.23221  ?  19  ILE A CB  1 
ATOM   11  C CG1 . ILE A 1 19 ? 3.82547   12.10307  -17.43136 1.000 44.67115  ?  19  ILE A CG1 1 
ATOM   12  C CG2 . ILE A 1 19 ? 1.74795   10.82940  -16.94835 1.000 27.80070  ?  19  ILE A CG2 1 
ATOM   13  C CD1 . ILE A 1 19 ? 4.75300   11.48663  -16.40060 1.000 49.77702  ?  19  ILE A CD1 1 
ATOM   14  N N   . GLU A 1 20 ? 2.40865   8.87680   -20.40411 1.000 30.56682  ?  20  GLU A N   1 
ATOM   15  C CA  . GLU A 1 20 ? 1.43932   7.99978   -21.06316 1.000 24.82929  ?  20  GLU A CA  1 
ATOM   16  C C   . GLU A 1 20 ? 1.73093   6.53527   -20.75084 1.000 24.47136  ?  20  GLU A C   1 
ATOM   17  O O   . GLU A 1 20 ? 0.80744   5.73206   -20.57736 1.000 28.16127  ?  20  GLU A O   1 
ATOM   18  C CB  . GLU A 1 20 ? 1.45057   8.26258   -22.57054 1.000 23.68179  ?  20  GLU A CB  1 
ATOM   19  C CG  . GLU A 1 20 ? 0.58910   7.30507   -23.37931 1.000 27.06377  ?  20  GLU A CG  1 
ATOM   20  C CD  . GLU A 1 20 ? 0.73520   7.51075   -24.87737 1.000 33.76194  ?  20  GLU A CD  1 
ATOM   21  O OE1 . GLU A 1 20 ? 1.51356   8.39248   -25.28669 1.000 39.80214  ?  20  GLU A OE1 1 
ATOM   22  O OE2 . GLU A 1 20 ? 0.08220   6.78458   -25.65572 1.000 30.60367  ?  20  GLU A OE2 1 
ATOM   23  N N   . SER A 1 21 ? 3.00743   6.17861   -20.63963 1.000 26.20314  ?  21  SER A N   1 
ATOM   24  C CA  . SER A 1 21 ? 3.36804   4.80875   -20.30263 1.000 31.12742  ?  21  SER A CA  1 
ATOM   25  C C   . SER A 1 21 ? 2.83955   4.42744   -18.92708 1.000 29.42195  ?  21  SER A C   1 
ATOM   26  O O   . SER A 1 21 ? 2.32046   3.32213   -18.74007 1.000 27.77701  ?  21  SER A O   1 
ATOM   27  C CB  . SER A 1 21 ? 4.88280   4.63994   -20.36151 1.000 40.96544  ?  21  SER A CB  1 
ATOM   28  O OG  . SER A 1 21 ? 5.54000   5.79048   -19.85775 1.000 54.64603  ?  21  SER A OG  1 
ATOM   29  N N   . LEU A 1 22 ? 2.95514   5.33729   -17.95530 1.000 25.62149  ?  22  LEU A N   1 
ATOM   30  C CA  . LEU A 1 22 ? 2.42983   5.06935   -16.61820 1.000 23.64494  ?  22  LEU A CA  1 
ATOM   31  C C   . LEU A 1 22 ? 0.91604   4.99984   -16.61978 1.000 24.36871  ?  22  LEU A C   1 
ATOM   32  O O   . LEU A 1 22 ? 0.33565   4.22145   -15.85807 1.000 22.28425  ?  22  LEU A O   1 
ATOM   33  C CB  . LEU A 1 22 ? 2.90486   6.14363   -15.63345 1.000 22.76062  ?  22  LEU A CB  1 
ATOM   34  C CG  . LEU A 1 22 ? 4.41076   6.20272   -15.38978 1.000 27.21905  ?  22  LEU A CG  1 
ATOM   35  C CD1 . LEU A 1 22 ? 4.74374   7.24487   -14.33453 1.000 32.61970  ?  22  LEU A CD1 1 
ATOM   36  C CD2 . LEU A 1 22 ? 4.91396   4.81828   -14.98076 1.000 32.25650  ?  22  LEU A CD2 1 
ATOM   37  N N   . ALA A 1 23 ? 0.25762   5.78862   -17.47230 1.000 21.10779  ?  23  ALA A N   1 
ATOM   38  C CA  . ALA A 1 23 ? -1.19970  5.72077   -17.55190 1.000 22.37110  ?  23  ALA A CA  1 
ATOM   39  C C   . ALA A 1 23 ? -1.65719  4.40533   -18.16594 1.000 24.22133  ?  23  ALA A C   1 
ATOM   40  O O   . ALA A 1 23 ? -2.61968  3.79237   -17.69468 1.000 20.82355  ?  23  ALA A O   1 
ATOM   41  C CB  . ALA A 1 23 ? -1.73855  6.90006   -18.35908 1.000 22.59218  ?  23  ALA A CB  1 
ATOM   42  N N   . ARG A 1 24 ? -0.99153  3.96403   -19.22977 1.000 20.63142  ?  24  ARG A N   1 
ATOM   43  C CA  . ARG A 1 24 ? -1.32548  2.66395   -19.80563 1.000 21.16833  ?  24  ARG A CA  1 
ATOM   44  C C   . ARG A 1 24 ? -1.06666  1.54720   -18.81050 1.000 24.94246  ?  24  ARG A C   1 
ATOM   45  O O   . ARG A 1 24 ? -1.85921  0.60628   -18.69876 1.000 26.84796  ?  24  ARG A O   1 
ATOM   46  C CB  . ARG A 1 24 ? -0.52963  2.42587   -21.08013 1.000 25.42147  ?  24  ARG A CB  1 
ATOM   47  C CG  . ARG A 1 24 ? -0.98925  3.25262   -22.24493 1.000 23.58441  ?  24  ARG A CG  1 
ATOM   48  C CD  . ARG A 1 24 ? -0.18145  2.94498   -23.48325 1.000 24.40819  ?  24  ARG A CD  1 
ATOM   49  N NE  . ARG A 1 24 ? -0.52574  3.90005   -24.53242 1.000 29.44037  ?  24  ARG A NE  1 
ATOM   50  C CZ  . ARG A 1 24 ? -1.58665  3.78230   -25.31959 1.000 28.64028  ?  24  ARG A CZ  1 
ATOM   51  N NH1 . ARG A 1 24 ? -2.37802  2.71778   -25.20667 1.000 25.96364  ?  24  ARG A NH1 1 
ATOM   52  N NH2 . ARG A 1 24 ? -1.84889  4.71098   -26.23324 1.000 28.15864  ?  24  ARG A NH2 1 
ATOM   53  N N   . TYR A 1 25 ? 0.04582   1.62737   -18.08492 1.000 25.75572  ?  25  TYR A N   1 
ATOM   54  C CA  . TYR A 1 25 ? 0.28708   0.64989   -17.03852 1.000 22.53165  ?  25  TYR A CA  1 
ATOM   55  C C   . TYR A 1 25 ? -0.84488  0.66078   -16.02064 1.000 26.95060  ?  25  TYR A C   1 
ATOM   56  O O   . TYR A 1 25 ? -1.31093  -0.39854  -15.58172 1.000 24.07920  ?  25  TYR A O   1 
ATOM   57  C CB  . TYR A 1 25 ? 1.63070   0.93263   -16.37798 1.000 22.05791  ?  25  TYR A CB  1 
ATOM   58  C CG  . TYR A 1 25 ? 1.81808   0.25164   -15.05748 1.000 24.74770  ?  25  TYR A CG  1 
ATOM   59  C CD1 . TYR A 1 25 ? 2.14452   -1.08655  -14.97574 1.000 24.48451  ?  25  TYR A CD1 1 
ATOM   60  C CD2 . TYR A 1 25 ? 1.68279   0.96390   -13.87736 1.000 28.39025  ?  25  TYR A CD2 1 
ATOM   61  C CE1 . TYR A 1 25 ? 2.31994   -1.70360  -13.75123 1.000 27.57699  ?  25  TYR A CE1 1 
ATOM   62  C CE2 . TYR A 1 25 ? 1.84322   0.35654   -12.66113 1.000 28.38235  ?  25  TYR A CE2 1 
ATOM   63  C CZ  . TYR A 1 25 ? 2.16367   -0.96924  -12.59751 1.000 30.62736  ?  25  TYR A CZ  1 
ATOM   64  O OH  . TYR A 1 25 ? 2.32649   -1.55677  -11.36745 1.000 33.86985  ?  25  TYR A OH  1 
ATOM   65  N N   . ALA A 1 26 ? -1.29422  1.85250   -15.62233 1.000 23.64757  ?  26  ALA A N   1 
ATOM   66  C CA  . ALA A 1 26 ? -2.34894  1.93843   -14.61625 1.000 20.18400  ?  26  ALA A CA  1 
ATOM   67  C C   . ALA A 1 26 ? -3.61738  1.27044   -15.11586 1.000 19.44970  ?  26  ALA A C   1 
ATOM   68  O O   . ALA A 1 26 ? -4.25531  0.50037   -14.39418 1.000 20.64195  ?  26  ALA A O   1 
ATOM   69  C CB  . ALA A 1 26 ? -2.63169  3.39295   -14.26053 1.000 20.94198  ?  26  ALA A CB  1 
ATOM   70  N N   . VAL A 1 27 ? -4.00534  1.57451   -16.34852 1.000 20.22085  ?  27  VAL A N   1 
ATOM   71  C CA  . VAL A 1 27 ? -5.19908  0.95641   -16.91655 1.000 18.25482  ?  27  VAL A CA  1 
ATOM   72  C C   . VAL A 1 27 ? -5.00239  -0.54639  -17.02789 1.000 23.00013  ?  27  VAL A C   1 
ATOM   73  O O   . VAL A 1 27 ? -5.90238  -1.32828  -16.70539 1.000 25.13459  ?  27  VAL A O   1 
ATOM   74  C CB  . VAL A 1 27 ? -5.52305  1.58581   -18.28440 1.000 21.46047  ?  27  VAL A CB  1 
ATOM   75  C CG1 . VAL A 1 27 ? -6.61125  0.79748   -19.00134 1.000 21.92631  ?  27  VAL A CG1 1 
ATOM   76  C CG2 . VAL A 1 27 ? -5.93460  3.03222   -18.08391 1.000 19.52076  ?  27  VAL A CG2 1 
ATOM   77  N N   . ASP A 1 28 ? -3.82551  -0.96565  -17.51444 1.000 23.32385  ?  28  ASP A N   1 
ATOM   78  C CA  . ASP A 1 28 ? -3.52333  -2.38886  -17.64976 1.000 26.79532  ?  28  ASP A CA  1 
ATOM   79  C C   . ASP A 1 28 ? -3.64519  -3.09550  -16.30519 1.000 29.91411  ?  28  ASP A C   1 
ATOM   80  O O   . ASP A 1 28 ? -4.25324  -4.16932  -16.21420 1.000 28.59027  ?  28  ASP A O   1 
ATOM   81  C CB  . ASP A 1 28 ? -2.11210  -2.60506  -18.21931 1.000 28.99821  ?  28  ASP A CB  1 
ATOM   82  C CG  . ASP A 1 28 ? -1.97198  -2.22021  -19.71038 1.000 42.46035  ?  28  ASP A CG  1 
ATOM   83  O OD1 . ASP A 1 28 ? -3.00330  -2.08054  -20.42707 1.000 39.79951  ?  28  ASP A OD1 1 
ATOM   84  O OD2 . ASP A 1 28 ? -0.79302  -2.06889  -20.16030 1.000 34.53309  ?  28  ASP A OD2 1 
ATOM   85  N N   . GLU A 1 29 ? -3.05530  -2.51249  -15.24717 1.000 25.67939  ?  29  GLU A N   1 
ATOM   86  C CA  . GLU A 1 29 ? -3.10682  -3.14285  -13.92881 1.000 27.83755  ?  29  GLU A CA  1 
ATOM   87  C C   . GLU A 1 29 ? -4.52380  -3.16557  -13.39087 1.000 27.09535  ?  29  GLU A C   1 
ATOM   88  O O   . GLU A 1 29 ? -4.94986  -4.15272  -12.77853 1.000 30.19836  ?  29  GLU A O   1 
ATOM   89  C CB  . GLU A 1 29 ? -2.19523  -2.41134  -12.93755 1.000 30.23520  ?  29  GLU A CB  1 
ATOM   90  C CG  . GLU A 1 29 ? -0.76412  -2.76078  -13.07221 1.000 31.69591  ?  29  GLU A CG  1 
ATOM   91  C CD  . GLU A 1 29 ? -0.50873  -4.22912  -12.83736 1.000 38.05983  ?  29  GLU A CD  1 
ATOM   92  O OE1 . GLU A 1 29 ? -0.82210  -4.73456  -11.73764 1.000 46.50031  ?  29  GLU A OE1 1 
ATOM   93  O OE2 . GLU A 1 29 ? -0.00223  -4.89540  -13.75347 1.000 35.49373  -1 29  GLU A OE2 1 
ATOM   94  N N   . HIS A 1 30 ? -5.25950  -2.07958  -13.60019 1.000 27.68227  ?  30  HIS A N   1 
ATOM   95  C CA  . HIS A 1 30 ? -6.65158  -2.04493  -13.18336 1.000 24.81877  ?  30  HIS A CA  1 
ATOM   96  C C   . HIS A 1 30 ? -7.44573  -3.11652  -13.91262 1.000 21.67628  ?  30  HIS A C   1 
ATOM   97  O O   . HIS A 1 30 ? -8.19239  -3.87948  -13.28917 1.000 29.02980  ?  30  HIS A O   1 
ATOM   98  C CB  . HIS A 1 30 ? -7.23610  -0.65531  -13.44362 1.000 26.71636  ?  30  HIS A CB  1 
ATOM   99  C CG  . HIS A 1 30 ? -8.60499  -0.47164  -12.88020 1.000 25.20565  ?  30  HIS A CG  1 
ATOM   100 N ND1 . HIS A 1 30 ? -8.85328  -0.48121  -11.52268 1.000 27.16115  ?  30  HIS A ND1 1 
ATOM   101 C CD2 . HIS A 1 30 ? -9.80554  -0.29482  -13.48194 1.000 27.60857  ?  30  HIS A CD2 1 
ATOM   102 C CE1 . HIS A 1 30 ? -10.14657 -0.31130  -11.31332 1.000 29.93254  ?  30  HIS A CE1 1 
ATOM   103 N NE2 . HIS A 1 30 ? -10.74638 -0.19370  -12.48622 1.000 30.39049  ?  30  HIS A NE2 1 
ATOM   104 N N   . ASN A 1 31 ? -7.25545  -3.22124  -15.23490 1.000 26.61898  ?  31  ASN A N   1 
ATOM   105 C CA  . ASN A 1 31 ? -7.96909  -4.23357  -16.01291 1.000 25.03721  ?  31  ASN A CA  1 
ATOM   106 C C   . ASN A 1 31 ? -7.62843  -5.63945  -15.54296 1.000 32.13280  ?  31  ASN A C   1 
ATOM   107 O O   . ASN A 1 31 ? -8.51996  -6.48857  -15.40525 1.000 33.03817  ?  31  ASN A O   1 
ATOM   108 C CB  . ASN A 1 31 ? -7.64109  -4.08690  -17.49857 1.000 27.97967  ?  31  ASN A CB  1 
ATOM   109 C CG  . ASN A 1 31 ? -8.41115  -2.96273  -18.16319 1.000 26.53739  ?  31  ASN A CG  1 
ATOM   110 O OD1 . ASN A 1 31 ? -9.46138  -2.54187  -17.67855 1.000 25.96101  ?  31  ASN A OD1 1 
ATOM   111 N ND2 . ASN A 1 31 ? -7.89085  -2.47484  -19.28432 1.000 23.92655  ?  31  ASN A ND2 1 
ATOM   112 N N   . LYS A 1 32 ? -6.34068  -5.90467  -15.29790 1.000 29.35878  ?  32  LYS A N   1 
ATOM   113 C CA  . LYS A 1 32 ? -5.90976  -7.21899  -14.83429 1.000 37.57029  ?  32  LYS A CA  1 
ATOM   114 C C   . LYS A 1 32 ? -6.52883  -7.57325  -13.48733 1.000 29.43248  ?  32  LYS A C   1 
ATOM   115 O O   . LYS A 1 32 ? -6.80058  -8.75209  -13.21607 1.000 34.08567  ?  32  LYS A O   1 
ATOM   116 C CB  . LYS A 1 32 ? -4.38135  -7.25324  -14.74202 1.000 39.27839  ?  32  LYS A CB  1 
ATOM   117 C CG  . LYS A 1 32 ? -3.74612  -8.57625  -15.14105 1.000 48.13209  ?  32  LYS A CG  1 
ATOM   118 C CD  . LYS A 1 32 ? -2.37987  -8.77524  -14.48188 1.000 47.89522  ?  32  LYS A CD  1 
ATOM   119 C CE  . LYS A 1 32 ? -1.54664  -7.49641  -14.47884 1.000 49.11905  ?  32  LYS A CE  1 
ATOM   120 N NZ  . LYS A 1 32 ? -0.08783  -7.79211  -14.62593 1.000 53.45115  ?  32  LYS A NZ  1 
ATOM   121 N N   . LYS A 1 33 ? -6.77111  -6.57264  -12.64159 1.000 35.11474  ?  33  LYS A N   1 
ATOM   122 C CA  . LYS A 1 33 ? -7.31886  -6.82518  -11.31446 1.000 35.32792  ?  33  LYS A CA  1 
ATOM   123 C C   . LYS A 1 33 ? -8.74105  -7.35562  -11.38413 1.000 41.37338  ?  33  LYS A C   1 
ATOM   124 O O   . LYS A 1 33 ? -9.08612  -8.31587  -10.69200 1.000 44.37374  ?  33  LYS A O   1 
ATOM   125 C CB  . LYS A 1 33 ? -7.27855  -5.55128  -10.47112 1.000 50.88505  ?  33  LYS A CB  1 
ATOM   126 C CG  . LYS A 1 33 ? -8.21920  -5.58022  -9.25215  1.000 57.22002  ?  33  LYS A CG  1 
ATOM   127 C CD  . LYS A 1 33 ? -8.93069  -4.23612  -9.04822  1.000 57.60691  ?  33  LYS A CD  1 
ATOM   128 C CE  . LYS A 1 33 ? -9.64863  -4.15659  -7.70288  1.000 62.26536  ?  33  LYS A CE  1 
ATOM   129 N NZ  . LYS A 1 33 ? -10.32149 -2.83425  -7.53103  1.000 59.57030  ?  33  LYS A NZ  1 
ATOM   130 N N   . GLN A 1 34 ? -9.59733  -6.72396  -12.18328 1.000 39.13364  ?  34  GLN A N   1 
ATOM   131 C CA  . GLN A 1 34 ? -11.01558 -7.06091  -12.16426 1.000 39.84688  ?  34  GLN A CA  1 
ATOM   132 C C   . GLN A 1 34 ? -11.49755 -7.66763  -13.47606 1.000 33.34610  ?  34  GLN A C   1 
ATOM   133 O O   . GLN A 1 34 ? -12.70299 -7.90076  -13.63167 1.000 35.18580  ?  34  GLN A O   1 
ATOM   134 C CB  . GLN A 1 34 ? -11.84059 -5.81971  -11.81779 1.000 39.28103  ?  34  GLN A CB  1 
ATOM   135 C CG  . GLN A 1 34 ? -11.55264 -4.63930  -12.71738 1.000 40.59697  ?  34  GLN A CG  1 
ATOM   136 C CD  . GLN A 1 34 ? -12.40618 -3.43271  -12.36779 1.000 40.27588  ?  34  GLN A CD  1 
ATOM   137 O OE1 . GLN A 1 34 ? -13.03789 -3.39143  -11.31427 1.000 48.32158  ?  34  GLN A OE1 1 
ATOM   138 N NE2 . GLN A 1 34 ? -12.44303 -2.45562  -13.26031 1.000 37.25973  ?  34  GLN A NE2 1 
ATOM   139 N N   . ASN A 1 35 ? -10.58701 -7.93130  -14.41516 1.000 33.29347  ?  35  ASN A N   1 
ATOM   140 C CA  . ASN A 1 35 ? -10.93193 -8.49273  -15.72430 1.000 34.19357  ?  35  ASN A CA  1 
ATOM   141 C C   . ASN A 1 35 ? -11.83620 -7.54952  -16.51791 1.000 31.09057  ?  35  ASN A C   1 
ATOM   142 O O   . ASN A 1 35 ? -12.74026 -7.98446  -17.23656 1.000 30.94582  ?  35  ASN A O   1 
ATOM   143 C CB  . ASN A 1 35 ? -11.57370 -9.87818  -15.58202 1.000 37.38869  ?  35  ASN A CB  1 
ATOM   144 C CG  . ASN A 1 35 ? -10.56637 -10.94439 -15.20234 1.000 36.85442  ?  35  ASN A CG  1 
ATOM   145 O OD1 . ASN A 1 35 ? -9.36091  -10.74686 -15.36234 1.000 40.24956  ?  35  ASN A OD1 1 
ATOM   146 N ND2 . ASN A 1 35 ? -11.05106 -12.08142 -14.69787 1.000 39.52579  ?  35  ASN A ND2 1 
ATOM   147 N N   . SER A 1 36 ? -11.58777 -6.24992  -16.40391 1.000 30.64052  ?  36  SER A N   1 
ATOM   148 C CA  . SER A 1 36 ? -12.26973 -5.28454  -17.25402 1.000 28.96137  ?  36  SER A CA  1 
ATOM   149 C C   . SER A 1 36 ? -11.43193 -5.00243  -18.50296 1.000 29.70883  ?  36  SER A C   1 
ATOM   150 O O   . SER A 1 36 ? -10.26816 -5.38777  -18.59810 1.000 34.09093  ?  36  SER A O   1 
ATOM   151 C CB  . SER A 1 36 ? -12.57132 -3.99892  -16.47568 1.000 27.98493  ?  36  SER A CB  1 
ATOM   152 O OG  . SER A 1 36 ? -11.39957 -3.43054  -15.90628 1.000 28.86925  ?  36  SER A OG  1 
ATOM   153 N N   . LEU A 1 37 ? -12.04399 -4.33880  -19.48874 1.000 24.39503  ?  37  LEU A N   1 
ATOM   154 C CA  . LEU A 1 37 ? -11.32032 -3.87588  -20.67207 1.000 35.10158  ?  37  LEU A CA  1 
ATOM   155 C C   . LEU A 1 37 ? -11.58195 -2.38554  -20.87252 1.000 24.86877  ?  37  LEU A C   1 
ATOM   156 O O   . LEU A 1 37 ? -12.13666 -1.94530  -21.88031 1.000 23.68705  ?  37  LEU A O   1 
ATOM   157 C CB  . LEU A 1 37 ? -11.68164 -4.66364  -21.94388 1.000 41.39444  ?  37  LEU A CB  1 
ATOM   158 C CG  . LEU A 1 37 ? -10.84652 -4.28259  -23.20147 1.000 48.86639  ?  37  LEU A CG  1 
ATOM   159 C CD1 . LEU A 1 37 ? -9.34155  -4.41212  -22.96445 1.000 48.01892  ?  37  LEU A CD1 1 
ATOM   160 C CD2 . LEU A 1 37 ? -11.26298 -5.03312  -24.46698 1.000 54.11965  ?  37  LEU A CD2 1 
ATOM   161 N N   . LEU A 1 38 ? -11.20850 -1.59202  -19.87140 1.000 20.74722  ?  38  LEU A N   1 
ATOM   162 C CA  . LEU A 1 38 ? -11.06195 -0.16590  -20.11400 1.000 19.03912  ?  38  LEU A CA  1 
ATOM   163 C C   . LEU A 1 38 ? -10.05405 0.00899   -21.23852 1.000 22.61850  ?  38  LEU A C   1 
ATOM   164 O O   . LEU A 1 38 ? -8.99602  -0.63442  -21.23873 1.000 25.00300  ?  38  LEU A O   1 
ATOM   165 C CB  . LEU A 1 38 ? -10.56330 0.56445   -18.86684 1.000 20.46035  ?  38  LEU A CB  1 
ATOM   166 C CG  . LEU A 1 38 ? -11.46078 0.64338   -17.64520 1.000 27.53488  ?  38  LEU A CG  1 
ATOM   167 C CD1 . LEU A 1 38 ? -10.87738 1.67460   -16.69828 1.000 25.79783  ?  38  LEU A CD1 1 
ATOM   168 C CD2 . LEU A 1 38 ? -12.82949 1.03707   -18.07961 1.000 35.50426  ?  38  LEU A CD2 1 
ATOM   169 N N   . GLN A 1 39 ? -10.39190 0.85637   -22.19305 1.000 23.58704  ?  39  GLN A N   1 
ATOM   170 C CA  . GLN A 1 39 ? -9.54805  1.12814   -23.35078 1.000 22.23161  ?  39  GLN A CA  1 
ATOM   171 C C   . GLN A 1 39 ? -8.99769  2.54521   -23.19600 1.000 22.96328  ?  39  GLN A C   1 
ATOM   172 O O   . GLN A 1 39 ? -9.70137  3.53155   -23.42150 1.000 26.44791  ?  39  GLN A O   1 
ATOM   173 C CB  . GLN A 1 39 ? -10.34031 0.91493   -24.63414 1.000 21.98948  ?  39  GLN A CB  1 
ATOM   174 C CG  . GLN A 1 39 ? -10.56227 -0.57151  -24.85507 1.000 26.96639  ?  39  GLN A CG  1 
ATOM   175 C CD  . GLN A 1 39 ? -11.65384 -0.91174  -25.86152 1.000 32.98290  ?  39  GLN A CD  1 
ATOM   176 O OE1 . GLN A 1 39 ? -12.25119 -0.04063  -26.48025 1.000 33.59350  ?  39  GLN A OE1 1 
ATOM   177 N NE2 . GLN A 1 39 ? -11.91526 -2.20478  -26.01861 1.000 41.93134  ?  39  GLN A NE2 1 
ATOM   178 N N   . PHE A 1 40 ? -7.72318  2.62473   -22.81477 1.000 19.63656  ?  40  PHE A N   1 
ATOM   179 C CA  . PHE A 1 40 ? -7.06197  3.90760   -22.61747 1.000 20.08399  ?  40  PHE A CA  1 
ATOM   180 C C   . PHE A 1 40 ? -7.23547  4.79063   -23.84241 1.000 22.49480  ?  40  PHE A C   1 
ATOM   181 O O   . PHE A 1 40 ? -7.06678  4.33719   -24.97706 1.000 23.59230  ?  40  PHE A O   1 
ATOM   182 C CB  . PHE A 1 40 ? -5.57323  3.68585   -22.35798 1.000 19.82869  ?  40  PHE A CB  1 
ATOM   183 C CG  . PHE A 1 40 ? -4.76063  4.97045   -22.31304 1.000 19.57077  ?  40  PHE A CG  1 
ATOM   184 C CD1 . PHE A 1 40 ? -4.75958  5.76823   -21.18612 1.000 21.76314  ?  40  PHE A CD1 1 
ATOM   185 C CD2 . PHE A 1 40 ? -4.01681  5.36974   -23.41712 1.000 23.47913  ?  40  PHE A CD2 1 
ATOM   186 C CE1 . PHE A 1 40 ? -4.01645  6.94826   -21.13915 1.000 19.61551  ?  40  PHE A CE1 1 
ATOM   187 C CE2 . PHE A 1 40 ? -3.27456  6.54566   -23.38195 1.000 21.15780  ?  40  PHE A CE2 1 
ATOM   188 C CZ  . PHE A 1 40 ? -3.26707  7.32495   -22.24050 1.000 19.65236  ?  40  PHE A CZ  1 
ATOM   189 N N   . GLU A 1 41 ? -7.57949  6.05614   -23.60613 1.000 19.78132  ?  41  GLU A N   1 
ATOM   190 C CA  . GLU A 1 41 ? -7.69274  7.04750   -24.66222 1.000 21.80525  ?  41  GLU A CA  1 
ATOM   191 C C   . GLU A 1 41 ? -6.58882  8.09798   -24.57579 1.000 23.34227  ?  41  GLU A C   1 
ATOM   192 O O   . GLU A 1 41 ? -5.82465  8.25446   -25.52759 1.000 25.18986  ?  41  GLU A O   1 
ATOM   193 C CB  . GLU A 1 41 ? -9.07621  7.70024   -24.61283 1.000 26.82427  ?  41  GLU A CB  1 
ATOM   194 C CG  . GLU A 1 41 ? -9.35878  8.60778   -25.77367 1.000 36.47806  ?  41  GLU A CG  1 
ATOM   195 C CD  . GLU A 1 41 ? -9.55351  7.86413   -27.09971 1.000 47.49780  ?  41  GLU A CD  1 
ATOM   196 O OE1 . GLU A 1 41 ? -9.97952  6.68583   -27.09562 1.000 44.60535  ?  41  GLU A OE1 1 
ATOM   197 O OE2 . GLU A 1 41 ? -9.26503  8.46951   -28.15389 1.000 50.94295  ?  41  GLU A OE2 1 
ATOM   198 N N   . LYS A 1 42 ? -6.47269  8.81592   -23.46293 1.000 20.25243  ?  42  LYS A N   1 
ATOM   199 C CA  . LYS A 1 42 ? -5.43948  9.84263   -23.35477 1.000 23.66336  ?  42  LYS A CA  1 
ATOM   200 C C   . LYS A 1 42 ? -5.28976  10.27388  -21.90464 1.000 21.41836  ?  42  LYS A C   1 
ATOM   201 O O   . LYS A 1 42 ? -6.18275  10.07004  -21.07538 1.000 20.99199  ?  42  LYS A O   1 
ATOM   202 C CB  . LYS A 1 42 ? -5.76121  11.06073  -24.22278 1.000 24.04236  ?  42  LYS A CB  1 
ATOM   203 C CG  . LYS A 1 42 ? -6.65398  12.10866  -23.53032 1.000 27.69806  ?  42  LYS A CG  1 
ATOM   204 C CD  . LYS A 1 42 ? -6.88171  13.34457  -24.41870 1.000 28.59553  ?  42  LYS A CD  1 
ATOM   205 C CE  . LYS A 1 42 ? -7.48113  14.50869  -23.62455 1.000 26.01365  ?  42  LYS A CE  1 
ATOM   206 N NZ  . LYS A 1 42 ? -7.63029  15.74815  -24.44573 1.000 26.57687  ?  42  LYS A NZ  1 
ATOM   207 N N   . VAL A 1 43 ? -4.15083  10.90225  -21.62039 1.000 20.20242  ?  43  VAL A N   1 
ATOM   208 C CA  . VAL A 1 43 ? -3.93851  11.58364  -20.34970 1.000 15.91507  ?  43  VAL A CA  1 
ATOM   209 C C   . VAL A 1 43 ? -4.50517  12.99215  -20.47205 1.000 23.20278  ?  43  VAL A C   1 
ATOM   210 O O   . VAL A 1 43 ? -4.25646  13.69100  -21.46884 1.000 21.47626  ?  43  VAL A O   1 
ATOM   211 C CB  . VAL A 1 43 ? -2.44967  11.62750  -19.97834 1.000 19.57866  ?  43  VAL A CB  1 
ATOM   212 C CG1 . VAL A 1 43 ? -2.23180  12.51380  -18.72797 1.000 20.08925  ?  43  VAL A CG1 1 
ATOM   213 C CG2 . VAL A 1 43 ? -1.92051  10.21966  -19.76029 1.000 20.54983  ?  43  VAL A CG2 1 
ATOM   214 N N   . VAL A 1 44 ? -5.29571  13.38943  -19.48468 1.000 18.64171  ?  44  VAL A N   1 
ATOM   215 C CA  . VAL A 1 44 ? -5.83479  14.74523  -19.42588 1.000 16.37038  ?  44  VAL A CA  1 
ATOM   216 C C   . VAL A 1 44 ? -4.85911  15.67571  -18.73198 1.000 15.48344  ?  44  VAL A C   1 
ATOM   217 O O   . VAL A 1 44 ? -4.56043  16.76505  -19.22291 1.000 19.29179  ?  44  VAL A O   1 
ATOM   218 C CB  . VAL A 1 44 ? -7.19873  14.72518  -18.69836 1.000 16.11509  ?  44  VAL A CB  1 
ATOM   219 C CG1 . VAL A 1 44 ? -7.74854  16.13878  -18.51342 1.000 17.47315  ?  44  VAL A CG1 1 
ATOM   220 C CG2 . VAL A 1 44 ? -8.20268  13.83282  -19.46615 1.000 17.78897  ?  44  VAL A CG2 1 
ATOM   221 N N   A ASN A 1 45 ? -4.34804  15.25629  -17.57591 0.570 18.49169  ?  45  ASN A N   1 
ATOM   222 N N   B ASN A 1 45 ? -4.35186  15.25297  -17.58387 0.430 18.49432  ?  45  ASN A N   1 
ATOM   223 C CA  A ASN A 1 45 ? -3.46171  16.06223  -16.74407 0.570 20.47877  ?  45  ASN A CA  1 
ATOM   224 C CA  B ASN A 1 45 ? -3.29841  15.98527  -16.90578 0.430 21.91052  ?  45  ASN A CA  1 
ATOM   225 C C   A ASN A 1 45 ? -2.83543  15.16453  -15.68808 0.570 22.80537  ?  45  ASN A C   1 
ATOM   226 C C   B ASN A 1 45 ? -2.74960  15.09365  -15.80926 0.430 22.18950  ?  45  ASN A C   1 
ATOM   227 O O   A ASN A 1 45 ? -3.47189  14.22079  -15.21767 0.570 18.82331  ?  45  ASN A O   1 
ATOM   228 O O   B ASN A 1 45 ? -3.34548  14.07468  -15.45257 0.430 19.37338  ?  45  ASN A O   1 
ATOM   229 C CB  A ASN A 1 45 ? -4.21546  17.20981  -16.06350 0.570 23.74232  ?  45  ASN A CB  1 
ATOM   230 C CB  B ASN A 1 45 ? -3.79809  17.32075  -16.34050 0.430 25.50306  ?  45  ASN A CB  1 
ATOM   231 C CG  A ASN A 1 45 ? -3.45566  17.77375  -14.86783 0.570 25.70835  ?  45  ASN A CG  1 
ATOM   232 C CG  B ASN A 1 45 ? -4.77074  17.14546  -15.20246 0.430 22.43953  ?  45  ASN A CG  1 
ATOM   233 O OD1 A ASN A 1 45 ? -3.63878  17.32571  -13.72942 0.570 23.16594  ?  45  ASN A OD1 1 
ATOM   234 O OD1 B ASN A 1 45 ? -5.91700  16.76852  -15.40833 0.430 19.68657  ?  45  ASN A OD1 1 
ATOM   235 N ND2 A ASN A 1 45 ? -2.56640  18.72603  -15.12678 0.570 28.11916  ?  45  ASN A ND2 1 
ATOM   236 N ND2 B ASN A 1 45 ? -4.32303  17.44781  -13.99033 0.430 25.36620  ?  45  ASN A ND2 1 
ATOM   237 N N   . THR A 1 46 ? -1.59366  15.47916  -15.29764 1.000 21.30255  ?  46  THR A N   1 
ATOM   238 C CA  . THR A 1 46 ? -0.92625  14.76226  -14.23284 1.000 19.21546  ?  46  THR A CA  1 
ATOM   239 C C   . THR A 1 46 ? -0.47628  15.76302  -13.18207 1.000 22.87643  ?  46  THR A C   1 
ATOM   240 O O   . THR A 1 46 ? 0.04280   16.82814  -13.52692 1.000 22.60008  ?  46  THR A O   1 
ATOM   241 C CB  . THR A 1 46 ? 0.27951   13.98088  -14.75347 1.000 26.24262  ?  46  THR A CB  1 
ATOM   242 O OG1 . THR A 1 46 ? -0.10308  13.24501  -15.91223 1.000 33.78300  ?  46  THR A OG1 1 
ATOM   243 C CG2 . THR A 1 46 ? 0.79707   13.01367  -13.69737 1.000 27.67437  ?  46  THR A CG2 1 
ATOM   244 N N   . LYS A 1 47 ? -0.73858  15.44052  -11.91580 1.000 21.06305  ?  47  LYS A N   1 
ATOM   245 C CA  . LYS A 1 47 ? -0.09679  16.07218  -10.77559 1.000 26.49002  ?  47  LYS A CA  1 
ATOM   246 C C   . LYS A 1 47 ? 0.97722   15.13505  -10.25826 1.000 24.37134  ?  47  LYS A C   1 
ATOM   247 O O   . LYS A 1 47 ? 0.87281   13.91869  -10.38887 1.000 25.44252  ?  47  LYS A O   1 
ATOM   248 C CB  . LYS A 1 47 ? -1.07952  16.37781  -9.64465  1.000 27.93493  ?  47  LYS A CB  1 
ATOM   249 C CG  . LYS A 1 47 ? -2.32070  17.13934  -10.04895 1.000 33.83827  ?  47  LYS A CG  1 
ATOM   250 C CD  . LYS A 1 47 ? -1.99672  18.42103  -10.79727 1.000 39.27050  ?  47  LYS A CD  1 
ATOM   251 C CE  . LYS A 1 47 ? -1.85150  19.59845  -9.86601  1.000 47.17934  ?  47  LYS A CE  1 
ATOM   252 N NZ  . LYS A 1 47 ? -0.85147  20.56035  -10.39186 1.000 52.93529  ?  47  LYS A NZ  1 
ATOM   253 N N   . GLN A 1 48 ? 2.02604   15.68382  -9.67356  1.000 27.40855  ?  48  GLN A N   1 
ATOM   254 C CA  . GLN A 1 48 ? 3.02134   14.77244  -9.14210  1.000 27.60594  ?  48  GLN A CA  1 
ATOM   255 C C   . GLN A 1 48 ? 3.43711   15.20376  -7.75625  1.000 32.35914  ?  48  GLN A C   1 
ATOM   256 O O   . GLN A 1 48 ? 3.43429   16.38881  -7.42237  1.000 37.76505  ?  48  GLN A O   1 
ATOM   257 C CB  . GLN A 1 48 ? 4.22776   14.61901  -10.06125 1.000 37.03076  ?  48  GLN A CB  1 
ATOM   258 C CG  . GLN A 1 48 ? 4.85709   15.87253  -10.55441 1.000 46.82140  ?  48  GLN A CG  1 
ATOM   259 C CD  . GLN A 1 48 ? 5.93314   15.56664  -11.57117 1.000 49.25854  ?  48  GLN A CD  1 
ATOM   260 O OE1 . GLN A 1 48 ? 5.67979   15.55774  -12.77561 1.000 52.52472  ?  48  GLN A OE1 1 
ATOM   261 N NE2 . GLN A 1 48 ? 7.13743   15.27614  -11.08715 1.000 48.90323  ?  48  GLN A NE2 1 
ATOM   262 N N   . GLN A 1 49 ? 3.75351   14.20660  -6.94317  1.000 31.67748  ?  49  GLN A N   1 
ATOM   263 C CA  . GLN A 1 49 ? 4.02684   14.40901  -5.53303  1.000 38.64148  ?  49  GLN A CA  1 
ATOM   264 C C   . GLN A 1 49 ? 5.32456   13.67763  -5.22568  1.000 30.74579  ?  49  GLN A C   1 
ATOM   265 O O   . GLN A 1 49 ? 5.47524   12.49846  -5.56490  1.000 29.50091  ?  49  GLN A O   1 
ATOM   266 C CB  . GLN A 1 49 ? 2.83252   13.90958  -4.70168  1.000 45.16331  ?  49  GLN A CB  1 
ATOM   267 C CG  . GLN A 1 49 ? 3.10691   13.26244  -3.34773  1.000 56.79102  ?  49  GLN A CG  1 
ATOM   268 C CD  . GLN A 1 49 ? 1.87892   12.51421  -2.80124  1.000 62.84175  ?  49  GLN A CD  1 
ATOM   269 O OE1 . GLN A 1 49 ? 0.78303   12.58750  -3.37579  1.000 60.00193  ?  49  GLN A OE1 1 
ATOM   270 N NE2 . GLN A 1 49 ? 2.05528   11.81646  -1.67067  1.000 58.86758  ?  49  GLN A NE2 1 
ATOM   271 N N   . VAL A 1 50 ? 6.27928   14.38966  -4.63558  1.000 34.03040  ?  50  VAL A N   1 
ATOM   272 C CA  . VAL A 1 50 ? 7.50771   13.74223  -4.19921  1.000 32.38546  ?  50  VAL A CA  1 
ATOM   273 C C   . VAL A 1 50 ? 7.20290   12.83015  -3.02415  1.000 32.69866  ?  50  VAL A C   1 
ATOM   274 O O   . VAL A 1 50 ? 6.54925   13.22804  -2.05826  1.000 37.59924  ?  50  VAL A O   1 
ATOM   275 C CB  . VAL A 1 50 ? 8.57277   14.77308  -3.81118  1.000 34.95945  ?  50  VAL A CB  1 
ATOM   276 C CG1 . VAL A 1 50 ? 9.80055   14.03728  -3.31986  1.000 37.36764  ?  50  VAL A CG1 1 
ATOM   277 C CG2 . VAL A 1 50 ? 8.90396   15.65308  -4.98906  1.000 44.41585  ?  50  VAL A CG2 1 
ATOM   278 N N   . VAL A 1 51 ? 7.69796   11.60961  -3.10372  1.000 24.17395  ?  51  VAL A N   1 
ATOM   279 C CA  . VAL A 1 51 ? 7.47543   10.57790  -2.10594  1.000 32.13280  ?  51  VAL A CA  1 
ATOM   280 C C   . VAL A 1 51 ? 8.69239   10.54127  -1.18379  1.000 34.55677  ?  51  VAL A C   1 
ATOM   281 O O   . VAL A 1 51 ? 9.83500   10.44909  -1.64921  1.000 32.19860  ?  51  VAL A O   1 
ATOM   282 C CB  . VAL A 1 51 ? 7.19774   9.24545   -2.82479  1.000 32.59601  ?  51  VAL A CB  1 
ATOM   283 C CG1 . VAL A 1 51 ? 7.59809   8.07309   -2.04584  1.000 43.89737  ?  51  VAL A CG1 1 
ATOM   284 C CG2 . VAL A 1 51 ? 5.74024   9.17679   -3.13103  1.000 39.21260  ?  51  VAL A CG2 1 
ATOM   285 N N   . SER A 1 52 ? 8.46284   10.69536  0.12158   1.000 26.68741  ?  52  SER A N   1 
ATOM   286 C CA  . SER A 1 52 ? 9.55552   10.71292  1.08218   1.000 26.42685  ?  52  SER A CA  1 
ATOM   287 C C   . SER A 1 52 ? 9.06338   10.17884  2.42418   1.000 28.81398  ?  52  SER A C   1 
ATOM   288 O O   . SER A 1 52 ? 7.88219   9.87002   2.60255   1.000 29.32194  ?  52  SER A O   1 
ATOM   289 C CB  . SER A 1 52 ? 10.14351  12.12424  1.24089   1.000 27.34275  ?  52  SER A CB  1 
ATOM   290 O OG  . SER A 1 52 ? 9.25090   12.98909  1.92639   1.000 33.48296  ?  52  SER A OG  1 
ATOM   291 N N   . GLY A 1 53 ? 9.98609   10.07812  3.36853   1.000 30.56156  ?  53  GLY A N   1 
ATOM   292 C CA  . GLY A 1 53 ? 9.67897   9.50342   4.66466   1.000 33.41980  ?  53  GLY A CA  1 
ATOM   293 C C   . GLY A 1 53 ? 10.20972  8.09101   4.79682   1.000 33.66193  ?  53  GLY A C   1 
ATOM   294 O O   . GLY A 1 53 ? 11.08902  7.65071   4.05467   1.000 32.26966  ?  53  GLY A O   1 
ATOM   295 N N   . THR A 1 54 ? 9.64433   7.36293   5.75543   1.000 19.86028  ?  54  THR A N   1 
ATOM   296 C CA  . THR A 1 54 ? 10.10150  6.02149   6.08950   1.000 20.28664  ?  54  THR A CA  1 
ATOM   297 C C   . THR A 1 54 ? 8.92945   5.05871   6.15095   1.000 20.47877  ?  54  THR A C   1 
ATOM   298 O O   . THR A 1 54 ? 7.87185   5.40295   6.68348   1.000 19.00228  ?  54  THR A O   1 
ATOM   299 C CB  . THR A 1 54 ? 10.82851  6.01493   7.45690   1.000 20.16294  ?  54  THR A CB  1 
ATOM   300 O OG1 . THR A 1 54 ? 11.82179  7.04862   7.47469   1.000 25.46095  ?  54  THR A OG1 1 
ATOM   301 C CG2 . THR A 1 54 ? 11.51108  4.68548   7.69415   1.000 24.52662  ?  54  THR A CG2 1 
ATOM   302 N N   . ILE A 1 55 ? 9.11431   3.85104   5.61040   1.000 18.58381  ?  55  ILE A N   1 
ATOM   303 C CA  . ILE A 1 55 ? 8.19975   2.74283   5.87059   1.000 15.67030  ?  55  ILE A CA  1 
ATOM   304 C C   . ILE A 1 55 ? 8.83502   1.87845   6.94681   1.000 16.72043  ?  55  ILE A C   1 
ATOM   305 O O   . ILE A 1 55 ? 9.98171   1.43583   6.80159   1.000 19.79185  ?  55  ILE A O   1 
ATOM   306 C CB  . ILE A 1 55 ? 7.90214   1.92129   4.60664   1.000 21.09727  ?  55  ILE A CB  1 
ATOM   307 C CG1 . ILE A 1 55 ? 6.93748   2.67777   3.69851   1.000 26.36106  ?  55  ILE A CG1 1 
ATOM   308 C CG2 . ILE A 1 55 ? 7.19587   0.62572   4.98407   1.000 23.70547  ?  55  ILE A CG2 1 
ATOM   309 C CD1 . ILE A 1 55 ? 6.68894   1.97475   2.37961   1.000 37.28868  ?  55  ILE A CD1 1 
ATOM   310 N N   . TYR A 1 56 ? 8.10117   1.65960   8.03437   1.000 16.89939  ?  56  TYR A N   1 
ATOM   311 C CA  . TYR A 1 56 ? 8.51527   0.76388   9.09954   1.000 17.55210  ?  56  TYR A CA  1 
ATOM   312 C C   . TYR A 1 56 ? 7.77768   -0.54881  8.90007   1.000 17.88372  ?  56  TYR A C   1 
ATOM   313 O O   . TYR A 1 56 ? 6.55423   -0.55603  8.78197   1.000 18.84173  ?  56  TYR A O   1 
ATOM   314 C CB  . TYR A 1 56 ? 8.20375   1.38066   10.46126  1.000 15.69925  ?  56  TYR A CB  1 
ATOM   315 C CG  . TYR A 1 56 ? 9.01140   2.61804   10.70871  1.000 20.06030  ?  56  TYR A CG  1 
ATOM   316 C CD1 . TYR A 1 56 ? 10.27244  2.53203   11.26482  1.000 22.82905  ?  56  TYR A CD1 1 
ATOM   317 C CD2 . TYR A 1 56 ? 8.53345   3.88273   10.34976  1.000 17.96531  ?  56  TYR A CD2 1 
ATOM   318 C CE1 . TYR A 1 56 ? 11.02549  3.65154   11.48470  1.000 27.60857  ?  56  TYR A CE1 1 
ATOM   319 C CE2 . TYR A 1 56 ? 9.29647   5.01791   10.57503  1.000 22.18950  ?  56  TYR A CE2 1 
ATOM   320 C CZ  . TYR A 1 56 ? 10.53725  4.89399   11.14284  1.000 27.20853  ?  56  TYR A CZ  1 
ATOM   321 O OH  . TYR A 1 56 ? 11.32731  6.00510   11.36882  1.000 29.00085  ?  56  TYR A OH  1 
ATOM   322 N N   . ILE A 1 57 ? 8.52617   -1.63929  8.77621   1.000 18.29956  ?  57  ILE A N   1 
ATOM   323 C CA  . ILE A 1 57 ? 7.94893   -2.97133  8.67690   1.000 15.74662  ?  57  ILE A CA  1 
ATOM   324 C C   . ILE A 1 57 ? 8.08645   -3.57423  10.06641  1.000 19.05755  ?  57  ILE A C   1 
ATOM   325 O O   . ILE A 1 57 ? 9.17259   -3.99582  10.47699  1.000 17.63896  ?  57  ILE A O   1 
ATOM   326 C CB  . ILE A 1 57 ? 8.62952   -3.80058  7.58413   1.000 19.73921  ?  57  ILE A CB  1 
ATOM   327 C CG1 . ILE A 1 57 ? 8.46195   -3.09725  6.23087   1.000 23.73706  ?  57  ILE A CG1 1 
ATOM   328 C CG2 . ILE A 1 57 ? 7.99322   -5.15402  7.49984   1.000 22.61850  ?  57  ILE A CG2 1 
ATOM   329 C CD1 . ILE A 1 57 ? 9.71942   -2.51490  5.65041   1.000 32.52758  ?  57  ILE A CD1 1 
ATOM   330 N N   . ILE A 1 58 ? 6.98642   -3.54758  10.81676  1.000 19.09176  ?  58  ILE A N   1 
ATOM   331 C CA  . ILE A 1 58 ? 6.98371   -3.83243  12.24671  1.000 15.89138  ?  58  ILE A CA  1 
ATOM   332 C C   . ILE A 1 58 ? 6.42675   -5.22526  12.48826  1.000 16.20721  ?  58  ILE A C   1 
ATOM   333 O O   . ILE A 1 58 ? 5.25748   -5.48772  12.19866  1.000 20.04451  ?  58  ILE A O   1 
ATOM   334 C CB  . ILE A 1 58 ? 6.15208   -2.79978  13.02093  1.000 16.68358  ?  58  ILE A CB  1 
ATOM   335 C CG1 . ILE A 1 58 ? 6.52868   -1.37434  12.60330  1.000 20.78933  ?  58  ILE A CG1 1 
ATOM   336 C CG2 . ILE A 1 58 ? 6.33004   -3.01418  14.53792  1.000 17.49947  ?  58  ILE A CG2 1 
ATOM   337 C CD1 . ILE A 1 58 ? 5.58406   -0.31086  13.16320  1.000 20.20505  ?  58  ILE A CD1 1 
ATOM   338 N N   . THR A 1 59 ? 7.24976   -6.10967  13.04795  1.000 15.86243  ?  59  THR A N   1 
ATOM   339 C CA  . THR A 1 59 ? 6.76271   -7.39739  13.53519  1.000 13.87798  ?  59  THR A CA  1 
ATOM   340 C C   . THR A 1 59 ? 6.38023   -7.20152  14.99098  1.000 17.31787  ?  59  THR A C   1 
ATOM   341 O O   . THR A 1 59 ? 7.19712   -6.71726  15.77801  1.000 19.31021  ?  59  THR A O   1 
ATOM   342 C CB  . THR A 1 59 ? 7.84324   -8.47625  13.42223  1.000 17.96268  ?  59  THR A CB  1 
ATOM   343 O OG1 . THR A 1 59 ? 8.31142   -8.54461  12.06686  1.000 17.93373  ?  59  THR A OG1 1 
ATOM   344 C CG2 . THR A 1 59 ? 7.29540   -9.85491  13.83975  1.000 20.23927  ?  59  THR A CG2 1 
ATOM   345 N N   . LEU A 1 60 ? 5.15540   -7.57360  15.34927  1.000 18.17586  ?  60  LEU A N   1 
ATOM   346 C CA  . LEU A 1 60 ? 4.65810   -7.26135  16.67831  1.000 15.68083  ?  60  LEU A CA  1 
ATOM   347 C C   . LEU A 1 60 ? 3.82585   -8.42985  17.18759  1.000 14.62807  ?  60  LEU A C   1 
ATOM   348 O O   . LEU A 1 60 ? 3.29757   -9.23039  16.41026  1.000 18.19692  ?  60  LEU A O   1 
ATOM   349 C CB  . LEU A 1 60 ? 3.83153   -5.96398  16.66794  1.000 17.77318  ?  60  LEU A CB  1 
ATOM   350 C CG  . LEU A 1 60 ? 2.59915   -5.90620  15.74677  1.000 17.81003  ?  60  LEU A CG  1 
ATOM   351 C CD1 . LEU A 1 60 ? 1.32507   -6.33414  16.46881  1.000 16.99414  ?  60  LEU A CD1 1 
ATOM   352 C CD2 . LEU A 1 60 ? 2.40632   -4.50555  15.19198  1.000 17.97584  ?  60  LEU A CD2 1 
ATOM   353 N N   . GLU A 1 61 ? 3.71924   -8.51406  18.51175  1.000 16.01771  ?  61  GLU A N   1 
ATOM   354 C CA  . GLU A 1 61 ? 2.83701   -9.46592  19.17619  1.000 18.04427  ?  61  GLU A CA  1 
ATOM   355 C C   . GLU A 1 61 ? 1.55571   -8.76445  19.59267  1.000 22.72115  ?  61  GLU A C   1 
ATOM   356 O O   . GLU A 1 61 ? 1.59363   -7.64629  20.10718  1.000 19.24441  ?  61  GLU A O   1 
ATOM   357 C CB  . GLU A 1 61 ? 3.52291   -10.07151 20.40592  1.000 18.20481  ?  61  GLU A CB  1 
ATOM   358 C CG  . GLU A 1 61 ? 4.63672   -11.03981 20.03427  1.000 20.27612  ?  61  GLU A CG  1 
ATOM   359 C CD  . GLU A 1 61 ? 5.51771   -11.41789 21.20786  1.000 28.24286  ?  61  GLU A CD  1 
ATOM   360 O OE1 . GLU A 1 61 ? 5.27207   -10.91815 22.33126  1.000 26.55582  ?  61  GLU A OE1 1 
ATOM   361 O OE2 . GLU A 1 61 ? 6.47751   -12.19400 20.99972  1.000 24.05288  -1 61  GLU A OE2 1 
ATOM   362 N N   . ALA A 1 62 ? 0.42082   -9.43419  19.40560  1.000 19.46286  ?  62  ALA A N   1 
ATOM   363 C CA  . ALA A 1 62 ? -0.83229  -8.89973  19.90147  1.000 19.17072  ?  62  ALA A CA  1 
ATOM   364 C C   . ALA A 1 62 ? -1.74131  -10.06782 20.23104  1.000 21.88947  ?  62  ALA A C   1 
ATOM   365 O O   . ALA A 1 62 ? -1.64064  -11.13984 19.62692  1.000 20.77881  ?  62  ALA A O   1 
ATOM   366 C CB  . ALA A 1 62 ? -1.50801  -7.95694  18.89464  1.000 21.51311  ?  62  ALA A CB  1 
ATOM   367 N N   . VAL A 1 63 ? -2.61625  -9.85337  21.20193  1.000 24.24238  ?  63  VAL A N   1 
ATOM   368 C CA  . VAL A 1 63 ? -3.49545  -10.90014 21.69623  1.000 22.92380  ?  63  VAL A CA  1 
ATOM   369 C C   . VAL A 1 63 ? -4.83474  -10.77734 20.98502  1.000 31.20374  ?  63  VAL A C   1 
ATOM   370 O O   . VAL A 1 63 ? -5.40810  -9.68309  20.89819  1.000 29.83516  ?  63  VAL A O   1 
ATOM   371 C CB  . VAL A 1 63 ? -3.65873  -10.80413 23.22181  1.000 28.21128  ?  63  VAL A CB  1 
ATOM   372 C CG1 . VAL A 1 63 ? -4.66737  -11.80179 23.71155  1.000 27.88492  ?  63  VAL A CG1 1 
ATOM   373 C CG2 . VAL A 1 63 ? -2.31439  -11.03505 23.87817  1.000 27.38749  ?  63  VAL A CG2 1 
ATOM   374 N N   . ASP A 1 64 ? -5.33523  -11.90107 20.48093  1.000 31.03530  ?  64  ASP A N   1 
ATOM   375 C CA  . ASP A 1 64 ? -6.58264  -11.95637 19.72508  1.000 31.30375  ?  64  ASP A CA  1 
ATOM   376 C C   . ASP A 1 64 ? -7.45145  -13.01244 20.38091  1.000 31.55642  ?  64  ASP A C   1 
ATOM   377 O O   . ASP A 1 64 ? -7.07620  -14.18689 20.41472  1.000 32.83025  ?  64  ASP A O   1 
ATOM   378 C CB  . ASP A 1 64 ? -6.31151  -12.29496 18.25507  1.000 43.58680  ?  64  ASP A CB  1 
ATOM   379 C CG  . ASP A 1 64 ? -7.58039  -12.50136 17.44713  1.000 51.55881  ?  64  ASP A CG  1 
ATOM   380 O OD1 . ASP A 1 64 ? -8.62655  -11.89022 17.76591  1.000 54.35915  ?  64  ASP A OD1 1 
ATOM   381 O OD2 . ASP A 1 64 ? -7.51514  -13.27871 16.47505  1.000 49.54541  -1 64  ASP A OD2 1 
ATOM   382 N N   . GLY A 1 65 ? -8.58396  -12.58898 20.92919  1.000 36.72546  ?  65  GLY A N   1 
ATOM   383 C CA  . GLY A 1 65 ? -9.47192  -13.52870 21.59661  1.000 42.23927  ?  65  GLY A CA  1 
ATOM   384 C C   . GLY A 1 65 ? -8.76275  -14.41195 22.59888  1.000 46.27134  ?  65  GLY A C   1 
ATOM   385 O O   . GLY A 1 65 ? -9.06242  -15.60567 22.69244  1.000 45.40018  ?  65  GLY A O   1 
ATOM   386 N N   . GLY A 1 66 ? -7.80430  -13.85355 23.32867  1.000 35.37793  ?  66  GLY A N   1 
ATOM   387 C CA  . GLY A 1 66 ? -7.13014  -14.59670 24.37442  1.000 38.51514  ?  66  GLY A CA  1 
ATOM   388 C C   . GLY A 1 66 ? -5.90506  -15.37591 23.94471  1.000 38.77570  ?  66  GLY A C   1 
ATOM   389 O O   . GLY A 1 66 ? -5.25754  -16.00150 24.79804  1.000 43.30782  ?  66  GLY A O   1 
ATOM   390 N N   . LYS A 1 67 ? -5.56457  -15.37230 22.66158  1.000 33.01712  ?  67  LYS A N   1 
ATOM   391 C CA  . LYS A 1 67 ? -4.39353  -16.08217 22.17291  1.000 29.76409  ?  67  LYS A CA  1 
ATOM   392 C C   . LYS A 1 67 ? -3.40703  -15.07526 21.60542  1.000 27.47435  ?  67  LYS A C   1 
ATOM   393 O O   . LYS A 1 67 ? -3.79214  -14.20700 20.81307  1.000 25.18460  ?  67  LYS A O   1 
ATOM   394 C CB  . LYS A 1 67 ? -4.77962  -17.11346 21.11175  1.000 34.59099  ?  67  LYS A CB  1 
ATOM   395 C CG  . LYS A 1 67 ? -3.59733  -17.91739 20.57058  1.000 38.69148  ?  67  LYS A CG  1 
ATOM   396 N N   . LYS A 1 68 ? -2.13576  -15.20059 21.99102  1.000 24.86351  ?  68  LYS A N   1 
ATOM   397 C CA  . LYS A 1 68 ? -1.11226  -14.29860 21.48313  1.000 20.30507  ?  68  LYS A CA  1 
ATOM   398 C C   . LYS A 1 68 ? -0.68777  -14.71977 20.08206  1.000 20.96830  ?  68  LYS A C   1 
ATOM   399 O O   . LYS A 1 68 ? -0.37144  -15.88856 19.83825  1.000 24.13447  ?  68  LYS A O   1 
ATOM   400 C CB  . LYS A 1 68 ? 0.10592   -14.27433 22.40131  1.000 23.83180  ?  68  LYS A CB  1 
ATOM   401 C CG  . LYS A 1 68 ? 1.08763   -13.14094 22.05697  1.000 27.27959  ?  68  LYS A CG  1 
ATOM   402 C CD  . LYS A 1 68 ? 2.01361   -12.82786 23.22690  1.000 35.26475  ?  68  LYS A CD  1 
ATOM   403 C CE  . LYS A 1 68 ? 3.24829   -13.71247 23.22883  1.000 34.75680  ?  68  LYS A CE  1 
ATOM   404 N NZ  . LYS A 1 68 ? 3.97857   -13.59878 24.52724  1.000 38.10457  ?  68  LYS A NZ  1 
ATOM   405 N N   . LYS A 1 69 ? -0.67700  -13.75984 19.16756  1.000 24.95826  ?  69  LYS A N   1 
ATOM   406 C CA  . LYS A 1 69 ? -0.29984  -13.99942 17.78665  1.000 23.28963  ?  69  LYS A CA  1 
ATOM   407 C C   . LYS A 1 69 ? 0.72018   -12.96106 17.35287  1.000 23.17909  ?  69  LYS A C   1 
ATOM   408 O O   . LYS A 1 69 ? 0.95635   -11.95951 18.03770  1.000 22.87643  ?  69  LYS A O   1 
ATOM   409 C CB  . LYS A 1 69 ? -1.52602  -13.95798 16.87885  1.000 21.95263  ?  69  LYS A CB  1 
ATOM   410 C CG  . LYS A 1 69 ? -2.57621  -14.96930 17.32766  1.000 21.60259  ?  69  LYS A CG  1 
ATOM   411 C CD  . LYS A 1 69 ? -3.82061  -14.88966 16.49382  1.000 27.03745  ?  69  LYS A CD  1 
ATOM   412 C CE  . LYS A 1 69 ? -4.88115  -15.79171 17.08645  1.000 32.58285  ?  69  LYS A CE  1 
ATOM   413 N NZ  . LYS A 1 69 ? -6.17578  -15.67261 16.37632  1.000 40.06533  ?  69  LYS A NZ  1 
ATOM   414 N N   . VAL A 1 70 ? 1.31613   -13.20598 16.18895  1.000 18.50485  ?  70  VAL A N   1 
ATOM   415 C CA  . VAL A 1 70 ? 2.34768   -12.34308 15.63182  1.000 19.63920  ?  70  VAL A CA  1 
ATOM   416 C C   . VAL A 1 70 ? 1.82949   -11.75964 14.32921  1.000 19.62867  ?  70  VAL A C   1 
ATOM   417 O O   . VAL A 1 70 ? 1.27919   -12.48650 13.48994  1.000 19.32863  ?  70  VAL A O   1 
ATOM   418 C CB  . VAL A 1 70 ? 3.66083   -13.10714 15.40233  1.000 19.50497  ?  70  VAL A CB  1 
ATOM   419 C CG1 . VAL A 1 70 ? 4.69786   -12.21011 14.69271  1.000 18.12323  ?  70  VAL A CG1 1 
ATOM   420 C CG2 . VAL A 1 70 ? 4.17874   -13.65960 16.72795  1.000 22.55797  ?  70  VAL A CG2 1 
ATOM   421 N N   . TYR A 1 71 ? 2.02410   -10.45482 14.16281  1.000 16.74148  ?  71  TYR A N   1 
ATOM   422 C CA  . TYR A 1 71 ? 1.53418   -9.71378  13.01044  1.000 17.45999  ?  71  TYR A CA  1 
ATOM   423 C C   . TYR A 1 71 ? 2.66612   -8.90902  12.40210  1.000 18.81015  ?  71  TYR A C   1 
ATOM   424 O O   . TYR A 1 71 ? 3.65324   -8.59075  13.05966  1.000 17.84424  ?  71  TYR A O   1 
ATOM   425 C CB  . TYR A 1 71 ? 0.41605   -8.75686  13.40775  1.000 17.69686  ?  71  TYR A CB  1 
ATOM   426 C CG  . TYR A 1 71 ? -0.74369  -9.46830  14.01179  1.000 19.76290  ?  71  TYR A CG  1 
ATOM   427 C CD1 . TYR A 1 71 ? -1.79925  -9.91664  13.21858  1.000 19.68920  ?  71  TYR A CD1 1 
ATOM   428 C CD2 . TYR A 1 71 ? -0.79758  -9.71138  15.37769  1.000 20.15242  ?  71  TYR A CD2 1 
ATOM   429 C CE1 . TYR A 1 71 ? -2.87214  -10.58904 13.77046  1.000 19.30758  ?  71  TYR A CE1 1 
ATOM   430 C CE2 . TYR A 1 71 ? -1.86727  -10.38671 15.93993  1.000 20.26559  ?  71  TYR A CE2 1 
ATOM   431 C CZ  . TYR A 1 71 ? -2.90399  -10.82369 15.13270  1.000 24.09763  ?  71  TYR A CZ  1 
ATOM   432 O OH  . TYR A 1 71 ? -3.97273  -11.49866 15.69194  1.000 26.74268  ?  71  TYR A OH  1 
ATOM   433 N N   . GLU A 1 72 ? 2.49806   -8.55583  11.13413  1.000 18.63381  ?  72  GLU A N   1 
ATOM   434 C CA  . GLU A 1 72 ? 3.40394   -7.62661  10.47116  1.000 18.47327  ?  72  GLU A CA  1 
ATOM   435 C C   . GLU A 1 72 ? 2.60862   -6.41914  9.99960   1.000 19.04965  ?  72  GLU A C   1 
ATOM   436 O O   . GLU A 1 72 ? 1.61831   -6.57169  9.27581   1.000 20.48140  ?  72  GLU A O   1 
ATOM   437 C CB  . GLU A 1 72 ? 4.10325   -8.30131  9.29373   1.000 18.49695  ?  72  GLU A CB  1 
ATOM   438 C CG  . GLU A 1 72 ? 5.11631   -7.39892  8.61989   1.000 21.42889  ?  72  GLU A CG  1 
ATOM   439 C CD  . GLU A 1 72 ? 5.70194   -8.04632  7.40187   1.000 27.54278  ?  72  GLU A CD  1 
ATOM   440 O OE1 . GLU A 1 72 ? 6.63348   -8.86101  7.57828   1.000 30.58261  ?  72  GLU A OE1 1 
ATOM   441 O OE2 . GLU A 1 72 ? 5.23152   -7.75710  6.28014   1.000 31.44851  -1 72  GLU A OE2 1 
ATOM   442 N N   . ALA A 1 73 ? 3.04365   -5.22899  10.40534  1.000 16.64936  ?  73  ALA A N   1 
ATOM   443 C CA  . ALA A 1 73 ? 2.41482   -3.96938  10.03048  1.000 14.22276  ?  73  ALA A CA  1 
ATOM   444 C C   . ALA A 1 73 ? 3.42206   -3.14310  9.24407   1.000 20.21821  ?  73  ALA A C   1 
ATOM   445 O O   . ALA A 1 73 ? 4.59773   -3.10132  9.59665   1.000 22.59218  ?  73  ALA A O   1 
ATOM   446 C CB  . ALA A 1 73 ? 1.96488   -3.18312  11.27902  1.000 17.58632  ?  73  ALA A CB  1 
ATOM   447 N N   . LYS A 1 74 ? 2.97195   -2.50570  8.17040   1.000 16.72043  ?  74  LYS A N   1 
ATOM   448 C CA  . LYS A 1 74 ? 3.80661   -1.57852  7.41636   1.000 17.13363  ?  74  LYS A CA  1 
ATOM   449 C C   . LYS A 1 74 ? 3.19795   -0.19573  7.59188   1.000 17.68896  ?  74  LYS A C   1 
ATOM   450 O O   . LYS A 1 74 ? 2.06514   0.05139   7.15078   1.000 20.01293  ?  74  LYS A O   1 
ATOM   451 C CB  . LYS A 1 74 ? 3.88970   -1.97618  5.94351   1.000 17.82582  ?  74  LYS A CB  1 
ATOM   452 C CG  . LYS A 1 74 ? 4.42777   -3.37584  5.77222   1.000 20.67353  ?  74  LYS A CG  1 
ATOM   453 C CD  . LYS A 1 74 ? 4.75210   -3.70563  4.32387   1.000 27.61121  ?  74  LYS A CD  1 
ATOM   454 C CE  . LYS A 1 74 ? 5.06358   -5.18746  4.19281   1.000 29.49564  ?  74  LYS A CE  1 
ATOM   455 N NZ  . LYS A 1 74 ? 5.19569   -5.58251  2.76995   1.000 35.55953  ?  74  LYS A NZ  1 
ATOM   456 N N   . VAL A 1 75 ? 3.93382   0.69160   8.25668   1.000 16.48882  ?  75  VAL A N   1 
ATOM   457 C CA  . VAL A 1 75 ? 3.46763   2.03520   8.56503   1.000 14.24644  ?  75  VAL A CA  1 
ATOM   458 C C   . VAL A 1 75 ? 4.39523   3.04316   7.88972   1.000 19.45496  ?  75  VAL A C   1 
ATOM   459 O O   . VAL A 1 75 ? 5.61248   2.99906   8.08519   1.000 17.79950  ?  75  VAL A O   1 
ATOM   460 C CB  . VAL A 1 75 ? 3.42099   2.27312   10.08403  1.000 20.04188  ?  75  VAL A CB  1 
ATOM   461 C CG1 . VAL A 1 75 ? 3.02927   3.71372   10.36396  1.000 21.91842  ?  75  VAL A CG1 1 
ATOM   462 C CG2 . VAL A 1 75 ? 2.44478   1.29790   10.73511  1.000 19.23652  ?  75  VAL A CG2 1 
ATOM   463 N N   . TRP A 1 76 ? 3.81595   3.94750   7.09602   1.000 18.68119  ?  76  TRP A N   1 
ATOM   464 C CA  . TRP A 1 76 ? 4.55839   5.04829   6.47015   1.000 16.77043  ?  76  TRP A CA  1 
ATOM   465 C C   . TRP A 1 76 ? 4.54520   6.26411   7.38734   1.000 19.49444  ?  76  TRP A C   1 
ATOM   466 O O   . TRP A 1 76 ? 3.47718   6.68620   7.84509   1.000 22.90275  ?  76  TRP A O   1 
ATOM   467 C CB  . TRP A 1 76 ? 3.90862   5.39711   5.13048   1.000 17.17048  ?  76  TRP A CB  1 
ATOM   468 C CG  . TRP A 1 76 ? 4.51764   6.50552   4.33111   1.000 20.71564  ?  76  TRP A CG  1 
ATOM   469 C CD1 . TRP A 1 76 ? 5.79466   7.00103   4.41216   1.000 22.12897  ?  76  TRP A CD1 1 
ATOM   470 C CD2 . TRP A 1 76 ? 3.86168   7.24679   3.30228   1.000 21.87104  ?  76  TRP A CD2 1 
ATOM   471 N NE1 . TRP A 1 76 ? 5.96898   8.00435   3.47043   1.000 18.52591  ?  76  TRP A NE1 1 
ATOM   472 C CE2 . TRP A 1 76 ? 4.78983   8.18126   2.79334   1.000 18.85489  ?  76  TRP A CE2 1 
ATOM   473 C CE3 . TRP A 1 76 ? 2.57150   7.21313   2.76190   1.000 22.30004  ?  76  TRP A CE3 1 
ATOM   474 C CZ2 . TRP A 1 76 ? 4.47109   9.06618   1.76691   1.000 24.75297  ?  76  TRP A CZ2 1 
ATOM   475 C CZ3 . TRP A 1 76 ? 2.25741   8.09833   1.74367   1.000 30.67473  ?  76  TRP A CZ3 1 
ATOM   476 C CH2 . TRP A 1 76 ? 3.20291   9.00890   1.25508   1.000 30.22468  ?  76  TRP A CH2 1 
ATOM   477 N N   . GLU A 1 77 ? 5.71784   6.83685   7.64857   1.000 20.39192  ?  77  GLU A N   1 
ATOM   478 C CA  . GLU A 1 77 ? 5.77689   8.03080   8.47188   1.000 20.48930  ?  77  GLU A CA  1 
ATOM   479 C C   . GLU A 1 77 ? 6.52560   9.14516   7.76513   1.000 23.22647  ?  77  GLU A C   1 
ATOM   480 O O   . GLU A 1 77 ? 7.56000   8.90842   7.12726   1.000 20.69985  ?  77  GLU A O   1 
ATOM   481 C CB  . GLU A 1 77 ? 6.43971   7.76121   9.82792   1.000 22.44216  ?  77  GLU A CB  1 
ATOM   482 C CG  . GLU A 1 77 ? 6.07757   8.85302   10.83021  1.000 27.22168  ?  77  GLU A CG  1 
ATOM   483 C CD  . GLU A 1 77 ? 6.85327   8.76831   12.12353  1.000 35.44899  ?  77  GLU A CD  1 
ATOM   484 O OE1 . GLU A 1 77 ? 8.03182   8.33634   12.12134  1.000 35.34634  ?  77  GLU A OE1 1 
ATOM   485 O OE2 . GLU A 1 77 ? 6.27300   9.17383   13.14710  1.000 42.05504  -1 77  GLU A OE2 1 
ATOM   486 N N   . LYS A 1 78 ? 6.00322   10.36902  7.90856   1.000 26.62161  ?  78  LYS A N   1 
ATOM   487 C CA  . LYS A 1 78 ? 6.68981   11.60971  7.55100   1.000 25.14512  ?  78  LYS A CA  1 
ATOM   488 C C   . LYS A 1 78 ? 6.64049   12.46866  8.80220   1.000 32.84604  ?  78  LYS A C   1 
ATOM   489 O O   . LYS A 1 78 ? 5.75420   13.33047  8.94552   1.000 31.29586  ?  78  LYS A O   1 
ATOM   490 C CB  . LYS A 1 78 ? 6.03365   12.30928  6.36243   1.000 25.42673  ?  78  LYS A CB  1 
ATOM   491 C CG  . LYS A 1 78 ? 6.11716   11.49074  5.07786   1.000 24.72665  ?  78  LYS A CG  1 
ATOM   492 C CD  . LYS A 1 78 ? 5.82505   12.33504  3.83956   1.000 31.03530  ?  78  LYS A CD  1 
ATOM   493 C CE  . LYS A 1 78 ? 4.37324   12.21448  3.44170   1.000 36.71230  ?  78  LYS A CE  1 
ATOM   494 N NZ  . LYS A 1 78 ? 4.05322   13.16000  2.32295   1.000 45.08698  ?  78  LYS A NZ  1 
ATOM   495 N N   . PRO A 1 79 ? 7.57579   12.27390  9.73623   1.000 31.40377  ?  79  PRO A N   1 
ATOM   496 C CA  . PRO A 1 79 ? 7.40732   12.85883  11.07284  1.000 34.88313  ?  79  PRO A CA  1 
ATOM   497 C C   . PRO A 1 79 ? 7.44634   14.37622  11.09262  1.000 36.33067  ?  79  PRO A C   1 
ATOM   498 O O   . PRO A 1 79 ? 6.76710   14.98182  11.93039  1.000 40.10744  ?  79  PRO A O   1 
ATOM   499 C CB  . PRO A 1 79 ? 8.57495   12.25692  11.86378  1.000 38.25195  ?  79  PRO A CB  1 
ATOM   500 C CG  . PRO A 1 79 ? 9.58099   11.86688  10.82563  1.000 38.43619  ?  79  PRO A CG  1 
ATOM   501 C CD  . PRO A 1 79 ? 8.79045   11.44901  9.62907   1.000 29.06401  ?  79  PRO A CD  1 
ATOM   502 N N   . TRP A 1 80 ? 8.23015   15.01104  10.21536  1.000 38.90730  ?  80  TRP A N   1 
ATOM   503 C CA  . TRP A 1 80 ? 8.26440   16.46712  10.16978  1.000 35.56479  ?  80  TRP A CA  1 
ATOM   504 C C   . TRP A 1 80 ? 6.92348   17.06521  9.78220   1.000 43.09201  ?  80  TRP A C   1 
ATOM   505 O O   . TRP A 1 80 ? 6.72848   18.27365  9.95216   1.000 42.74986  ?  80  TRP A O   1 
ATOM   506 C CB  . TRP A 1 80 ? 9.32895   16.94735  9.18792   1.000 36.42279  ?  80  TRP A CB  1 
ATOM   507 C CG  . TRP A 1 80 ? 9.02008   16.64359  7.76394   1.000 33.93038  ?  80  TRP A CG  1 
ATOM   508 C CD1 . TRP A 1 80 ? 8.43492   17.47185  6.84563   1.000 36.05959  ?  80  TRP A CD1 1 
ATOM   509 C CD2 . TRP A 1 80 ? 9.28341   15.41534  7.08556   1.000 31.13531  ?  80  TRP A CD2 1 
ATOM   510 N NE1 . TRP A 1 80 ? 8.33159   16.83295  5.63279   1.000 38.28091  ?  80  TRP A NE1 1 
ATOM   511 C CE2 . TRP A 1 80 ? 8.84247   15.56834  5.75638   1.000 36.44911  ?  80  TRP A CE2 1 
ATOM   512 C CE3 . TRP A 1 80 ? 9.88270   14.21580  7.46226   1.000 29.80357  ?  80  TRP A CE3 1 
ATOM   513 C CZ2 . TRP A 1 80 ? 8.96001   14.55206  4.81326   1.000 35.06999  ?  80  TRP A CZ2 1 
ATOM   514 C CZ3 . TRP A 1 80 ? 9.99210   13.20450  6.52750   1.000 27.65595  ?  80  TRP A CZ3 1 
ATOM   515 C CH2 . TRP A 1 80 ? 9.53682   13.37893  5.22039   1.000 28.67975  ?  80  TRP A CH2 1 
ATOM   516 N N   . MET A 1 81 ? 6.01405   16.25919  9.24430   1.000 39.18628  ?  81  MET A N   1 
ATOM   517 C CA  . MET A 1 81 ? 4.65763   16.67095  8.91452   1.000 39.83109  ?  81  MET A CA  1 
ATOM   518 C C   . MET A 1 81 ? 3.62872   16.13408  9.88755   1.000 39.93637  ?  81  MET A C   1 
ATOM   519 O O   . MET A 1 81 ? 2.43494   16.34208  9.66016   1.000 44.88433  ?  81  MET A O   1 
ATOM   520 C CB  . MET A 1 81 ? 4.24779   16.16986  7.52850   1.000 44.43427  ?  81  MET A CB  1 
ATOM   521 C CG  . MET A 1 81 ? 4.90017   16.77283  6.33900   1.000 52.26153  ?  81  MET A CG  1 
ATOM   522 S SD  . MET A 1 81 ? 4.18959   15.86416  4.95548   1.000 50.32709  ?  81  MET A SD  1 
ATOM   523 C CE  . MET A 1 81 ? 2.44042   16.10686  5.27967   1.000 52.27995  ?  81  MET A CE  1 
ATOM   524 N N   . ASN A 1 82 ? 4.04917   15.39000  10.91288  1.000 39.71266  ?  82  ASN A N   1 
ATOM   525 C CA  . ASN A 1 82 ? 3.13372   14.68045  11.80870  1.000 49.45856  ?  82  ASN A CA  1 
ATOM   526 C C   . ASN A 1 82 ? 2.19456   13.75438  11.02876  1.000 48.38738  ?  82  ASN A C   1 
ATOM   527 O O   . ASN A 1 82 ? 1.01954   13.58952  11.37040  1.000 49.82176  ?  82  ASN A O   1 
ATOM   528 C CB  . ASN A 1 82 ? 2.35166   15.66317  12.68756  1.000 53.93805  ?  82  ASN A CB  1 
ATOM   529 C CG  . ASN A 1 82 ? 3.26310   16.60711  13.45716  1.000 59.49924  ?  82  ASN A CG  1 
ATOM   530 O OD1 . ASN A 1 82 ? 4.17895   16.16955  14.15867  1.000 66.95540  ?  82  ASN A OD1 1 
ATOM   531 N ND2 . ASN A 1 82 ? 3.01213   17.90635  13.33396  1.000 60.35197  ?  82  ASN A ND2 1 
ATOM   532 N N   . PHE A 1 83 ? 2.72877   13.12158  9.98721   1.000 37.70452  ?  83  PHE A N   1 
ATOM   533 C CA  . PHE A 1 83 ? 1.96581   12.25020  9.10659   1.000 28.85872  ?  83  PHE A CA  1 
ATOM   534 C C   . PHE A 1 83 ? 2.32287   10.78665  9.35935   1.000 27.30064  ?  83  PHE A C   1 
ATOM   535 O O   . PHE A 1 83 ? 3.50043   10.43207  9.49344   1.000 27.60068  ?  83  PHE A O   1 
ATOM   536 C CB  . PHE A 1 83 ? 2.23562   12.62690  7.64246   1.000 29.91938  ?  83  PHE A CB  1 
ATOM   537 C CG  . PHE A 1 83 ? 1.67675   11.64493  6.63211   1.000 28.81661  ?  83  PHE A CG  1 
ATOM   538 C CD1 . PHE A 1 83 ? 0.41703   11.83120  6.09150   1.000 32.18281  ?  83  PHE A CD1 1 
ATOM   539 C CD2 . PHE A 1 83 ? 2.42602   10.55365  6.21043   1.000 27.42960  ?  83  PHE A CD2 1 
ATOM   540 C CE1 . PHE A 1 83 ? -0.09109  10.94082  5.16546   1.000 31.77486  ?  83  PHE A CE1 1 
ATOM   541 C CE2 . PHE A 1 83 ? 1.91316   9.65953   5.27842   1.000 31.61695  ?  83  PHE A CE2 1 
ATOM   542 C CZ  . PHE A 1 83 ? 0.65493   9.85450   4.76840   1.000 30.00360  ?  83  PHE A CZ  1 
ATOM   543 N N   . LYS A 1 84 ? 1.30294   9.93468   9.44682   1.000 26.80585  ?  84  LYS A N   1 
ATOM   544 C CA  . LYS A 1 84 ? 1.53917   8.49731   9.45316   1.000 25.94522  ?  84  LYS A CA  1 
ATOM   545 C C   . LYS A 1 84 ? 0.34703   7.81190   8.80037   1.000 26.88743  ?  84  LYS A C   1 
ATOM   546 O O   . LYS A 1 84 ? -0.77220  8.33137   8.82029   1.000 29.81410  ?  84  LYS A O   1 
ATOM   547 C CB  . LYS A 1 84 ? 1.78119   7.94695   10.85956  1.000 28.87978  ?  84  LYS A CB  1 
ATOM   548 C CG  . LYS A 1 84 ? 0.72697   8.34940   11.87284  1.000 30.01676  ?  84  LYS A CG  1 
ATOM   549 C CD  . LYS A 1 84 ? 1.12093   7.93326   13.27263  1.000 30.31942  ?  84  LYS A CD  1 
ATOM   550 C CE  . LYS A 1 84 ? 0.07969   8.37559   14.29585  1.000 34.49887  ?  84  LYS A CE  1 
ATOM   551 N NZ  . LYS A 1 84 ? -0.02581  9.85582   14.44052  1.000 33.36189  ?  84  LYS A NZ  1 
ATOM   552 N N   . GLU A 1 85 ? 0.60064   6.65759   8.19394   1.000 22.86064  ?  85  GLU A N   1 
ATOM   553 C CA  . GLU A 1 85 ? -0.44005  5.97049   7.44218   1.000 21.59733  ?  85  GLU A CA  1 
ATOM   554 C C   . GLU A 1 85 ? -0.15093  4.47773   7.44532   1.000 22.21582  ?  85  GLU A C   1 
ATOM   555 O O   . GLU A 1 85 ? 0.93297   4.05557   7.04038   1.000 21.60259  ?  85  GLU A O   1 
ATOM   556 C CB  . GLU A 1 85 ? -0.50565  6.51283   6.01247   1.000 23.05013  ?  85  GLU A CB  1 
ATOM   557 C CG  . GLU A 1 85 ? -1.55117  5.88428   5.13328   1.000 28.34024  ?  85  GLU A CG  1 
ATOM   558 C CD  . GLU A 1 85 ? -1.52871  6.46421   3.71776   1.000 31.49588  ?  85  GLU A CD  1 
ATOM   559 O OE1 . GLU A 1 85 ? -2.23727  7.46480   3.46003   1.000 39.32577  ?  85  GLU A OE1 1 
ATOM   560 O OE2 . GLU A 1 85 ? -0.79930  5.92015   2.86695   1.000 33.04607  -1 85  GLU A OE2 1 
ATOM   561 N N   . LEU A 1 86 ? -1.12087  3.67860   7.89245   1.000 20.62353  ?  86  LEU A N   1 
ATOM   562 C CA  . LEU A 1 86 ? -0.98482  2.23210   7.81101   1.000 19.98661  ?  86  LEU A CA  1 
ATOM   563 C C   . LEU A 1 86 ? -1.14098  1.77463   6.37237   1.000 22.65008  ?  86  LEU A C   1 
ATOM   564 O O   . LEU A 1 86 ? -2.15598  2.06065   5.73295   1.000 24.50820  ?  86  LEU A O   1 
ATOM   565 C CB  . LEU A 1 86 ? -2.03214  1.53757   8.69138   1.000 19.48392  ?  86  LEU A CB  1 
ATOM   566 C CG  . LEU A 1 86 ? -1.95781  0.00923   8.65694   1.000 19.37074  ?  86  LEU A CG  1 
ATOM   567 C CD1 . LEU A 1 86 ? -0.70827  -0.47849  9.33037   1.000 20.71038  ?  86  LEU A CD1 1 
ATOM   568 C CD2 . LEU A 1 86 ? -3.17513  -0.60358  9.35942   1.000 22.30004  ?  86  LEU A CD2 1 
ATOM   569 N N   . GLN A 1 87 ? -0.13877  1.04872   5.86678   1.000 21.61312  ?  87  GLN A N   1 
ATOM   570 C CA  . GLN A 1 87 ? -0.13077  0.55890   4.49120   1.000 25.21355  ?  87  GLN A CA  1 
ATOM   571 C C   . GLN A 1 87 ? -0.59143  -0.88387  4.37291   1.000 24.70559  ?  87  GLN A C   1 
ATOM   572 O O   . GLN A 1 87 ? -1.22586  -1.25516  3.37831   1.000 26.34790  ?  87  GLN A O   1 
ATOM   573 C CB  . GLN A 1 87 ? 1.27568   0.65608   3.88171   1.000 21.32361  ?  87  GLN A CB  1 
ATOM   574 C CG  . GLN A 1 87 ? 1.94496   2.01410   3.93295   1.000 26.01891  ?  87  GLN A CG  1 
ATOM   575 C CD  . GLN A 1 87 ? 1.20693   3.06867   3.17294   1.000 34.95419  ?  87  GLN A CD  1 
ATOM   576 O OE1 . GLN A 1 87 ? 1.17798   3.06820   1.94408   1.000 41.40760  ?  87  GLN A OE1 1 
ATOM   577 N NE2 . GLN A 1 87 ? 0.60711   3.99290   3.89967   1.000 34.90945  ?  87  GLN A NE2 1 
ATOM   578 N N   . GLU A 1 88 ? -0.25947  -1.70800  5.35976   1.000 21.01568  ?  88  GLU A N   1 
ATOM   579 C CA  . GLU A 1 88 ? -0.50433  -3.13466  5.27035   1.000 24.38187  ?  88  GLU A CA  1 
ATOM   580 C C   . GLU A 1 88 ? -0.47395  -3.70357  6.68230   1.000 22.31847  ?  88  GLU A C   1 
ATOM   581 O O   . GLU A 1 88 ? 0.24822   -3.20353  7.54363   1.000 20.28664  ?  88  GLU A O   1 
ATOM   582 C CB  . GLU A 1 88 ? 0.55388   -3.79150  4.39038   1.000 28.83504  ?  88  GLU A CB  1 
ATOM   583 C CG  . GLU A 1 88 ? 0.25566   -5.18886  3.95180   1.000 47.62150  ?  88  GLU A CG  1 
ATOM   584 C CD  . GLU A 1 88 ? 1.37551   -5.73296  3.09701   1.000 60.53094  ?  88  GLU A CD  1 
ATOM   585 O OE1 . GLU A 1 88 ? 1.72284   -6.92802  3.25341   1.000 66.98698  ?  88  GLU A OE1 1 
ATOM   586 O OE2 . GLU A 1 88 ? 1.91952   -4.94369  2.28695   1.000 53.54853  -1 88  GLU A OE2 1 
ATOM   587 N N   . PHE A 1 89 ? -1.27974  -4.73708  6.91997   1.000 22.70535  ?  89  PHE A N   1 
ATOM   588 C CA  . PHE A 1 89 ? -1.32230  -5.36104  8.24228   1.000 19.88659  ?  89  PHE A CA  1 
ATOM   589 C C   . PHE A 1 89 ? -1.74508  -6.80504  8.03234   1.000 20.31033  ?  89  PHE A C   1 
ATOM   590 O O   . PHE A 1 89 ? -2.83223  -7.04562  7.50295   1.000 23.73442  ?  89  PHE A O   1 
ATOM   591 C CB  . PHE A 1 89 ? -2.30716  -4.63386  9.16576   1.000 18.75751  ?  89  PHE A CB  1 
ATOM   592 C CG  . PHE A 1 89 ? -2.17895  -5.01291  10.62438  1.000 19.47602  ?  89  PHE A CG  1 
ATOM   593 C CD1 . PHE A 1 89 ? -1.57652  -4.15536  11.52938  1.000 20.38929  ?  89  PHE A CD1 1 
ATOM   594 C CD2 . PHE A 1 89 ? -2.70018  -6.23019  11.08951  1.000 23.73706  ?  89  PHE A CD2 1 
ATOM   595 C CE1 . PHE A 1 89 ? -1.46001  -4.50145  12.86899  1.000 21.03410  ?  89  PHE A CE1 1 
ATOM   596 C CE2 . PHE A 1 89 ? -2.58407  -6.58469  12.41962  1.000 21.28939  ?  89  PHE A CE2 1 
ATOM   597 C CZ  . PHE A 1 89 ? -1.95598  -5.70981  13.31250  1.000 19.93923  ?  89  PHE A CZ  1 
ATOM   598 N N   . LYS A 1 90 ? -0.89519  -7.76075  8.41229   1.000 21.53153  ?  90  LYS A N   1 
ATOM   599 C CA  . LYS A 1 90 ? -1.21759  -9.16057  8.18552   1.000 23.18436  ?  90  LYS A CA  1 
ATOM   600 C C   . LYS A 1 90 ? -0.81107  -10.02116 9.37043   1.000 19.35232  ?  90  LYS A C   1 
ATOM   601 O O   . LYS A 1 90 ? 0.11462   -9.70427  10.11882  1.000 23.88707  ?  90  LYS A O   1 
ATOM   602 C CB  . LYS A 1 90 ? -0.55677  -9.71218  6.90811   1.000 28.01125  ?  90  LYS A CB  1 
ATOM   603 C CG  . LYS A 1 90 ? 0.95103   -9.86104  6.98303   1.000 28.86662  ?  90  LYS A CG  1 
ATOM   604 C CD  . LYS A 1 90 ? 1.51636   -10.36231 5.65122   1.000 41.25231  ?  90  LYS A CD  1 
ATOM   605 C CE  . LYS A 1 90 ? 2.95902   -10.83687 5.80114   1.000 47.16881  ?  90  LYS A CE  1 
ATOM   606 N NZ  . LYS A 1 90 ? 3.71139   -10.87417 4.50457   1.000 49.35065  ?  90  LYS A NZ  1 
ATOM   607 N N   . LEU A 1 91 ? -1.53476  -11.12166 9.51660   1.000 21.41046  ?  91  LEU A N   1 
ATOM   608 C CA  . LEU A 1 91 ? -1.17861  -12.15397 10.46904  1.000 19.14177  ?  91  LEU A CA  1 
ATOM   609 C C   . LEU A 1 91 ? 0.03905   -12.91171 9.97342   1.000 25.27145  ?  91  LEU A C   1 
ATOM   610 O O   . LEU A 1 91 ? 0.08172   -13.34094 8.81493   1.000 26.88480  ?  91  LEU A O   1 
ATOM   611 C CB  . LEU A 1 91 ? -2.35577  -13.11943 10.62875  1.000 21.48152  ?  91  LEU A CB  1 
ATOM   612 C CG  . LEU A 1 91 ? -2.15518  -14.37077 11.46989  1.000 25.54517  ?  91  LEU A CG  1 
ATOM   613 C CD1 . LEU A 1 91 ? -1.97558  -13.97311 12.94052  1.000 21.74208  ?  91  LEU A CD1 1 
ATOM   614 C CD2 . LEU A 1 91 ? -3.33137  -15.32318 11.28474  1.000 28.32445  ?  91  LEU A CD2 1 
ATOM   615 N N   . ILE A 1 92 ? 1.02766   -13.07133 10.84815  1.000 22.74220  ?  92  ILE A N   1 
ATOM   616 C CA  . ILE A 1 92 ? 2.11095   -14.01695 10.60212  1.000 21.50521  ?  92  ILE A CA  1 
ATOM   617 C C   . ILE A 1 92 ? 1.76921   -15.39870 11.13265  1.000 21.91315  ?  92  ILE A C   1 
ATOM   618 O O   . ILE A 1 92 ? 1.83918   -16.39157 10.40669  1.000 25.67413  ?  92  ILE A O   1 
ATOM   619 C CB  . ILE A 1 92 ? 3.42234   -13.50010 11.21880  1.000 21.20517  ?  92  ILE A CB  1 
ATOM   620 C CG1 . ILE A 1 92 ? 3.84233   -12.19777 10.54327  1.000 24.13184  ?  92  ILE A CG1 1 
ATOM   621 C CG2 . ILE A 1 92 ? 4.50271   -14.56972 11.11525  1.000 26.73215  ?  92  ILE A CG2 1 
ATOM   622 C CD1 . ILE A 1 92 ? 4.22235   -12.35231 9.09468   1.000 34.19094  ?  92  ILE A CD1 1 
ATOM   623 N N   . GLY A 1 93 ? 1.37792   -15.49175 12.39351  1.000 21.69734  ?  93  GLY A N   1 
ATOM   624 C CA  . GLY A 1 93 ? 0.98989   -16.77772 12.93687  1.000 23.09751  ?  93  GLY A CA  1 
ATOM   625 C C   . GLY A 1 93 ? 0.84237   -16.70348 14.43945  1.000 25.92416  ?  93  GLY A C   1 
ATOM   626 O O   . GLY A 1 93 ? 1.01693   -15.65184 15.05625  1.000 23.20805  ?  93  GLY A O   1 
ATOM   627 N N   . ASP A 1 94 ? 0.49954   -17.85403 15.00683  1.000 29.34036  ?  94  ASP A N   1 
ATOM   628 C CA  . ASP A 1 94 ? 0.35964   -17.99572 16.44675  1.000 26.93481  ?  94  ASP A CA  1 
ATOM   629 C C   . ASP A 1 94 ? 1.71487   -17.90043 17.12616  1.000 28.83504  ?  94  ASP A C   1 
ATOM   630 O O   . ASP A 1 94 ? 2.72570   -18.38830 16.60921  1.000 29.53249  ?  94  ASP A O   1 
ATOM   631 C CB  . ASP A 1 94 ? -0.25372  -19.35612 16.79417  1.000 29.66671  ?  94  ASP A CB  1 
ATOM   632 C CG  . ASP A 1 94 ? -1.73012  -19.44507 16.48448  1.000 35.36477  ?  94  ASP A CG  1 
ATOM   633 O OD1 . ASP A 1 94 ? -2.35544  -18.42354 16.13651  1.000 38.66253  ?  94  ASP A OD1 1 
ATOM   634 O OD2 . ASP A 1 94 ? -2.26701  -20.56547 16.59954  1.000 45.50019  -1 94  ASP A OD2 1 
ATOM   635 N N   . ALA A 1 95 ? 1.72602   -17.30200 18.31080  1.000 25.56359  ?  95  ALA A N   1 
ATOM   636 C CA  . ALA A 1 95 ? 2.84603   -17.48665 19.21365  1.000 30.43786  ?  95  ALA A CA  1 
ATOM   637 C C   . ALA A 1 95 ? 2.79959   -18.90592 19.79091  1.000 31.00372  ?  95  ALA A C   1 
ATOM   638 O O   . ALA A 1 95 ? 1.76571   -19.58018 19.72064  1.000 30.07729  ?  95  ALA A O   1 
ATOM   639 C CB  . ALA A 1 95 ? 2.80712   -16.43774 20.32736  1.000 31.45904  ?  95  ALA A CB  1 
ATOM   640 N N   . PRO A 1 96 ? 3.91152   -19.39024 20.35313  1.000 30.28784  ?  96  PRO A N   1 
ATOM   641 C CA  . PRO A 1 96 ? 3.92584   -20.76392 20.87773  1.000 34.19621  ?  96  PRO A CA  1 
ATOM   642 C C   . PRO A 1 96 ? 2.88847   -20.97936 21.97463  1.000 37.92823  ?  96  PRO A C   1 
ATOM   643 O O   . PRO A 1 96 ? 2.58712   -20.08293 22.76463  1.000 40.63382  ?  96  PRO A O   1 
ATOM   644 C CB  . PRO A 1 96 ? 5.35048   -20.92127 21.42020  1.000 35.22791  ?  96  PRO A CB  1 
ATOM   645 C CG  . PRO A 1 96 ? 6.15760   -19.97486 20.61762  1.000 32.60128  ?  96  PRO A CG  1 
ATOM   646 C CD  . PRO A 1 96 ? 5.27096   -18.82461 20.25541  1.000 26.31368  ?  96  PRO A CD  1 
ATOM   647 N N   . SER A 1 97 ? 2.34420   -22.19492 22.00439  1.000 43.91579  ?  97  SER A N   1 
ATOM   648 C CA  . SER A 1 97 ? 1.31162   -22.58482 22.95954  1.000 49.33749  ?  97  SER A CA  1 
ATOM   649 C C   . SER A 1 97 ? 1.92093   -22.96666 24.30174  1.000 58.13065  ?  97  SER A C   1 
ATOM   650 O O   . SER A 1 97 ? 2.78557   -22.26258 24.82145  1.000 61.25998  ?  97  SER A O   1 
ATOM   651 C CB  . SER A 1 97 ? 0.49248   -23.75104 22.40601  1.000 48.47686  ?  97  SER A CB  1 
HETATM 652 C C   . TAM B 2 .  ? -4.88443  -4.02525  4.60816   1.000 45.49000  ?  201 TAM A C   1 
HETATM 653 C C1  . TAM B 2 .  ? -4.44801  -3.06853  3.48070   1.000 42.74000  ?  201 TAM A C1  1 
HETATM 654 C C2  . TAM B 2 .  ? -3.74737  -5.06836  4.81914   1.000 39.31000  ?  201 TAM A C2  1 
HETATM 655 C C3  . TAM B 2 .  ? -5.08640  -3.20417  5.93181   1.000 44.73000  ?  201 TAM A C3  1 
HETATM 656 C C4  . TAM B 2 .  ? -3.63935  -3.81211  2.42166   1.000 42.57000  ?  201 TAM A C4  1 
HETATM 657 C C5  . TAM B 2 .  ? -4.30757  -6.53471  4.78958   1.000 52.93000  ?  201 TAM A C5  1 
HETATM 658 C C6  . TAM B 2 .  ? -5.62029  -4.06223  7.12196   1.000 35.01000  ?  201 TAM A C6  1 
HETATM 659 N N   . TAM B 2 .  ? -6.10313  -4.69848  4.23733   1.000 43.36000  ?  201 TAM A N   1 
HETATM 660 O O4  . TAM B 2 .  ? -3.78700  -3.10724  1.21255   1.000 50.94000  ?  201 TAM A O4  1 
HETATM 661 O O5  . TAM B 2 .  ? -4.63887  -6.87631  6.08938   1.000 40.47000  ?  201 TAM A O5  1 
HETATM 662 O O6  . TAM B 2 .  ? -5.64604  -3.23718  8.24197   1.000 31.15000  ?  201 TAM A O6  1 
HETATM 663 S S   . SO4 C 3 .  ? 3.70330   4.69456   -0.63709  0.5   147.75000 ?  202 SO4 A S   1 
HETATM 664 O O1  . SO4 C 3 .  ? 3.96312   3.26262   -0.77758  0.5   148.50000 ?  202 SO4 A O1  1 
HETATM 665 O O2  . SO4 C 3 .  ? 4.75635   4.65481   0.37381   0.5   147.60000 ?  202 SO4 A O2  1 
HETATM 666 O O3  . SO4 C 3 .  ? 4.05938   5.67988   -1.65339  0.5   147.60000 ?  202 SO4 A O3  1 
HETATM 667 O O4  . SO4 C 3 .  ? 2.47583   5.47416   -0.49236  0.5   148.51000 ?  202 SO4 A O4  1 
HETATM 668 S S   . SO4 D 3 .  ? 10.01296  7.44047   15.18387  1.000 54.09000  ?  203 SO4 A S   1 
HETATM 669 O O1  . SO4 D 3 .  ? 10.04624  6.26493   14.32001  1.000 67.80000  ?  203 SO4 A O1  1 
HETATM 670 O O2  . SO4 D 3 .  ? 11.06632  7.29808   16.19052  1.000 67.28000  ?  203 SO4 A O2  1 
HETATM 671 O O3  . SO4 D 3 .  ? 10.21546  8.64810   14.38829  1.000 60.65000  ?  203 SO4 A O3  1 
HETATM 672 O O4  . SO4 D 3 .  ? 8.71050   7.53655   15.84507  1.000 62.31000  ?  203 SO4 A O4  1 
HETATM 673 S S   . SO4 E 3 .  ? -4.87224  5.01309   7.34395   1.000 110.59000 ?  204 SO4 A S   1 
HETATM 674 O O1  . SO4 E 3 .  ? -4.43294  4.56850   6.02527   1.000 111.71000 ?  204 SO4 A O1  1 
HETATM 675 O O2  . SO4 E 3 .  ? -3.76256  4.92108   8.29041   1.000 110.06000 ?  204 SO4 A O2  1 
HETATM 676 O O3  . SO4 E 3 .  ? -5.33286  6.39849   7.25858   1.000 109.88000 ?  204 SO4 A O3  1 
HETATM 677 O O4  . SO4 E 3 .  ? -5.96614  4.15640   7.79579   1.000 109.99000 ?  204 SO4 A O4  1 
HETATM 678 O O   . HOH F 4 .  ? -0.90621  -3.31454  -22.02357 1.000 35.33000  ?  301 HOH A O   1 
HETATM 679 O O   . HOH F 4 .  ? -5.78967  -8.75183  6.65530   1.000 43.98000  ?  302 HOH A O   1 
HETATM 680 O O   . HOH F 4 .  ? -3.12595  -17.97057 14.01467  1.000 43.23000  ?  303 HOH A O   1 
HETATM 681 O O   . HOH F 4 .  ? 4.68353   12.22863  0.21779   1.000 33.91000  ?  304 HOH A O   1 
HETATM 682 O O   . HOH F 4 .  ? 5.70777   -11.43646 24.71445  1.000 47.55000  ?  305 HOH A O   1 
HETATM 683 O O   . HOH F 4 .  ? 0.35475   -4.51319  -16.18430 1.000 25.28000  ?  306 HOH A O   1 
HETATM 684 O O   . HOH F 4 .  ? -9.76513  4.21548   -26.52649 1.000 41.23000  ?  307 HOH A O   1 
HETATM 685 O O   . HOH F 4 .  ? -12.01119 2.32934   -27.39616 1.000 39.65000  ?  308 HOH A O   1 
HETATM 686 O O   . HOH F 4 .  ? 7.39896   14.16154  0.19095   1.000 52.76000  ?  309 HOH A O   1 
HETATM 687 O O   . HOH F 4 .  ? 10.70143  9.22950   8.28157   1.000 35.26000  ?  310 HOH A O   1 
HETATM 688 O O   . HOH F 4 .  ? 4.16854   -20.52927 16.50607  1.000 23.53000  ?  311 HOH A O   1 
HETATM 689 O O   . HOH F 4 .  ? -7.20598  -11.21892 -13.91343 1.000 43.14000  ?  312 HOH A O   1 
HETATM 690 O O   . HOH F 4 .  ? -6.06949  -12.22393 14.30944  1.000 35.51000  ?  313 HOH A O   1 
HETATM 691 O O   . HOH F 4 .  ? -7.52940  16.61199  -13.30889 1.000 31.69000  ?  314 HOH A O   1 
HETATM 692 O O   . HOH F 4 .  ? -10.33502 -10.63660 20.27783  1.000 36.78000  ?  315 HOH A O   1 
HETATM 693 O O   . HOH F 4 .  ? 9.86184   -6.72375  10.79682  1.000 25.94000  ?  316 HOH A O   1 
HETATM 694 O O   . HOH F 4 .  ? 13.62147  5.89950   12.82634  1.000 57.30000  ?  317 HOH A O   1 
HETATM 695 O O   . HOH F 4 .  ? 6.94910   -10.04887 10.24446  1.000 31.25000  ?  318 HOH A O   1 
HETATM 696 O O   . HOH F 4 .  ? 5.54055   -14.72238 20.50721  1.000 23.43000  ?  319 HOH A O   1 
HETATM 697 O O   . HOH F 4 .  ? -5.42123  -3.36523  -20.55917 1.000 28.14000  ?  320 HOH A O   1 
HETATM 698 O O   . HOH F 4 .  ? -13.10923 -1.09527  -9.81583  1.000 56.37000  ?  321 HOH A O   1 
HETATM 699 O O   . HOH F 4 .  ? 1.32986   -17.89593 23.87139  1.000 58.71000  ?  322 HOH A O   1 
HETATM 700 O O   . HOH F 4 .  ? -14.42535 -1.26146  -23.26947 1.000 41.30000  ?  323 HOH A O   1 
HETATM 701 O O   . HOH F 4 .  ? -3.13027  13.97719  -23.99606 1.000 41.97000  ?  324 HOH A O   1 
HETATM 702 O O   . HOH F 4 .  ? 6.48117   -11.12800 5.95837   1.000 35.64000  ?  325 HOH A O   1 
HETATM 703 O O   . HOH F 4 .  ? 10.42465  8.59167   10.68543  1.000 36.89000  ?  326 HOH A O   1 
HETATM 704 O O   . HOH F 4 .  ? -0.34546  19.60694  -13.41343 1.000 49.50000  ?  327 HOH A O   1 
HETATM 705 O O   . HOH F 4 .  ? -3.92077  8.53366   5.45958   1.000 50.18000  ?  328 HOH A O   1 
HETATM 706 O O   . HOH F 4 .  ? -7.97234  -11.03035 23.63787  1.000 55.46000  ?  329 HOH A O   1 
HETATM 707 O O   . HOH F 4 .  ? -6.12131  0.27697   -22.31897 1.000 22.20000  ?  330 HOH A O   1 
HETATM 708 O O   . HOH F 4 .  ? -3.38926  9.54249   -26.38799 1.000 52.51000  ?  331 HOH A O   1 
HETATM 709 O O   . HOH F 4 .  ? -3.64114  -5.42871  -18.74780 1.000 26.85000  ?  332 HOH A O   1 
HETATM 710 O O   . HOH F 4 .  ? 10.53424  15.57598  1.70512   1.000 31.37000  ?  333 HOH A O   1 
HETATM 711 O O   . HOH F 4 .  ? -10.96118 -13.47691 17.11556  1.000 44.29000  ?  334 HOH A O   1 
HETATM 712 O O   . HOH F 4 .  ? 8.18042   16.27120  -8.56222  1.000 36.00000  ?  335 HOH A O   1 
HETATM 713 O O   . HOH F 4 .  ? 0.68184   14.89303  -18.18835 1.000 44.02000  ?  336 HOH A O   1 
HETATM 714 O O   . HOH F 4 .  ? 2.03890   11.83806  13.85804  1.000 51.36000  ?  337 HOH A O   1 
HETATM 715 O O   . HOH F 4 .  ? -12.06244 -3.55153  -5.26846  1.000 58.35000  ?  338 HOH A O   1 
HETATM 716 O O   . HOH F 4 .  ? -1.77706  8.13407   -27.50044 1.000 54.11000  ?  339 HOH A O   1 
HETATM 717 O O   . HOH F 4 .  ? 0.45392   -20.47741 13.64253  1.000 38.92000  ?  340 HOH A O   1 
HETATM 718 O O   . HOH F 4 .  ? -5.37911  -17.09870 13.89943  1.000 37.91000  ?  341 HOH A O   1 
HETATM 719 O O   . HOH F 4 .  ? 2.47984   -6.27876  6.42430   1.000 29.52000  ?  342 HOH A O   1 
HETATM 720 O O   . HOH F 4 .  ? -13.61331 0.52403   -13.10403 1.000 31.96000  ?  343 HOH A O   1 
HETATM 721 O O   . HOH F 4 .  ? -0.96116  -3.84940  0.43307   1.000 57.11000  ?  344 HOH A O   1 
HETATM 722 O O   . HOH F 4 .  ? -1.28231  -17.20716 24.09549  1.000 40.72000  ?  345 HOH A O   1 
HETATM 723 O O   . HOH F 4 .  ? -1.93570  10.57119  -23.67786 1.000 24.35000  ?  346 HOH A O   1 
HETATM 724 O O   . HOH F 4 .  ? 5.76107   -15.60442 23.06904  1.000 39.82000  ?  347 HOH A O   1 
HETATM 725 O O   . HOH F 4 .  ? -3.90597  -11.40362 7.61107   1.000 31.91000  ?  348 HOH A O   1 
HETATM 726 O O   . HOH F 4 .  ? -0.15168  -7.67190  -11.22121 1.000 55.88000  ?  349 HOH A O   1 
HETATM 727 O O   . HOH F 4 .  ? -1.37712  11.40067  9.79635   1.000 37.42000  ?  350 HOH A O   1 
HETATM 728 O O   . HOH F 4 .  ? 0.05579   9.56362   -1.03855  1.000 54.47000  ?  351 HOH A O   1 
HETATM 729 O O   . HOH F 4 .  ? 4.09113   11.24855  12.40471  1.000 47.94000  ?  352 HOH A O   1 
HETATM 730 O O   . HOH F 4 .  ? 2.25554   18.77421  -10.11490 1.000 39.68000  ?  353 HOH A O   1 
HETATM 731 O O   . HOH F 4 .  ? 5.61544   15.82905  1.82790   1.000 45.68000  ?  354 HOH A O   1 
HETATM 732 O O   . HOH F 4 .  ? -4.93048  5.05966   -27.24876 1.000 43.24000  ?  355 HOH A O   1 
HETATM 733 O O   . HOH F 4 .  ? -1.38880  10.22450  -2.92705  1.000 50.80000  ?  356 HOH A O   1 
HETATM 734 O O   . HOH F 4 .  ? 9.78371   13.96697  -12.75837 1.000 43.28000  ?  357 HOH A O   1 
HETATM 735 O O   . HOH F 4 .  ? -10.98193 -11.06615 -11.37786 1.000 47.67000  ?  358 HOH A O   1 
HETATM 736 O O   . HOH F 4 .  ? -6.59907  -14.89648 12.92746  1.000 48.05000  ?  359 HOH A O   1 
HETATM 737 O O   . HOH F 4 .  ? 0.33185   13.65740  2.45584   1.000 45.09000  ?  360 HOH A O   1 
HETATM 738 O O   . HOH F 4 .  ? 12.80886  9.55229   11.63895  1.000 49.04000  ?  361 HOH A O   1 
HETATM 739 O O   . HOH F 4 .  ? -14.06764 1.38897   -11.01030 1.000 50.74000  ?  362 HOH A O   1 
HETATM 740 O O   . HOH F 4 .  ? 2.54900   18.72478  -16.12772 1.000 53.48000  ?  363 HOH A O   1 
HETATM 741 O O   . HOH F 4 .  ? 7.31631   -13.17592 7.58536   1.000 55.56000  ?  364 HOH A O   1 
HETATM 742 O O   . HOH F 4 .  ? 8.15419   -12.62915 10.35913  1.000 40.66000  ?  365 HOH A O   1 
HETATM 743 O O   . HOH F 4 .  ? 3.96211   -0.95602  2.31439   1.000 39.90000  ?  366 HOH A O   1 
HETATM 744 O O   . HOH F 4 .  ? 0.27310   12.13504  -23.09035 1.000 40.87000  ?  367 HOH A O   1 
HETATM 745 O O   . HOH F 4 .  ? 3.68189   -23.13085 17.45621  1.000 54.12000  ?  368 HOH A O   1 
HETATM 746 O O   . HOH F 4 .  ? -13.84776 3.73070   -28.95350 1.000 52.20000  ?  369 HOH A O   1 
HETATM 747 O O   . HOH F 4 .  ? -1.48091  14.64157  4.26007   1.000 61.28000  ?  370 HOH A O   1 
# 
loop_
_atom_site_anisotrop.id 
_atom_site_anisotrop.type_symbol 
_atom_site_anisotrop.pdbx_label_atom_id 
_atom_site_anisotrop.pdbx_label_alt_id 
_atom_site_anisotrop.pdbx_label_comp_id 
_atom_site_anisotrop.pdbx_label_asym_id 
_atom_site_anisotrop.pdbx_label_seq_id 
_atom_site_anisotrop.pdbx_PDB_ins_code 
_atom_site_anisotrop.U[1][1] 
_atom_site_anisotrop.U[2][2] 
_atom_site_anisotrop.U[3][3] 
_atom_site_anisotrop.U[1][2] 
_atom_site_anisotrop.U[1][3] 
_atom_site_anisotrop.U[2][3] 
_atom_site_anisotrop.pdbx_auth_seq_id 
_atom_site_anisotrop.pdbx_auth_comp_id 
_atom_site_anisotrop.pdbx_auth_asym_id 
_atom_site_anisotrop.pdbx_auth_atom_id 
1   N N   . GLU A 18 ? 0.60901 0.86680 0.79370 0.04220  0.09062  -0.08577 18 GLU A N   
2   C CA  . GLU A 18 ? 0.53534 0.78996 0.74570 0.03598  0.05856  -0.07658 18 GLU A CA  
3   C C   . GLU A 18 ? 0.57361 0.78834 0.73544 0.04335  0.02764  -0.07013 18 GLU A C   
4   O O   . GLU A 18 ? 0.62164 0.82941 0.78975 0.05905  0.00903  -0.07756 18 GLU A O   
5   C CB  . GLU A 18 ? 0.43818 0.69109 0.64303 0.01252  0.06846  -0.06184 18 GLU A CB  
6   N N   . ILE A 19 ? 0.44669 0.63387 0.56344 0.03150  0.02433  -0.05627 19 ILE A N   
7   C CA  . ILE A 19 ? 0.26375 0.41691 0.34254 0.03522  0.00140  -0.05123 19 ILE A CA  
8   C C   . ILE A 19 ? 0.30499 0.44134 0.34917 0.04699  0.00393  -0.05347 19 ILE A C   
9   O O   . ILE A 19 ? 0.28117 0.39720 0.31043 0.05354  -0.01398 -0.05343 19 ILE A O   
10  C CB  . ILE A 19 ? 0.28347 0.41448 0.33675 0.02087  0.00099  -0.04038 19 ILE A CB  
11  C CG1 . ILE A 19 ? 0.48812 0.63279 0.57640 0.00714  -0.00297 -0.04037 19 ILE A CG1 
12  C CG2 . ILE A 19 ? 0.31155 0.41162 0.33313 0.02301  -0.01576 -0.03886 19 ILE A CG2 
13  C CD1 . ILE A 19 ? 0.53766 0.69400 0.65963 0.01068  -0.02856 -0.04842 19 ILE A CD1 
14  N N   . GLU A 20 ? 0.33118 0.47214 0.35808 0.04760  0.02502  -0.05506 20 GLU A N   
15  C CA  . GLU A 20 ? 0.27720 0.39816 0.26804 0.05665  0.02226  -0.05859 20 GLU A CA  
16  C C   . GLU A 20 ? 0.26564 0.38776 0.27640 0.07253  0.01030  -0.07261 20 GLU A C   
17  O O   . GLU A 20 ? 0.32691 0.42547 0.31762 0.07825  -0.00445 -0.07273 20 GLU A O   
18  C CB  . GLU A 20 ? 0.27324 0.39448 0.23209 0.05252  0.04471  -0.05956 20 GLU A CB  
19  C CG  . GLU A 20 ? 0.33679 0.43584 0.25567 0.06085  0.03866  -0.06703 20 GLU A CG  
20  C CD  . GLU A 20 ? 0.43891 0.53235 0.31154 0.05481  0.06028  -0.06993 20 GLU A CD  
21  O OE1 . GLU A 20 ? 0.51048 0.61832 0.38350 0.04312  0.08402  -0.06417 20 GLU A OE1 
22  O OE2 . GLU A 20 ? 0.42021 0.49126 0.25133 0.05947  0.05360  -0.07803 20 GLU A OE2 
23  N N   . SER A 21 ? 0.26293 0.41159 0.32108 0.07948  0.01488  -0.08404 21 SER A N   
24  C CA  . SER A 21 ? 0.31642 0.46324 0.40304 0.09673  -0.00076 -0.09674 21 SER A CA  
25  C C   . SER A 21 ? 0.30600 0.42655 0.38535 0.09618  -0.03371 -0.08483 21 SER A C   
26  O O   . SER A 21 ? 0.29676 0.39308 0.36556 0.10504  -0.04900 -0.08692 21 SER A O   
27  C CB  . SER A 21 ? 0.40542 0.58999 0.56108 0.10487  0.00786  -0.11076 21 SER A CB  
28  O OG  . SER A 21 ? 0.56213 0.76881 0.74536 0.09099  0.00901  -0.10150 21 SER A OG  
29  N N   . LEU A 22 ? 0.25788 0.37844 0.33718 0.08376  -0.04358 -0.07267 22 LEU A N   
30  C CA  . LEU A 22 ? 0.25091 0.34077 0.30672 0.07906  -0.06986 -0.06141 22 LEU A CA  
31  C C   . LEU A 22 ? 0.28559 0.34675 0.29357 0.07302  -0.06460 -0.05392 22 LEU A C   
32  O O   . LEU A 22 ? 0.27533 0.30806 0.26331 0.07233  -0.07993 -0.04782 22 LEU A O   
33  C CB  . LEU A 22 ? 0.23824 0.33051 0.29605 0.06524  -0.07941 -0.05448 22 LEU A CB  
34  C CG  . LEU A 22 ? 0.26565 0.38654 0.38201 0.06870  -0.09376 -0.06046 22 LEU A CG  
35  C CD1 . LEU A 22 ? 0.33872 0.45312 0.44756 0.05217  -0.10971 -0.05411 22 LEU A CD1 
36  C CD2 . LEU A 22 ? 0.32322 0.43619 0.46619 0.08474  -0.12238 -0.06310 22 LEU A CD2 
37  N N   . ALA A 23 ? 0.24755 0.31419 0.24025 0.06764  -0.04450 -0.05303 23 ALA A N   
38  C CA  . ALA A 23 ? 0.28036 0.32518 0.24446 0.06334  -0.04231 -0.04719 23 ALA A CA  
39  C C   . ALA A 23 ? 0.30862 0.34202 0.26966 0.07311  -0.04874 -0.05362 23 ALA A C   
40  O O   . ALA A 23 ? 0.27673 0.28791 0.22656 0.06986  -0.05680 -0.04866 23 ALA A O   
41  C CB  . ALA A 23 ? 0.28394 0.33522 0.23925 0.05685  -0.02714 -0.04307 23 ALA A CB  
42  N N   . ARG A 24 ? 0.25545 0.30218 0.22627 0.08359  -0.04287 -0.06630 24 ARG A N   
43  C CA  . ARG A 24 ? 0.26879 0.29966 0.23584 0.09356  -0.05059 -0.07702 24 ARG A CA  
44  C C   . ARG A 24 ? 0.31690 0.33015 0.30065 0.09970  -0.07081 -0.07588 24 ARG A C   
45  O O   . ARG A 24 ? 0.35281 0.33953 0.32776 0.09981  -0.08292 -0.07468 24 ARG A O   
46  C CB  . ARG A 24 ? 0.31646 0.36258 0.28686 0.10360  -0.03523 -0.09568 24 ARG A CB  
47  C CG  . ARG A 24 ? 0.30453 0.35266 0.23891 0.09558  -0.01993 -0.09473 24 ARG A CG  
48  C CD  . ARG A 24 ? 0.31525 0.37268 0.23947 0.10251  0.00085  -0.11466 24 ARG A CD  
49  N NE  . ARG A 24 ? 0.39524 0.44826 0.27510 0.08887  0.01404  -0.10609 24 ARG A NE  
50  C CZ  . ARG A 24 ? 0.40806 0.43375 0.24639 0.08212  0.00210  -0.10180 24 ARG A CZ  
51  N NH1 . ARG A 24 ? 0.38020 0.38537 0.22093 0.08713  -0.01911 -0.10747 24 ARG A NH1 
52  N NH2 . ARG A 24 ? 0.41905 0.43577 0.21508 0.06923  0.00883  -0.09128 24 ARG A NH2 
53  N N   . TYR A 25 ? 0.31464 0.33954 0.32441 0.10370  -0.07823 -0.07471 25 TYR A N   
54  C CA  . TYR A 25 ? 0.27881 0.27943 0.29786 0.10780  -0.10469 -0.06808 25 TYR A CA  
55  C C   . TYR A 25 ? 0.35855 0.32721 0.33824 0.09120  -0.11189 -0.04947 25 TYR A C   
56  O O   . TYR A 25 ? 0.33629 0.27230 0.30631 0.09043  -0.12716 -0.04294 25 TYR A O   
57  C CB  . TYR A 25 ? 0.25523 0.27381 0.30906 0.11237  -0.11772 -0.06741 25 TYR A CB  
58  C CG  . TYR A 25 ? 0.30372 0.28831 0.34827 0.10644  -0.14652 -0.05225 25 TYR A CG  
59  C CD1 . TYR A 25 ? 0.30168 0.26423 0.36439 0.11414  -0.16222 -0.05421 25 TYR A CD1 
60  C CD2 . TYR A 25 ? 0.36593 0.33602 0.37675 0.08940  -0.15499 -0.03626 25 TYR A CD2 
61  C CE1 . TYR A 25 ? 0.35776 0.28491 0.40513 0.10558  -0.18784 -0.03762 25 TYR A CE1 
62  C CE2 . TYR A 25 ? 0.38502 0.31902 0.37435 0.08020  -0.17723 -0.02139 25 TYR A CE2 
63  C CZ  . TYR A 25 ? 0.41462 0.32710 0.42197 0.08833  -0.19476 -0.02070 25 TYR A CZ  
64  O OH  . TYR A 25 ? 0.47750 0.35073 0.45867 0.07805  -0.21924 -0.00424 25 TYR A OH  
65  N N   . ALA A 26 ? 0.32147 0.29707 0.27997 0.07685  -0.09843 -0.04154 26 ALA A N   
66  C CA  . ALA A 26 ? 0.29824 0.24644 0.22222 0.06034  -0.09668 -0.02772 26 ALA A CA  
67  C C   . ALA A 26 ? 0.29422 0.22895 0.21583 0.05747  -0.09045 -0.02750 26 ALA A C   
68  O O   . ALA A 26 ? 0.32449 0.22940 0.23041 0.04809  -0.09612 -0.01735 26 ALA A O   
69  C CB  . ALA A 26 ? 0.30861 0.26830 0.21879 0.04839  -0.07898 -0.02561 26 ALA A CB  
70  N N   . VAL A 27 ? 0.29284 0.24706 0.22840 0.06300  -0.08029 -0.03749 27 VAL A N   
71  C CA  . VAL A 27 ? 0.27040 0.21323 0.20997 0.05996  -0.08105 -0.03884 27 VAL A CA  
72  C C   . VAL A 27 ? 0.33671 0.25536 0.28183 0.06722  -0.09911 -0.04312 27 VAL A C   
73  O O   . VAL A 27 ? 0.37177 0.26628 0.31695 0.05788  -0.10471 -0.03644 27 VAL A O   
74  C CB  . VAL A 27 ? 0.30286 0.26528 0.24726 0.06453  -0.07490 -0.04808 27 VAL A CB  
75  C CG1 . VAL A 27 ? 0.31120 0.25982 0.26207 0.06269  -0.08535 -0.05253 27 VAL A CG1 
76  C CG2 . VAL A 27 ? 0.27308 0.25085 0.21777 0.05643  -0.06047 -0.04079 27 VAL A CG2 
77  N N   . ASP A 28 ? 0.33485 0.26001 0.29134 0.08381  -0.10693 -0.05546 28 ASP A N   
78  C CA  . ASP A 28 ? 0.38303 0.28279 0.35228 0.09452  -0.12527 -0.06301 28 ASP A CA  
79  C C   . ASP A 28 ? 0.43703 0.30179 0.39778 0.08544  -0.14210 -0.04346 28 ASP A C   
80  O O   . ASP A 28 ? 0.43119 0.26280 0.39231 0.08124  -0.15418 -0.03959 28 ASP A O   
81  C CB  . ASP A 28 ? 0.39676 0.31367 0.39137 0.11544  -0.12654 -0.08131 28 ASP A CB  
82  C CG  . ASP A 28 ? 0.56038 0.50097 0.55195 0.12314  -0.10712 -0.10323 28 ASP A CG  
83  O OD1 . ASP A 28 ? 0.53675 0.47086 0.50459 0.11499  -0.10333 -0.10539 28 ASP A OD1 
84  O OD2 . ASP A 28 ? 0.44470 0.40943 0.45797 0.13584  -0.09613 -0.11784 28 ASP A OD2 
85  N N   . GLU A 29 ? 0.38709 0.25363 0.33498 0.08015  -0.14496 -0.03009 29 GLU A N   
86  C CA  . GLU A 29 ? 0.43654 0.26181 0.35935 0.06869  -0.16311 -0.00863 29 GLU A CA  
87  C C   . GLU A 29 ? 0.44398 0.24788 0.33765 0.04475  -0.14745 0.00559  29 GLU A C   
88  O O   . GLU A 29 ? 0.50236 0.26465 0.38039 0.03380  -0.15869 0.02058  29 GLU A O   
89  C CB  . GLU A 29 ? 0.47141 0.30035 0.37704 0.06542  -0.17206 0.00077  29 GLU A CB  
90  C CG  . GLU A 29 ? 0.47137 0.31560 0.41733 0.07956  -0.18560 -0.00947 29 GLU A CG  
91  C CD  . GLU A 29 ? 0.55877 0.36996 0.51737 0.08280  -0.20780 -0.00585 29 GLU A CD  
92  O OE1 . GLU A 29 ? 0.69137 0.46164 0.61378 0.06718  -0.22218 0.01464  29 GLU A OE1 
93  O OE2 . GLU A 29 ? 0.50767 0.33172 0.50921 0.09957  -0.20976 -0.02413 29 GLU A OE2 
94  N N   . HIS A 30 ? 0.44303 0.27440 0.33438 0.03579  -0.12058 0.00170  30 HIS A N   
95  C CA  . HIS A 30 ? 0.41352 0.23388 0.29560 0.01468  -0.10045 0.01085  30 HIS A CA  
96  C C   . HIS A 30 ? 0.36851 0.17673 0.27836 0.01409  -0.10787 0.00740  30 HIS A C   
97  O O   . HIS A 30 ? 0.47442 0.25168 0.37690 -0.00365 -0.10603 0.02117  30 HIS A O   
98  C CB  . HIS A 30 ? 0.42247 0.27819 0.31444 0.01094  -0.07406 0.00332  30 HIS A CB  
99  C CG  . HIS A 30 ? 0.40409 0.25494 0.29867 -0.00965 -0.04855 0.01002  30 HIS A CG  
100 N ND1 . HIS A 30 ? 0.45166 0.27493 0.30541 -0.02971 -0.03243 0.02334  30 HIS A ND1 
101 C CD2 . HIS A 30 ? 0.41435 0.28406 0.35059 -0.01428 -0.03552 0.00460  30 HIS A CD2 
102 C CE1 . HIS A 30 ? 0.47778 0.30701 0.35251 -0.04574 -0.00371 0.02384  30 HIS A CE1 
103 N NE2 . HIS A 30 ? 0.45425 0.31395 0.38651 -0.03570 -0.00762 0.01279  30 HIS A NE2 
104 N N   . ASN A 31 ? 0.41531 0.24322 0.35288 0.03134  -0.11683 -0.01145 31 ASN A N   
105 C CA  . ASN A 31 ? 0.39263 0.20537 0.35330 0.03082  -0.12874 -0.01901 31 ASN A CA  
106 C C   . ASN A 31 ? 0.49888 0.26632 0.45570 0.03080  -0.15036 -0.01139 31 ASN A C   
107 O O   . ASN A 31 ? 0.51606 0.25618 0.48307 0.01582  -0.15483 -0.00401 31 ASN A O   
108 C CB  . ASN A 31 ? 0.41869 0.25276 0.39165 0.04929  -0.13549 -0.04284 31 ASN A CB  
109 C CG  . ASN A 31 ? 0.38744 0.25316 0.36770 0.04479  -0.12279 -0.04683 31 ASN A CG  
110 O OD1 . ASN A 31 ? 0.37322 0.24521 0.36798 0.02887  -0.11138 -0.03591 31 ASN A OD1 
111 N ND2 . ASN A 31 ? 0.35109 0.23514 0.32287 0.05850  -0.12403 -0.06229 31 ASN A ND2 
112 N N   . LYS A 32 ? 0.46950 0.22745 0.41856 0.04718  -0.16592 -0.01250 32 LYS A N   
113 C CA  . LYS A 32 ? 0.58900 0.29943 0.53907 0.05052  -0.19250 -0.00380 32 LYS A CA  
114 C C   . LYS A 32 ? 0.51047 0.18039 0.42744 0.02357  -0.19195 0.02749  32 LYS A C   
115 O O   . LYS A 32 ? 0.57893 0.21711 0.49906 0.01428  -0.20395 0.03665  32 LYS A O   
116 C CB  . LYS A 32 ? 0.60153 0.32931 0.56155 0.06941  -0.20408 -0.01176 32 LYS A CB  
117 C CG  . LYS A 32 ? 0.70761 0.42417 0.69702 0.08107  -0.22190 -0.02423 32 LYS A CG  
118 C CD  . LYS A 32 ? 0.70002 0.41860 0.70119 0.08993  -0.23766 -0.02078 32 LYS A CD  
119 C CE  . LYS A 32 ? 0.70102 0.45963 0.70565 0.09789  -0.22583 -0.02691 32 LYS A CE  
120 N NZ  . LYS A 32 ? 0.73547 0.51281 0.78262 0.11488  -0.23611 -0.04022 32 LYS A NZ  
121 N N   . LYS A 33 ? 0.58895 0.27230 0.47295 0.00756  -0.17011 0.04072  33 LYS A N   
122 C CA  . LYS A 33 ? 0.62060 0.26301 0.45869 -0.02093 -0.16242 0.06916  33 LYS A CA  
123 C C   . LYS A 33 ? 0.69573 0.32595 0.55033 -0.04439 -0.14372 0.07538  33 LYS A C   
124 O O   . LYS A 33 ? 0.75669 0.33833 0.59099 -0.06372 -0.14972 0.09698  33 LYS A O   
125 C CB  . LYS A 33 ? 0.82570 0.48565 0.62205 -0.03241 -0.13822 0.07472  33 LYS A CB  
126 C CG  . LYS A 33 ? 0.93396 0.56031 0.67983 -0.06720 -0.11156 0.09726  33 LYS A CG  
127 C CD  . LYS A 33 ? 0.92715 0.59167 0.66999 -0.07801 -0.06821 0.08694  33 LYS A CD  
128 C CE  . LYS A 33 ? 1.01824 0.64791 0.69965 -0.11207 -0.03550 0.10535  33 LYS A CE  
129 N NZ  . LYS A 33 ? 0.96926 0.63656 0.65758 -0.11896 0.00891  0.08972  33 LYS A NZ  
130 N N   . GLN A 34 ? 0.63923 0.31373 0.53393 -0.04477 -0.12167 0.05821  34 GLN A N   
131 C CA  . GLN A 34 ? 0.63945 0.31166 0.56290 -0.06938 -0.10183 0.06364  34 GLN A CA  
132 C C   . GLN A 34 ? 0.53485 0.21736 0.51478 -0.06004 -0.12042 0.04487  34 GLN A C   
133 O O   . GLN A 34 ? 0.54297 0.23125 0.56268 -0.07922 -0.10905 0.04594  34 GLN A O   
134 C CB  . GLN A 34 ? 0.61664 0.32812 0.54774 -0.08261 -0.06110 0.06131  34 GLN A CB  
135 C CG  . GLN A 34 ? 0.60872 0.37106 0.56272 -0.05958 -0.06041 0.03935  34 GLN A CG  
136 C CD  . GLN A 34 ? 0.58758 0.38411 0.55861 -0.07065 -0.02283 0.03619  34 GLN A CD  
137 O OE1 . GLN A 34 ? 0.69908 0.48230 0.65462 -0.09449 0.00821  0.04810  34 GLN A OE1 
138 N NE2 . GLN A 34 ? 0.52528 0.36265 0.52777 -0.05388 -0.02421 0.01963  34 GLN A NE2 
139 N N   . ASN A 35 ? 0.53174 0.21618 0.51707 -0.03237 -0.14811 0.02595  35 ASN A N   
140 C CA  . ASN A 35 ? 0.52954 0.21696 0.55269 -0.02263 -0.16768 0.00344  35 ASN A CA  
141 C C   . ASN A 35 ? 0.46450 0.19841 0.51839 -0.02524 -0.15532 -0.00964 35 ASN A C   
142 O O   . ASN A 35 ? 0.45055 0.18396 0.54129 -0.03310 -0.16742 -0.01885 35 ASN A O   
143 C CB  . ASN A 35 ? 0.57543 0.22814 0.61703 -0.03862 -0.17901 0.01190  35 ASN A CB  
144 C CG  . ASN A 35 ? 0.58663 0.20728 0.60639 -0.02694 -0.19778 0.01779  35 ASN A CG  
145 O OD1 . ASN A 35 ? 0.63213 0.26011 0.63706 -0.00313 -0.20776 0.00807  35 ASN A OD1 
146 N ND2 . ASN A 35 ? 0.62985 0.21751 0.65444 -0.04413 -0.20256 0.03331  35 ASN A ND2 
147 N N   . SER A 36 ? 0.45048 0.22187 0.49185 -0.01861 -0.13598 -0.01022 36 SER A N   
148 C CA  . SER A 36 ? 0.40660 0.21821 0.47559 -0.01598 -0.13129 -0.02203 36 SER A CA  
149 C C   . SER A 36 ? 0.41869 0.24140 0.46871 0.00834  -0.14841 -0.04301 36 SER A C   
150 O O   . SER A 36 ? 0.48794 0.29665 0.51072 0.02427  -0.15573 -0.05003 36 SER A O   
151 C CB  . SER A 36 ? 0.38395 0.22538 0.45397 -0.02349 -0.09975 -0.01188 36 SER A CB  
152 O OG  . SER A 36 ? 0.40997 0.25195 0.43499 -0.01296 -0.09116 -0.00825 36 SER A OG  
153 N N   . LEU A 37 ? 0.33827 0.18445 0.40418 0.01045  -0.15509 -0.05300 37 LEU A N   
154 C CA  . LEU A 37 ? 0.48096 0.33646 0.51628 0.02882  -0.16504 -0.07004 37 LEU A CA  
155 C C   . LEU A 37 ? 0.33915 0.22832 0.37743 0.02946  -0.15355 -0.06421 37 LEU A C   
156 O O   . LEU A 37 ? 0.32055 0.21718 0.36227 0.03020  -0.16967 -0.07004 37 LEU A O   
157 C CB  . LEU A 37 ? 0.56888 0.40367 0.60025 0.03124  -0.19443 -0.08983 37 LEU A CB  
158 C CG  . LEU A 37 ? 0.67650 0.51892 0.66128 0.04860  -0.19203 -0.10321 37 LEU A CG  
159 C CD1 . LEU A 37 ? 0.67417 0.51660 0.63373 0.06455  -0.17565 -0.11063 37 LEU A CD1 
160 C CD2 . LEU A 37 ? 0.75327 0.57848 0.72454 0.04954  -0.20893 -0.11499 37 LEU A CD2 
161 N N   . LEU A 38 ? 0.28262 0.18743 0.31824 0.02817  -0.12861 -0.05175 38 LEU A N   
162 C CA  . LEU A 38 ? 0.25432 0.18494 0.28415 0.03317  -0.11797 -0.04910 38 LEU A CA  
163 C C   . LEU A 38 ? 0.31340 0.24361 0.30239 0.04760  -0.12625 -0.06116 38 LEU A C   
164 O O   . LEU A 38 ? 0.35450 0.27469 0.32081 0.05679  -0.12448 -0.06969 38 LEU A O   
165 C CB  . LEU A 38 ? 0.27145 0.21172 0.29423 0.03048  -0.09155 -0.03859 38 LEU A CB  
166 C CG  . LEU A 38 ? 0.35217 0.29249 0.40154 0.01427  -0.07163 -0.02798 38 LEU A CG  
167 C CD1 . LEU A 38 ? 0.33473 0.28273 0.36274 0.01358  -0.04835 -0.02308 38 LEU A CD1 
168 C CD2 . LEU A 38 ? 0.42973 0.38672 0.53255 0.00793  -0.07395 -0.02860 38 LEU A CD2 
169 N N   . GLN A 39 ? 0.32520 0.26433 0.30667 0.04899  -0.13484 -0.06166 39 GLN A N   
170 C CA  . GLN A 39 ? 0.32524 0.26091 0.25856 0.05795  -0.13799 -0.07134 39 GLN A CA  
171 C C   . GLN A 39 ? 0.33090 0.28630 0.25530 0.05915  -0.11958 -0.06040 39 GLN A C   
172 O O   . GLN A 39 ? 0.36906 0.33037 0.30547 0.05484  -0.12579 -0.04944 39 GLN A O   
173 C CB  . GLN A 39 ? 0.33113 0.25141 0.25296 0.05364  -0.15743 -0.07376 39 GLN A CB  
174 C CG  . GLN A 39 ? 0.40054 0.29873 0.32533 0.05360  -0.17037 -0.08682 39 GLN A CG  
175 C CD  . GLN A 39 ? 0.48163 0.36349 0.40808 0.04646  -0.19531 -0.08797 39 GLN A CD  
176 O OE1 . GLN A 39 ? 0.48917 0.37456 0.41266 0.04186  -0.20536 -0.07857 39 GLN A OE1 
177 N NE2 . GLN A 39 ? 0.59963 0.46107 0.53250 0.04545  -0.20809 -0.09897 39 GLN A NE2 
178 N N   . PHE A 40 ? 0.29065 0.25478 0.20066 0.06520  -0.09968 -0.06367 40 PHE A N   
179 C CA  . PHE A 40 ? 0.29230 0.27379 0.19701 0.06440  -0.08217 -0.05471 40 PHE A CA  
180 C C   . PHE A 40 ? 0.33418 0.31181 0.20872 0.06182  -0.08811 -0.04992 40 PHE A C   
181 O O   . PHE A 40 ? 0.36371 0.32836 0.20434 0.06179  -0.09226 -0.05762 40 PHE A O   
182 C CB  . PHE A 40 ? 0.28805 0.28008 0.18527 0.07133  -0.06564 -0.06281 40 PHE A CB  
183 C CG  . PHE A 40 ? 0.27993 0.29009 0.17359 0.06828  -0.04840 -0.05533 40 PHE A CG  
184 C CD1 . PHE A 40 ? 0.29791 0.31609 0.21290 0.06286  -0.04214 -0.04498 40 PHE A CD1 
185 C CD2 . PHE A 40 ? 0.33723 0.35246 0.20241 0.06856  -0.03676 -0.05965 40 PHE A CD2 
186 C CE1 . PHE A 40 ? 0.26633 0.29764 0.18133 0.05839  -0.02907 -0.03915 40 PHE A CE1 
187 C CE2 . PHE A 40 ? 0.30248 0.33267 0.16874 0.06250  -0.02025 -0.05105 40 PHE A CE2 
188 C CZ  . PHE A 40 ? 0.27125 0.30948 0.16597 0.05782  -0.01863 -0.04101 40 PHE A CZ  
189 N N   . GLU A 41 ? 0.29298 0.27712 0.18150 0.05688  -0.08541 -0.03496 41 GLU A N   
190 C CA  . GLU A 41 ? 0.33170 0.30640 0.19039 0.05301  -0.09342 -0.02432 41 GLU A CA  
191 C C   . GLU A 41 ? 0.35218 0.33690 0.19782 0.04969  -0.07025 -0.01726 41 GLU A C   
192 O O   . GLU A 41 ? 0.39249 0.37185 0.19277 0.04656  -0.06129 -0.01786 41 GLU A O   
193 C CB  . GLU A 41 ? 0.38508 0.35418 0.27994 0.05053  -0.11553 -0.01160 41 GLU A CB  
194 C CG  . GLU A 41 ? 0.52387 0.47425 0.38787 0.04610  -0.13420 0.00295  41 GLU A CG  
195 C CD  . GLU A 41 ? 0.68323 0.61585 0.50562 0.04027  -0.14640 -0.00204 41 GLU A CD  
196 O OE1 . GLU A 41 ? 0.64329 0.57418 0.47733 0.04168  -0.15381 -0.01521 41 GLU A OE1 
197 O OE2 . GLU A 41 ? 0.74793 0.66506 0.52261 0.03352  -0.14862 0.00766  41 GLU A OE2 
198 N N   . LYS A 42 ? 0.29655 0.29409 0.17886 0.04829  -0.05826 -0.01195 42 LYS A N   
199 C CA  . LYS A 42 ? 0.33897 0.34466 0.21547 0.04294  -0.03965 -0.00573 42 LYS A CA  
200 C C   . LYS A 42 ? 0.29441 0.31082 0.20858 0.04193  -0.02943 -0.00720 42 LYS A C   
201 O O   . LYS A 42 ? 0.28115 0.29497 0.22147 0.04380  -0.03398 -0.00942 42 LYS A O   
202 C CB  . LYS A 42 ? 0.35610 0.34433 0.21308 0.03595  -0.04771 0.01221  42 LYS A CB  
203 C CG  . LYS A 42 ? 0.39013 0.37221 0.29006 0.03582  -0.05617 0.02218  42 LYS A CG  
204 C CD  . LYS A 42 ? 0.41502 0.37360 0.29788 0.02969  -0.06884 0.04285  42 LYS A CD  
205 C CE  . LYS A 42 ? 0.36708 0.31988 0.30144 0.03125  -0.07118 0.04885  42 LYS A CE  
206 N NZ  . LYS A 42 ? 0.38802 0.31217 0.30961 0.02562  -0.08669 0.07156  42 LYS A NZ  
207 N N   . VAL A 43 ? 0.27526 0.30219 0.19015 0.03690  -0.01450 -0.00663 43 VAL A N   
208 C CA  . VAL A 43 ? 0.21178 0.24156 0.15135 0.03270  -0.00811 -0.00788 43 VAL A CA  
209 C C   . VAL A 43 ? 0.30573 0.32089 0.25497 0.02734  -0.00932 0.00334  43 VAL A C   
210 O O   . VAL A 43 ? 0.29142 0.29953 0.22505 0.02220  -0.00995 0.01538  43 VAL A O   
211 C CB  . VAL A 43 ? 0.25041 0.29797 0.19553 0.02868  0.00203  -0.01328 43 VAL A CB  
212 C CG1 . VAL A 43 ? 0.25291 0.29598 0.21442 0.02123  0.00354  -0.01472 43 VAL A CG1 
213 C CG2 . VAL A 43 ? 0.25827 0.31754 0.20499 0.03714  -0.00101 -0.02474 43 VAL A CG2 
214 N N   . VAL A 44 ? 0.24265 0.24961 0.21604 0.02823  -0.00875 -0.00069 44 VAL A N   
215 C CA  . VAL A 44 ? 0.21226 0.20329 0.20646 0.02582  -0.00929 0.00554  44 VAL A CA  
216 C C   . VAL A 44 ? 0.20141 0.18955 0.19733 0.01662  0.00121  0.00216  44 VAL A C   
217 O O   . VAL A 44 ? 0.25252 0.22890 0.25158 0.01034  0.00004  0.01277  44 VAL A O   
218 C CB  . VAL A 44 ? 0.19965 0.18480 0.22785 0.03200  -0.00809 -0.00234 44 VAL A CB  
219 C CG1 . VAL A 44 ? 0.21160 0.17936 0.27293 0.03272  -0.00682 -0.00080 44 VAL A CG1 
220 C CG2 . VAL A 44 ? 0.21640 0.20579 0.25371 0.03909  -0.02355 0.00187  44 VAL A CG2 
221 N N   A ASN A 45 ? 0.23657 0.29677 0.16925 0.12328  -0.04183 -0.01202 45 ASN A N   
222 N N   B ASN A 45 ? 0.23639 0.29714 0.16917 0.12340  -0.04179 -0.01213 45 ASN A N   
223 C CA  A ASN A 45 ? 0.27896 0.28673 0.21242 0.10182  -0.06023 0.01195  45 ASN A CA  
224 C CA  B ASN A 45 ? 0.29203 0.31241 0.22806 0.10184  -0.05976 0.01619  45 ASN A CA  
225 C C   A ASN A 45 ? 0.32300 0.30259 0.24091 0.09155  -0.05730 -0.00693 45 ASN A C   
226 C C   B ASN A 45 ? 0.31173 0.29978 0.23159 0.09213  -0.05669 -0.00502 45 ASN A C   
227 O O   A ASN A 45 ? 0.27969 0.25006 0.18545 0.09829  -0.04493 -0.03992 45 ASN A O   
228 O O   B ASN A 45 ? 0.28043 0.26533 0.19035 0.10007  -0.04368 -0.03779 45 ASN A O   
229 C CB  A ASN A 45 ? 0.34309 0.28273 0.27627 0.09868  -0.07383 0.00593  45 ASN A CB  
230 C CB  B ASN A 45 ? 0.35739 0.31262 0.29900 0.09532  -0.07721 0.02240  45 ASN A CB  
231 C CG  A ASN A 45 ? 0.38796 0.26816 0.32067 0.07975  -0.09208 0.00788  45 ASN A CG  
232 C CG  B ASN A 45 ? 0.34598 0.24378 0.26284 0.09940  -0.07234 -0.02349 45 ASN A CG  
233 O OD1 A ASN A 45 ? 0.37514 0.22130 0.28376 0.07656  -0.08790 -0.02461 45 ASN A OD1 
234 O OD1 B ASN A 45 ? 0.31192 0.21807 0.21801 0.11488  -0.05854 -0.04982 45 ASN A OD1 
235 N ND2 A ASN A 45 ? 0.40928 0.28647 0.37265 0.06641  -0.11333 0.04835  45 ASN A ND2 
236 N ND2 B ASN A 45 ? 0.40217 0.25041 0.31122 0.08553  -0.08440 -0.03317 45 ASN A ND2 
237 N N   . THR A 46 ? 0.30605 0.27415 0.22920 0.07378  -0.07052 0.01831  46 THR A N   
238 C CA  . THR A 46 ? 0.29278 0.23412 0.20319 0.06186  -0.07064 0.00667  46 THR A CA  
239 C C   . THR A 46 ? 0.36011 0.24376 0.26533 0.04423  -0.08878 0.01508  46 THR A C   
240 O O   . THR A 46 ? 0.35151 0.23010 0.27709 0.03634  -0.10540 0.04463  46 THR A O   
241 C CB  . THR A 46 ? 0.35947 0.35300 0.28464 0.05918  -0.06923 0.02203  46 THR A CB  
242 O OG1 . THR A 46 ? 0.42690 0.48912 0.36757 0.07915  -0.05686 0.00970  46 THR A OG1 
243 C CG2 . THR A 46 ? 0.38795 0.35721 0.30633 0.04939  -0.06850 0.00813  46 THR A CG2 
244 N N   . LYS A 47 ? 0.35616 0.20390 0.24024 0.03857  -0.08757 -0.01092 47 LYS A N   
245 C CA  . LYS A 47 ? 0.43925 0.24915 0.31809 0.02239  -0.10399 -0.01134 47 LYS A CA  
246 C C   . LYS A 47 ? 0.41031 0.23307 0.28262 0.00963  -0.10124 -0.00120 47 LYS A C   
247 O O   . LYS A 47 ? 0.41573 0.26428 0.28669 0.01427  -0.08737 -0.00600 47 LYS A O   
248 C CB  . LYS A 47 ? 0.47303 0.25528 0.33309 0.02521  -0.10569 -0.04877 47 LYS A CB  
249 C CG  . LYS A 47 ? 0.54811 0.32104 0.41655 0.04051  -0.10630 -0.06659 47 LYS A CG  
250 C CD  . LYS A 47 ? 0.61200 0.36423 0.51587 0.04000  -0.12817 -0.04382 47 LYS A CD  
251 C CE  . LYS A 47 ? 0.71325 0.43938 0.63997 0.03323  -0.15028 -0.05905 47 LYS A CE  
252 N NZ  . LYS A 47 ? 0.77821 0.48459 0.74850 0.02155  -0.17674 -0.02254 47 LYS A NZ  
253 N N   . GLN A 48 ? 0.45359 0.25839 0.32943 -0.00625 -0.11698 0.01265  48 GLN A N   
254 C CA  . GLN A 48 ? 0.45362 0.27153 0.32375 -0.01811 -0.11474 0.02258  48 GLN A CA  
255 C C   . GLN A 48 ? 0.52664 0.31971 0.38315 -0.03265 -0.12736 0.01283  48 GLN A C   
256 O O   . GLN A 48 ? 0.60167 0.36797 0.46526 -0.03556 -0.14411 0.00412  48 GLN A O   
257 C CB  . GLN A 48 ? 0.55661 0.40354 0.44685 -0.02247 -0.11791 0.05469  48 GLN A CB  
258 C CG  . GLN A 48 ? 0.67498 0.51748 0.58654 -0.03034 -0.13323 0.08029  48 GLN A CG  
259 C CD  . GLN A 48 ? 0.67731 0.57976 0.61453 -0.03182 -0.12194 0.10254  48 GLN A CD  
260 O OE1 . GLN A 48 ? 0.69974 0.64625 0.64972 -0.02003 -0.11383 0.11266  48 GLN A OE1 
261 N NE2 . GLN A 48 ? 0.66899 0.57808 0.61103 -0.04450 -0.12257 0.10775  48 GLN A NE2 
262 N N   . GLN A 49 ? 0.51714 0.32510 0.36136 -0.04087 -0.12133 0.01282  49 GLN A N   
263 C CA  . GLN A 49 ? 0.61209 0.41677 0.43934 -0.05351 -0.13019 0.00169  49 GLN A CA  
264 C C   . GLN A 49 ? 0.50616 0.32405 0.33799 -0.06831 -0.13275 0.02778  49 GLN A C   
265 O O   . GLN A 49 ? 0.48017 0.31756 0.32317 -0.06734 -0.12307 0.04231  49 GLN A O   
266 C CB  . GLN A 49 ? 0.69441 0.51974 0.50185 -0.04905 -0.11976 -0.02147 49 GLN A CB  
267 C CG  . GLN A 49 ? 0.83482 0.69403 0.62895 -0.06291 -0.11919 -0.01737 49 GLN A CG  
268 C CD  . GLN A 49 ? 0.90253 0.79827 0.68690 -0.05952 -0.10632 -0.02567 49 GLN A CD  
269 O OE1 . GLN A 49 ? 0.86773 0.75851 0.65356 -0.04501 -0.09695 -0.04156 49 GLN A OE1 
270 N NE2 . GLN A 49 ? 0.83945 0.77921 0.61804 -0.07342 -0.10578 -0.01118 49 GLN A NE2 
271 N N   . VAL A 50 ? 0.55180 0.35853 0.38267 -0.08097 -0.14841 0.03169  50 VAL A N   
272 C CA  . VAL A 50 ? 0.52579 0.34617 0.35854 -0.09575 -0.15175 0.05476  50 VAL A CA  
273 C C   . VAL A 50 ? 0.52293 0.37439 0.34509 -0.10124 -0.14199 0.05194  50 VAL A C   
274 O O   . VAL A 50 ? 0.58516 0.45246 0.39098 -0.10019 -0.14177 0.02957  50 VAL A O   
275 C CB  . VAL A 50 ? 0.56200 0.36561 0.40069 -0.10726 -0.16949 0.05815  50 VAL A CB  
276 C CG1 . VAL A 50 ? 0.58364 0.40645 0.42971 -0.12004 -0.16441 0.07867  50 VAL A CG1 
277 C CG2 . VAL A 50 ? 0.68086 0.46309 0.54365 -0.10489 -0.17987 0.07300  50 VAL A CG2 
278 N N   . VAL A 51 ? 0.40151 0.27233 0.24466 -0.10557 -0.13357 0.07354  51 VAL A N   
279 C CA  . VAL A 51 ? 0.48955 0.39419 0.33716 -0.11379 -0.12815 0.08405  51 VAL A CA  
280 C C   . VAL A 51 ? 0.51302 0.43363 0.36635 -0.12861 -0.13245 0.09656  51 VAL A C   
281 O O   . VAL A 51 ? 0.47830 0.39100 0.35411 -0.13142 -0.13478 0.10423  51 VAL A O   
282 C CB  . VAL A 51 ? 0.48024 0.39406 0.36421 -0.10772 -0.12241 0.09650  51 VAL A CB  
283 C CG1 . VAL A 51 ? 0.60231 0.54760 0.51798 -0.11908 -0.12364 0.11719  51 VAL A CG1 
284 C CG2 . VAL A 51 ? 0.56991 0.48068 0.43931 -0.09772 -0.11899 0.08629  51 VAL A CG2 
285 N N   . SER A 52 ? 0.40877 0.36263 0.24259 -0.13586 -0.13311 0.09352  52 SER A N   
286 C CA  . SER A 52 ? 0.39758 0.37318 0.23333 -0.14868 -0.13724 0.10399  52 SER A CA  
287 C C   . SER A 52 ? 0.40867 0.44637 0.23976 -0.15588 -0.13250 0.11175  52 SER A C   
288 O O   . SER A 52 ? 0.40815 0.47151 0.23445 -0.15162 -0.12635 0.10873  52 SER A O   
289 C CB  . SER A 52 ? 0.42274 0.37771 0.23844 -0.14711 -0.14894 0.08194  52 SER A CB  
290 O OG  . SER A 52 ? 0.50009 0.47744 0.29466 -0.13776 -0.15265 0.04615  52 SER A OG  
291 N N   . GLY A 53 ? 0.41962 0.48747 0.25411 -0.16745 -0.13519 0.12361  53 GLY A N   
292 C CA  . GLY A 53 ? 0.43091 0.57017 0.26872 -0.17680 -0.13067 0.13825  53 GLY A CA  
293 C C   . GLY A 53 ? 0.41129 0.56939 0.29832 -0.19216 -0.13089 0.17873  53 GLY A C   
294 O O   . GLY A 53 ? 0.39616 0.51714 0.31280 -0.19315 -0.13643 0.18639  53 GLY A O   
295 N N   . THR A 54 ? 0.26789 0.23727 0.24944 -0.03129 -0.01691 0.08480  54 THR A N   
296 C CA  . THR A 54 ? 0.25726 0.25562 0.25792 -0.02704 -0.01171 0.08598  54 THR A CA  
297 C C   . THR A 54 ? 0.26995 0.26248 0.24566 -0.01066 -0.00538 0.06114  54 THR A C   
298 O O   . THR A 54 ? 0.26679 0.23513 0.22008 -0.00967 -0.01233 0.04432  54 THR A O   
299 C CB  . THR A 54 ? 0.25062 0.24873 0.26675 -0.04978 -0.03372 0.09313  54 THR A CB  
300 O OG1 . THR A 54 ? 0.31010 0.30797 0.34933 -0.07289 -0.04874 0.11836  54 THR A OG1 
301 C CG2 . THR A 54 ? 0.28242 0.31805 0.33143 -0.04419 -0.02694 0.10415  54 THR A CG2 
302 N N   . ILE A 55 ? 0.23850 0.24923 0.21837 0.00258  0.00983  0.06157  55 ILE A N   
303 C CA  . ILE A 55 ? 0.20908 0.21463 0.17169 0.01151  0.01111  0.04142  55 ILE A CA  
304 C C   . ILE A 55 ? 0.21030 0.23030 0.19471 0.00686  0.00902  0.04485  55 ILE A C   
305 O O   . ILE A 55 ? 0.23261 0.27437 0.24503 0.00893  0.01909  0.06459  55 ILE A O   
306 C CB  . ILE A 55 ? 0.28876 0.28732 0.22552 0.02604  0.02589  0.03710  55 ILE A CB  
307 C CG1 . ILE A 55 ? 0.36997 0.35210 0.27953 0.02772  0.01863  0.03259  55 ILE A CG1 
308 C CG2 . ILE A 55 ? 0.32790 0.32004 0.25277 0.02983  0.02451  0.02043  55 ILE A CG2 
309 C CD1 . ILE A 55 ? 0.52953 0.49158 0.39569 0.03660  0.02676  0.02936  55 ILE A CD1 
310 N N   . TYR A 56 ? 0.21957 0.22840 0.19413 0.00233  -0.00187 0.03000  56 TYR A N   
311 C CA  . TYR A 56 ? 0.22051 0.23873 0.20766 -0.00163 -0.00574 0.03201  56 TYR A CA  
312 C C   . TYR A 56 ? 0.22785 0.24528 0.20637 0.01156  0.00545  0.01856  56 TYR A C   
313 O O   . TYR A 56 ? 0.25031 0.25440 0.21119 0.01495  0.00390  0.00349  56 TYR A O   
314 C CB  . TYR A 56 ? 0.21115 0.20590 0.17946 -0.01559 -0.02290 0.02526  56 TYR A CB  
315 C CG  . TYR A 56 ? 0.27058 0.25351 0.23810 -0.03470 -0.03950 0.03853  56 TYR A CG  
316 C CD1 . TYR A 56 ? 0.29164 0.29138 0.28438 -0.05251 -0.05622 0.06092  56 TYR A CD1 
317 C CD2 . TYR A 56 ? 0.26079 0.21548 0.20633 -0.03679 -0.04061 0.03289  56 TYR A CD2 
318 C CE1 . TYR A 56 ? 0.35602 0.34307 0.34991 -0.07646 -0.07790 0.07633  56 TYR A CE1 
319 C CE2 . TYR A 56 ? 0.32227 0.25770 0.26313 -0.05787 -0.05784 0.04533  56 TYR A CE2 
320 C CZ  . TYR A 56 ? 0.37304 0.32378 0.33699 -0.07996 -0.07856 0.06663  56 TYR A CZ  
321 O OH  . TYR A 56 ? 0.40316 0.33363 0.36511 -0.10768 -0.10271 0.08282  56 TYR A OH  
322 N N   . ILE A 57 ? 0.22352 0.25406 0.21772 0.01904  0.01735  0.02770  57 ILE A N   
323 C CA  . ILE A 57 ? 0.19893 0.21905 0.18032 0.02880  0.02706  0.01565  57 ILE A CA  
324 C C   . ILE A 57 ? 0.23302 0.26139 0.22969 0.02364  0.01978  0.01840  57 ILE A C   
325 O O   . ILE A 57 ? 0.19972 0.24669 0.22379 0.02459  0.02256  0.03756  57 ILE A O   
326 C CB  . ILE A 57 ? 0.25420 0.26689 0.22891 0.04443  0.05113  0.02293  57 ILE A CB  
327 C CG1 . ILE A 57 ? 0.31963 0.31647 0.26580 0.04813  0.05698  0.02067  57 ILE A CG1 
328 C CG2 . ILE A 57 ? 0.30733 0.29447 0.25760 0.05070  0.05798  0.00819  57 ILE A CG2 
329 C CD1 . ILE A 57 ? 0.41867 0.43148 0.38575 0.05508  0.07404  0.04537  57 ILE A CD1 
330 N N   . ILE A 58 ? 0.24234 0.25865 0.22441 0.01873  0.01098  0.00391  58 ILE A N   
331 C CA  . ILE A 58 ? 0.20211 0.21710 0.18459 0.01237  0.00322  0.00583  58 ILE A CA  
332 C C   . ILE A 58 ? 0.20657 0.21838 0.19085 0.01945  0.01210  -0.00001 58 ILE A C   
333 O O   . ILE A 58 ? 0.26110 0.26322 0.23729 0.02157  0.01493  -0.01220 58 ILE A O   
334 C CB  . ILE A 58 ? 0.22749 0.22126 0.18515 0.00575  -0.00448 -0.00317 58 ILE A CB  
335 C CG1 . ILE A 58 ? 0.28458 0.27078 0.23454 -0.00133 -0.01239 -0.00006 58 ILE A CG1 
336 C CG2 . ILE A 58 ? 0.24841 0.22796 0.18853 -0.00183 -0.01187 0.00013  58 ILE A CG2 
337 C CD1 . ILE A 58 ? 0.29883 0.25164 0.21723 -0.00186 -0.01187 -0.00990 58 ILE A CD1 
338 N N   . THR A 59 ? 0.19395 0.21518 0.19357 0.02153  0.01466  0.01259  59 THR A N   
339 C CA  . THR A 59 ? 0.17124 0.18499 0.17108 0.02646  0.02194  0.00916  59 THR A CA  
340 C C   . THR A 59 ? 0.22083 0.22889 0.20829 0.01841  0.01243  0.01007  59 THR A C   
341 O O   . THR A 59 ? 0.24601 0.25774 0.22995 0.00972  -0.00104 0.02261  59 THR A O   
342 C CB  . THR A 59 ? 0.21263 0.23527 0.23461 0.03677  0.03355  0.02571  59 THR A CB  
343 O OG1 . THR A 59 ? 0.21408 0.23135 0.23597 0.04799  0.04952  0.02666  59 THR A OG1 
344 C CG2 . THR A 59 ? 0.24787 0.25456 0.26657 0.04190  0.04248  0.02144  59 THR A CG2 
345 N N   . LEU A 60 ? 0.23872 0.23474 0.21715 0.01998  0.01876  -0.00012 60 LEU A N   
346 C CA  . LEU A 60 ? 0.21975 0.20077 0.17528 0.01657  0.01796  0.00070  60 LEU A CA  
347 C C   . LEU A 60 ? 0.20457 0.18271 0.16852 0.02113  0.02978  0.00161  60 LEU A C   
348 O O   . LEU A 60 ? 0.24083 0.22441 0.22616 0.02336  0.03498  -0.00219 60 LEU A O   
349 C CB  . LEU A 60 ? 0.25800 0.22361 0.19369 0.01682  0.02065  -0.00796 60 LEU A CB  
350 C CG  . LEU A 60 ? 0.24781 0.22290 0.20599 0.02293  0.02930  -0.01378 60 LEU A CG  
351 C CD1 . LEU A 60 ? 0.23554 0.20758 0.20258 0.02897  0.04468  -0.00944 60 LEU A CD1 
352 C CD2 . LEU A 60 ? 0.25467 0.22395 0.20438 0.02393  0.02715  -0.01750 60 LEU A CD2 
353 N N   . GLU A 61 ? 0.23535 0.19800 0.17525 0.02035  0.03255  0.00779  61 GLU A N   
354 C CA  . GLU A 61 ? 0.26064 0.21851 0.20645 0.02497  0.04726  0.01224  61 GLU A CA  
355 C C   . GLU A 61 ? 0.32785 0.27285 0.26260 0.03119  0.06438  0.01058  61 GLU A C   
356 O O   . GLU A 61 ? 0.30575 0.22544 0.20000 0.03279  0.06689  0.00733  61 GLU A O   
357 C CB  . GLU A 61 ? 0.27420 0.22040 0.19711 0.02291  0.04357  0.02480  61 GLU A CB  
358 C CG  . GLU A 61 ? 0.28468 0.24974 0.23599 0.02252  0.03409  0.03494  61 GLU A CG  
359 C CD  . GLU A 61 ? 0.39320 0.35326 0.32665 0.01835  0.02237  0.05376  61 GLU A CD  
360 O OE1 . GLU A 61 ? 0.39712 0.33013 0.28175 0.01294  0.01908  0.05548  61 GLU A OE1 
361 O OE2 . GLU A 61 ? 0.32348 0.30250 0.28792 0.02131  0.01712  0.06911  61 GLU A OE2 
362 N N   . ALA A 62 ? 0.26997 0.22850 0.24104 0.03470  0.07751  0.01602  62 ALA A N   
363 C CA  . ALA A 62 ? 0.26641 0.21995 0.24204 0.04490  0.10066  0.02433  62 ALA A CA  
364 C C   . ALA A 62 ? 0.28275 0.25097 0.29799 0.04532  0.11402  0.03978  62 ALA A C   
365 O O   . ALA A 62 ? 0.25369 0.23638 0.29942 0.03451  0.10007  0.03967  62 ALA A O   
366 C CB  . ALA A 62 ? 0.28149 0.25124 0.28467 0.04744  0.09937  0.02264  62 ALA A CB  
367 N N   . VAL A 63 ? 0.31770 0.27534 0.32807 0.05841  0.14370  0.05453  63 VAL A N   
368 C CA  . VAL A 63 ? 0.28305 0.25470 0.33325 0.05962  0.16103  0.07523  63 VAL A CA  
369 C C   . VAL A 63 ? 0.34973 0.36000 0.47587 0.05960  0.16710  0.09404  63 VAL A C   
370 O O   . VAL A 63 ? 0.33137 0.34152 0.46071 0.07197  0.17781  0.09883  63 VAL A O   
371 C CB  . VAL A 63 ? 0.37917 0.31410 0.37863 0.07504  0.19097  0.08521  63 VAL A CB  
372 C CG1 . VAL A 63 ? 0.35385 0.30473 0.40091 0.07728  0.20497  0.10802  63 VAL A CG1 
373 C CG2 . VAL A 63 ? 0.40309 0.30491 0.33260 0.06920  0.17754  0.07322  63 VAL A CG2 
374 N N   . ASP A 64 ? 0.31970 0.35641 0.50309 0.04282  0.15244  0.10564  64 ASP A N   
375 C CA  . ASP A 64 ? 0.28237 0.36032 0.54670 0.03346  0.14549  0.12909  64 ASP A CA  
376 C C   . ASP A 64 ? 0.27080 0.35609 0.57211 0.03032  0.15236  0.15291  64 ASP A C   
377 O O   . ASP A 64 ? 0.28887 0.36665 0.59188 0.01425  0.14277  0.15061  64 ASP A O   
378 C CB  . ASP A 64 ? 0.43231 0.51645 0.70734 0.00796  0.10051  0.11369  64 ASP A CB  
379 C CG  . ASP A 64 ? 0.49381 0.61675 0.84844 -0.01102 0.08062  0.14093  64 ASP A CG  
380 O OD1 . ASP A 64 ? 0.50942 0.65483 0.90116 0.00381  0.09520  0.16598  64 ASP A OD1 
381 O OD2 . ASP A 64 ? 0.47091 0.58456 0.82703 -0.03877 0.04316  0.13287  64 ASP A OD2 
382 N N   . GLY A 65 ? 0.32415 0.41860 0.65265 0.04743  0.17084  0.17719  65 GLY A N   
383 C CA  . GLY A 65 ? 0.37708 0.48173 0.74610 0.04810  0.18016  0.20326  65 GLY A CA  
384 C C   . GLY A 65 ? 0.45250 0.52837 0.77722 0.05066  0.19424  0.19410  65 GLY A C   
385 O O   . GLY A 65 ? 0.42721 0.51271 0.78508 0.03650  0.18611  0.20599  65 GLY A O   
386 N N   . GLY A 66 ? 0.35345 0.39094 0.59981 0.06601  0.21100  0.17404  66 GLY A N   
387 C CA  . GLY A 66 ? 0.41937 0.42698 0.61705 0.06970  0.22231  0.16900  66 GLY A CA  
388 C C   . GLY A 66 ? 0.43278 0.43223 0.60829 0.05100  0.20136  0.15186  66 GLY A C   
389 O O   . GLY A 66 ? 0.51223 0.48685 0.64642 0.05392  0.20740  0.15063  66 GLY A O   
390 N N   . LYS A 67 ? 0.34637 0.36144 0.54669 0.03266  0.17737  0.14129  67 LYS A N   
391 C CA  . LYS A 67 ? 0.32108 0.31676 0.49306 0.02009  0.15259  0.12105  67 LYS A CA  
392 C C   . LYS A 67 ? 0.30977 0.29665 0.43749 0.02452  0.13647  0.09480  67 LYS A C   
393 O O   . LYS A 67 ? 0.26985 0.27277 0.41427 0.02308  0.12870  0.08946  67 LYS A O   
394 C CB  . LYS A 67 ? 0.36491 0.36614 0.58324 -0.00451 0.12679  0.12204  67 LYS A CB  
395 C CG  . LYS A 67 ? 0.44012 0.40863 0.62135 -0.01117 0.10720  0.10049  67 LYS A CG  
396 N N   . LYS A 68 ? 0.30062 0.26557 0.37850 0.02874  0.12989  0.08309  68 LYS A N   
397 C CA  . LYS A 68 ? 0.25571 0.21599 0.29980 0.03050  0.11351  0.06398  68 LYS A CA  
398 C C   . LYS A 68 ? 0.25642 0.22082 0.31946 0.02022  0.09208  0.05043  68 LYS A C   
399 O O   . LYS A 68 ? 0.29794 0.25029 0.36876 0.01526  0.08785  0.05137  68 LYS A O   
400 C CB  . LYS A 68 ? 0.32345 0.26449 0.31756 0.03551  0.10988  0.06438  68 LYS A CB  
401 C CG  . LYS A 68 ? 0.37825 0.31675 0.34150 0.03473  0.09275  0.05127  68 LYS A CG  
402 C CD  . LYS A 68 ? 0.50514 0.42121 0.41355 0.03449  0.08531  0.05818  68 LYS A CD  
403 C CE  . LYS A 68 ? 0.49130 0.41739 0.41191 0.03123  0.06829  0.06852  68 LYS A CE  
404 N NZ  . LYS A 68 ? 0.55717 0.46278 0.42785 0.02690  0.05617  0.08324  68 LYS A NZ  
405 N N   . LYS A 69 ? 0.30433 0.27734 0.36663 0.01862  0.08140  0.03831  69 LYS A N   
406 C CA  . LYS A 69 ? 0.28396 0.25187 0.34907 0.01057  0.06422  0.02495  69 LYS A CA  
407 C C   . LYS A 69 ? 0.29041 0.26034 0.32996 0.01679  0.05753  0.01380  69 LYS A C   
408 O O   . LYS A 69 ? 0.29086 0.26546 0.31288 0.02275  0.06119  0.01518  69 LYS A O   
409 C CB  . LYS A 69 ? 0.25354 0.23064 0.34992 -0.00291 0.05316  0.02662  69 LYS A CB  
410 C CG  . LYS A 69 ? 0.23582 0.21590 0.36907 -0.01343 0.05686  0.04417  69 LYS A CG  
411 C CD  . LYS A 69 ? 0.28503 0.28189 0.46038 -0.03155 0.03907  0.05423  69 LYS A CD  
412 C CE  . LYS A 69 ? 0.33478 0.34328 0.55994 -0.04309 0.04380  0.07950  69 LYS A CE  
413 N NZ  . LYS A 69 ? 0.40133 0.43703 0.68394 -0.06409 0.02239  0.09971  69 LYS A NZ  
414 N N   . VAL A 70 ? 0.23731 0.19662 0.26917 0.01467  0.04892  0.00366  70 VAL A N   
415 C CA  . VAL A 70 ? 0.25575 0.21918 0.27127 0.02044  0.04491  -0.00256 70 VAL A CA  
416 C C   . VAL A 70 ? 0.25754 0.21866 0.26960 0.01423  0.03503  -0.01308 70 VAL A C   
417 O O   . VAL A 70 ? 0.26165 0.20291 0.26983 0.00519  0.02814  -0.01828 70 VAL A O   
418 C CB  . VAL A 70 ? 0.25989 0.21217 0.26903 0.02926  0.05114  0.00132  70 VAL A CB  
419 C CG1 . VAL A 70 ? 0.24099 0.20321 0.24440 0.03509  0.04948  0.00097  70 VAL A CG1 
420 C CG2 . VAL A 70 ? 0.29399 0.25281 0.31030 0.03405  0.05603  0.01710  70 VAL A CG2 
421 N N   . TYR A 71 ? 0.21790 0.19291 0.22529 0.01682  0.03141  -0.01507 71 TYR A N   
422 C CA  . TYR A 71 ? 0.22772 0.20373 0.23195 0.01207  0.02130  -0.02143 71 TYR A CA  
423 C C   . TYR A 71 ? 0.25048 0.22677 0.23744 0.01806  0.02175  -0.02470 71 TYR A C   
424 O O   . TYR A 71 ? 0.23553 0.22005 0.22242 0.02327  0.02624  -0.01873 71 TYR A O   
425 C CB  . TYR A 71 ? 0.21777 0.21235 0.24228 0.01141  0.02032  -0.01512 71 TYR A CB  
426 C CG  . TYR A 71 ? 0.23144 0.23379 0.28567 0.00693  0.02383  -0.00428 71 TYR A CG  
427 C CD1 . TYR A 71 ? 0.22045 0.22800 0.29964 -0.00687 0.00844  0.00193  71 TYR A CD1 
428 C CD2 . TYR A 71 ? 0.23527 0.23826 0.29218 0.01414  0.04058  0.00344  71 TYR A CD2 
429 C CE1 . TYR A 71 ? 0.19789 0.21873 0.31698 -0.01369 0.01041  0.01848  71 TYR A CE1 
430 C CE2 . TYR A 71 ? 0.22286 0.23507 0.31206 0.01145  0.04844  0.01788  71 TYR A CE2 
431 C CZ  . TYR A 71 ? 0.25460 0.27953 0.38147 -0.00263 0.03375  0.02694  71 TYR A CZ  
432 O OH  . TYR A 71 ? 0.26824 0.30840 0.43946 -0.00791 0.04031  0.04761  71 TYR A OH  
433 N N   . GLU A 72 ? 0.25586 0.22327 0.22887 0.01508  0.01451  -0.03068 72 GLU A N   
434 C CA  . GLU A 72 ? 0.25709 0.22725 0.21757 0.02061  0.01675  -0.03042 72 GLU A CA  
435 C C   . GLU A 72 ? 0.26033 0.24000 0.22346 0.01634  0.00565  -0.03083 72 GLU A C   
436 O O   . GLU A 72 ? 0.28129 0.25487 0.24205 0.00855  -0.00658 -0.03248 72 GLU A O   
437 C CB  . GLU A 72 ? 0.27661 0.21874 0.20745 0.02593  0.02526  -0.03432 72 GLU A CB  
438 C CG  . GLU A 72 ? 0.31384 0.26214 0.23822 0.03403  0.03348  -0.02838 72 GLU A CG  
439 C CD  . GLU A 72 ? 0.41678 0.32775 0.30197 0.04381  0.05011  -0.03073 72 GLU A CD  
440 O OE1 . GLU A 72 ? 0.45653 0.35956 0.34591 0.05735  0.07172  -0.02265 72 GLU A OE1 
441 O OE2 . GLU A 72 ? 0.48782 0.37276 0.33431 0.03939  0.04336  -0.03868 72 GLU A OE2 
442 N N   . ALA A 73 ? 0.22451 0.21582 0.19227 0.01960  0.00747  -0.02674 73 ALA A N   
443 C CA  . ALA A 73 ? 0.19137 0.18750 0.16153 0.01929  0.00146  -0.02492 73 ALA A CA  
444 C C   . ALA A 73 ? 0.27269 0.26637 0.22914 0.02076  0.00194  -0.02292 73 ALA A C   
445 O O   . ALA A 73 ? 0.30148 0.29818 0.25874 0.02141  0.00707  -0.01820 73 ALA A O   
446 C CB  . ALA A 73 ? 0.23129 0.22796 0.20895 0.02270  0.00754  -0.02157 73 ALA A CB  
447 N N   . LYS A 74 ? 0.23202 0.22295 0.18033 0.02021  -0.00475 -0.02196 74 LYS A N   
448 C CA  . LYS A 74 ? 0.24179 0.23048 0.17872 0.02210  -0.00242 -0.01700 74 LYS A CA  
449 C C   . LYS A 74 ? 0.24541 0.23602 0.19068 0.02241  -0.00722 -0.01247 74 LYS A C   
450 O O   . LYS A 74 ? 0.27162 0.26521 0.22357 0.02341  -0.01501 -0.00938 74 LYS A O   
451 C CB  . LYS A 74 ? 0.26601 0.23855 0.17274 0.02308  -0.00290 -0.01828 74 LYS A CB  
452 C CG  . LYS A 74 ? 0.31418 0.26931 0.20201 0.02652  0.00809  -0.02354 74 LYS A CG  
453 C CD  . LYS A 74 ? 0.43055 0.35080 0.26775 0.03075  0.01557  -0.02547 74 LYS A CD  
454 C CE  . LYS A 74 ? 0.47552 0.36203 0.28315 0.03579  0.02921  -0.03300 74 LYS A CE  
455 N NZ  . LYS A 74 ? 0.59502 0.42600 0.33008 0.03958  0.03763  -0.03846 74 LYS A NZ  
456 N N   . VAL A 75 ? 0.23165 0.21753 0.17732 0.02062  -0.00408 -0.00918 75 VAL A N   
457 C CA  . VAL A 75 ? 0.20888 0.18075 0.15168 0.02218  -0.00425 -0.00630 75 VAL A CA  
458 C C   . VAL A 75 ? 0.27891 0.24528 0.21501 0.01753  -0.00660 0.00157  75 VAL A C   
459 O O   . VAL A 75 ? 0.25584 0.22592 0.19454 0.00914  -0.00801 0.00697  75 VAL A O   
460 C CB  . VAL A 75 ? 0.29319 0.24369 0.22463 0.02073  0.00023  -0.01063 75 VAL A CB  
461 C CG1 . VAL A 75 ? 0.33355 0.25169 0.24756 0.02455  0.00523  -0.00887 75 VAL A CG1 
462 C CG2 . VAL A 75 ? 0.27701 0.23475 0.21914 0.02747  0.00727  -0.01418 75 VAL A CG2 
463 N N   . TRP A 76 ? 0.27146 0.23270 0.20564 0.02246  -0.00762 0.00708  76 TRP A N   
464 C CA  . TRP A 76 ? 0.25207 0.20456 0.18057 0.01829  -0.00844 0.01683  76 TRP A CA  
465 C C   . TRP A 76 ? 0.30157 0.22057 0.21855 0.01421  -0.00833 0.01672  76 TRP A C   
466 O O   . TRP A 76 ? 0.35247 0.25313 0.26460 0.02472  -0.00160 0.01376  76 TRP A O   
467 C CB  . TRP A 76 ? 0.25642 0.21421 0.18177 0.02565  -0.01068 0.02458  76 TRP A CB  
468 C CG  . TRP A 76 ? 0.30636 0.25545 0.22529 0.02371  -0.00947 0.03728  76 TRP A CG  
469 C CD1 . TRP A 76 ? 0.32437 0.26990 0.24653 0.01393  -0.00634 0.04567  76 TRP A CD1 
470 C CD2 . TRP A 76 ? 0.32417 0.26963 0.23720 0.03023  -0.01297 0.04810  76 TRP A CD2 
471 N NE1 . TRP A 76 ? 0.28287 0.22090 0.20013 0.01477  -0.00455 0.05980  76 TRP A NE1 
472 C CE2 . TRP A 76 ? 0.29085 0.22670 0.19885 0.02567  -0.00833 0.06039  76 TRP A CE2 
473 C CE3 . TRP A 76 ? 0.32597 0.27855 0.24278 0.03785  -0.02229 0.05335  76 TRP A CE3 
474 C CZ2 . TRP A 76 ? 0.37074 0.29950 0.27026 0.03079  -0.00988 0.07471  76 TRP A CZ2 
475 C CZ3 . TRP A 76 ? 0.43559 0.38376 0.34615 0.04193  -0.02751 0.06941  76 TRP A CZ3 
476 C CH2 . TRP A 76 ? 0.43867 0.37277 0.33695 0.03951  -0.01989 0.07850  76 TRP A CH2 
477 N N   . GLU A 77 ? 0.31876 0.22548 0.23056 -0.00110 -0.01474 0.02288  77 GLU A N   
478 C CA  . GLU A 77 ? 0.34549 0.20296 0.23005 -0.01008 -0.01861 0.02130  77 GLU A CA  
479 C C   . GLU A 77 ? 0.38267 0.22987 0.26996 -0.02116 -0.02449 0.03587  77 GLU A C   
480 O O   . GLU A 77 ? 0.33120 0.21085 0.24445 -0.03046 -0.02889 0.05046  77 GLU A O   
481 C CB  . GLU A 77 ? 0.38483 0.21948 0.24839 -0.02779 -0.03050 0.01570  77 GLU A CB  
482 C CG  . GLU A 77 ? 0.48853 0.24853 0.29724 -0.03296 -0.03041 0.00669  77 GLU A CG  
483 C CD  . GLU A 77 ? 0.61829 0.34041 0.38820 -0.05776 -0.05030 0.00296  77 GLU A CD  
484 O OE1 . GLU A 77 ? 0.59653 0.35226 0.39420 -0.07953 -0.07238 0.01662  77 GLU A OE1 
485 O OE2 . GLU A 77 ? 0.74499 0.39928 0.45364 -0.05494 -0.04299 -0.01072 77 GLU A OE2 
486 N N   . LYS A 78 ? 0.45042 0.24929 0.31179 -0.01823 -0.02067 0.03471  78 LYS A N   
487 C CA  . LYS A 78 ? 0.44372 0.21385 0.29783 -0.03319 -0.02807 0.04735  78 LYS A CA  
488 C C   . LYS A 78 ? 0.58587 0.27649 0.38565 -0.04577 -0.03360 0.03648  78 LYS A C   
489 O O   . LYS A 78 ? 0.59400 0.23252 0.36258 -0.03007 -0.01782 0.03104  78 LYS A O   
490 C CB  . LYS A 78 ? 0.44195 0.21747 0.30668 -0.01529 -0.01611 0.05771  78 LYS A CB  
491 C CG  . LYS A 78 ? 0.40198 0.23899 0.29853 -0.00582 -0.01289 0.06754  78 LYS A CG  
492 C CD  . LYS A 78 ? 0.48094 0.31786 0.38040 0.00373  -0.00785 0.08362  78 LYS A CD  
493 C CE  . LYS A 78 ? 0.54958 0.39434 0.45098 0.02644  -0.00290 0.08235  78 LYS A CE  
494 N NZ  . LYS A 78 ? 0.65695 0.49713 0.55902 0.03488  -0.00152 0.10170  78 LYS A NZ  
495 N N   . PRO A 79 ? 0.57980 0.25204 0.36136 -0.07385 -0.05556 0.03502  79 PRO A N   
496 C CA  . PRO A 79 ? 0.67895 0.26088 0.38557 -0.08606 -0.06169 0.01950  79 PRO A CA  
497 C C   . PRO A 79 ? 0.72865 0.25247 0.39928 -0.09212 -0.06172 0.01943  79 PRO A C   
498 O O   . PRO A 79 ? 0.81475 0.28114 0.42801 -0.07992 -0.04650 0.00411  79 PRO A O   
499 C CB  . PRO A 79 ? 0.71640 0.31285 0.42415 -0.11900 -0.09408 0.02512  79 PRO A CB  
500 C CG  . PRO A 79 ? 0.66549 0.34265 0.45226 -0.12978 -0.10504 0.05148  79 PRO A CG  
501 C CD  . PRO A 79 ? 0.51567 0.24656 0.34207 -0.09401 -0.07467 0.05052  79 PRO A CD  
502 N N   . TRP A 80 ? 0.74357 0.28620 0.44853 -0.10873 -0.07491 0.03856  80 TRP A N   
503 C CA  . TRP A 80 ? 0.72816 0.21925 0.40389 -0.11363 -0.07410 0.03874  80 TRP A CA  
504 C C   . TRP A 80 ? 0.83846 0.29933 0.49952 -0.07675 -0.03871 0.03195  80 TRP A C   
505 O O   . TRP A 80 ? 0.86380 0.27044 0.49007 -0.07506 -0.03161 0.02866  80 TRP A O   
506 C CB  . TRP A 80 ? 0.70946 0.23740 0.43704 -0.13541 -0.09079 0.06479  80 TRP A CB  
507 C CG  . TRP A 80 ? 0.64368 0.22214 0.42339 -0.11533 -0.07238 0.08279  80 TRP A CG  
508 C CD1 . TRP A 80 ? 0.67379 0.23910 0.45720 -0.09645 -0.05395 0.09097  80 TRP A CD1 
509 C CD2 . TRP A 80 ? 0.56469 0.22137 0.39694 -0.10855 -0.06950 0.09569  80 TRP A CD2 
510 N NE1 . TRP A 80 ? 0.66435 0.29625 0.49389 -0.07971 -0.04307 0.10759  80 TRP A NE1 
511 C CE2 . TRP A 80 ? 0.61055 0.30359 0.47076 -0.08410 -0.04932 0.10696  80 TRP A CE2 
512 C CE3 . TRP A 80 ? 0.52099 0.22966 0.38175 -0.11667 -0.07936 0.09710  80 TRP A CE3 
513 C CZ2 . TRP A 80 ? 0.55435 0.32222 0.45593 -0.06857 -0.03827 0.11564  80 TRP A CZ2 
514 C CZ3 . TRP A 80 ? 0.45165 0.23761 0.36154 -0.09781 -0.06412 0.10641  80 TRP A CZ3 
515 C CH2 . TRP A 80 ? 0.45223 0.26175 0.37572 -0.07481 -0.04378 0.11399  80 TRP A CH2 
516 N N   . MET A 81 ? 0.76666 0.26467 0.45757 -0.04713 -0.01793 0.03371  81 MET A N   
517 C CA  . MET A 81 ? 0.77677 0.26544 0.47119 -0.00897 0.01413  0.03427  81 MET A CA  
518 C C   . MET A 81 ? 0.78829 0.26697 0.46214 0.01462  0.03686  0.01945  81 MET A C   
519 O O   . MET A 81 ? 0.84132 0.32928 0.53480 0.04715  0.06431  0.02586  81 MET A O   
520 C CB  . MET A 81 ? 0.79366 0.34813 0.54652 0.00972  0.01923  0.05374  81 MET A CB  
521 C CG  . MET A 81 ? 0.87582 0.45392 0.65595 -0.00109 0.00881  0.07364  81 MET A CG  
522 S SD  . MET A 81 ? 0.79986 0.47362 0.63872 0.02325  0.01361  0.08731  81 MET A SD  
523 C CE  . MET A 81 ? 0.82978 0.48497 0.67165 0.06102  0.03841  0.08888  81 MET A CE  
524 N N   . ASN A 82 ? 0.79799 0.26867 0.44224 -0.00093 0.02566  0.00538  82 ASN A N   
525 C CA  . ASN A 82 ? 0.92566 0.39737 0.55618 0.02033  0.04799  -0.00438 82 ASN A CA  
526 C C   . ASN A 82 ? 0.86882 0.40509 0.56459 0.04833  0.06322  0.00625  82 ASN A C   
527 O O   . ASN A 82 ? 0.87844 0.42648 0.58809 0.07560  0.09084  0.00965  82 ASN A O   
528 C CB  . ASN A 82 ? 1.02050 0.43140 0.59750 0.03728  0.07679  -0.00919 82 ASN A CB  
529 C CG  . ASN A 82 ? 1.14079 0.47830 0.64161 0.00861  0.05852  -0.01833 82 ASN A CG  
530 O OD1 . ASN A 82 ? 1.24934 0.57635 0.71831 -0.02013 0.03023  -0.02458 82 ASN A OD1 
531 N ND2 . ASN A 82 ? 1.17780 0.46485 0.65046 0.01571  0.07240  -0.01622 82 ASN A ND2 
532 N N   . PHE A 83 ? 0.69802 0.29357 0.44100 0.03837  0.04281  0.01535  83 PHE A N   
533 C CA  . PHE A 83 ? 0.53693 0.21468 0.34489 0.05635  0.04624  0.02621  83 PHE A CA  
534 C C   . PHE A 83 ? 0.49430 0.22257 0.32042 0.04535  0.03336  0.01740  83 PHE A C   
535 O O   . PHE A 83 ? 0.49851 0.23393 0.31626 0.02101  0.01381  0.01247  83 PHE A O   
536 C CB  . PHE A 83 ? 0.52561 0.24302 0.36817 0.05329  0.03400  0.04250  83 PHE A CB  
537 C CG  . PHE A 83 ? 0.47043 0.26252 0.36196 0.06185  0.02698  0.05208  83 PHE A CG  
538 C CD1 . PHE A 83 ? 0.49527 0.30823 0.41930 0.08404  0.03509  0.06917  83 PHE A CD1 
539 C CD2 . PHE A 83 ? 0.43491 0.27034 0.33695 0.04656  0.01113  0.04675  83 PHE A CD2 
540 C CE1 . PHE A 83 ? 0.45882 0.33062 0.41785 0.08467  0.02010  0.07891  83 PHE A CE1 
541 C CE2 . PHE A 83 ? 0.46309 0.34744 0.39077 0.05160  0.00318  0.05284  83 PHE A CE2 
542 C CZ  . PHE A 83 ? 0.42910 0.32939 0.38152 0.06745  0.00382  0.06786  83 PHE A CZ  
543 N N   . LYS A 84 ? 0.46605 0.23008 0.32237 0.06314  0.04456  0.01962  84 LYS A N   
544 C CA  . LYS A 84 ? 0.43099 0.24506 0.30975 0.05430  0.03263  0.01364  84 LYS A CA  
545 C C   . LYS A 84 ? 0.40975 0.27438 0.33747 0.06968  0.03555  0.02563  84 LYS A C   
546 O O   . LYS A 84 ? 0.44111 0.30239 0.38930 0.08987  0.05167  0.03965  84 LYS A O   
547 C CB  . LYS A 84 ? 0.48892 0.27404 0.33434 0.04853  0.03728  -0.00019 84 LYS A CB  
548 C CG  . LYS A 84 ? 0.52734 0.26535 0.34781 0.07032  0.06698  -0.00073 84 LYS A CG  
549 C CD  . LYS A 84 ? 0.56380 0.25763 0.33057 0.06165  0.06996  -0.01514 84 LYS A CD  
550 C CE  . LYS A 84 ? 0.63936 0.29330 0.37814 0.08208  0.10335  -0.01152 84 LYS A CE  
551 N NZ  . LYS A 84 ? 0.65641 0.25621 0.35497 0.08538  0.11493  -0.00901 84 LYS A NZ  
552 N N   . GLU A 85 ? 0.33763 0.24635 0.28462 0.05933  0.01921  0.02325  85 GLU A N   
553 C CA  . GLU A 85 ? 0.29467 0.24537 0.28056 0.06483  0.01129  0.03538  85 GLU A CA  
554 C C   . GLU A 85 ? 0.29419 0.26793 0.28199 0.05287  0.00036  0.02491  85 GLU A C   
555 O O   . GLU A 85 ? 0.29359 0.26683 0.26038 0.04152  -0.00733 0.01571  85 GLU A O   
556 C CB  . GLU A 85 ? 0.30676 0.27067 0.29838 0.06318  -0.00345 0.04865  85 GLU A CB  
557 C CG  . GLU A 85 ? 0.35126 0.35161 0.37393 0.06190  -0.02196 0.06429  85 GLU A CG  
558 C CD  . GLU A 85 ? 0.39327 0.39729 0.40614 0.05824  -0.03941 0.07777  85 GLU A CD  
559 O OE1 . GLU A 85 ? 0.48331 0.49050 0.52039 0.07028  -0.03749 0.09913  85 GLU A OE1 
560 O OE2 . GLU A 85 ? 0.42614 0.42574 0.40372 0.04563  -0.05196 0.06887  85 GLU A OE2 
561 N N   . LEU A 86 ? 0.25813 0.25106 0.27441 0.05688  0.00257  0.02998  86 LEU A N   
562 C CA  . LEU A 86 ? 0.24404 0.25354 0.26183 0.04506  -0.00887 0.02177  86 LEU A CA  
563 C C   . LEU A 86 ? 0.27455 0.29704 0.28902 0.03389  -0.03300 0.02633  86 LEU A C   
564 O O   . LEU A 86 ? 0.28365 0.32338 0.32417 0.03392  -0.04663 0.04470  86 LEU A O   
565 C CB  . LEU A 86 ? 0.22097 0.24596 0.27337 0.05025  -0.00021 0.02967  86 LEU A CB  
566 C CG  . LEU A 86 ? 0.21537 0.25147 0.26916 0.03661  -0.01225 0.02211  86 LEU A CG  
567 C CD1 . LEU A 86 ? 0.25047 0.26686 0.26957 0.03360  -0.00392 0.00329  86 LEU A CD1 
568 C CD2 . LEU A 86 ? 0.22952 0.28776 0.33003 0.03999  -0.00596 0.03774  86 LEU A CD2 
569 N N   . GLN A 87 ? 0.27741 0.28734 0.25645 0.02480  -0.03764 0.01248  87 GLN A N   
570 C CA  . GLN A 87 ? 0.33582 0.33685 0.28532 0.01484  -0.05613 0.01260  87 GLN A CA  
571 C C   . GLN A 87 ? 0.33374 0.32924 0.27572 0.00245  -0.06991 0.00716  87 GLN A C   
572 O O   . GLN A 87 ? 0.36402 0.34971 0.28737 -0.01085 -0.09517 0.01280  87 GLN A O   
573 C CB  . GLN A 87 ? 0.30771 0.28748 0.21501 0.01685  -0.04479 0.00417  87 GLN A CB  
574 C CG  . GLN A 87 ? 0.36541 0.34594 0.27725 0.02390  -0.03344 0.01060  87 GLN A CG  
575 C CD  . GLN A 87 ? 0.47644 0.45939 0.39227 0.02585  -0.04464 0.02504  87 GLN A CD  
576 O OE1 . GLN A 87 ? 0.57217 0.54420 0.45692 0.02211  -0.05560 0.03026  87 GLN A OE1 
577 N NE2 . GLN A 87 ? 0.46245 0.45325 0.41070 0.03340  -0.03987 0.03314  87 GLN A NE2 
578 N N   . GLU A 88 ? 0.28404 0.27988 0.23458 0.00410  -0.05660 -0.00284 88 GLU A N   
579 C CA  . GLU A 88 ? 0.33601 0.31727 0.27312 -0.00756 -0.06623 -0.00977 88 GLU A CA  
580 C C   . GLU A 88 ? 0.29515 0.28978 0.26307 -0.00253 -0.05024 -0.01266 88 GLU A C   
581 O O   . GLU A 88 ? 0.26563 0.26579 0.23939 0.00868  -0.03114 -0.01562 88 GLU A O   
582 C CB  . GLU A 88 ? 0.42697 0.36701 0.30163 -0.00814 -0.06025 -0.02359 88 GLU A CB  
583 C CG  . GLU A 88 ? 0.68952 0.59248 0.52740 -0.02184 -0.07271 -0.03220 88 GLU A CG  
584 C CD  . GLU A 88 ? 0.89402 0.74477 0.66112 -0.01450 -0.05506 -0.04462 88 GLU A CD  
585 O OE1 . GLU A 88 ? 0.99539 0.81290 0.73692 -0.01374 -0.04410 -0.05458 88 GLU A OE1 
586 O OE2 . GLU A 88 ? 0.81828 0.65965 0.55668 -0.00672 -0.04767 -0.04191 88 GLU A OE2 
587 N N   . PHE A 89 ? 0.29389 0.29030 0.27851 -0.01358 -0.06101 -0.00952 89 PHE A N   
588 C CA  . PHE A 89 ? 0.24592 0.25270 0.25698 -0.00881 -0.04509 -0.00977 89 PHE A CA  
589 C C   . PHE A 89 ? 0.25918 0.24855 0.26397 -0.02512 -0.05904 -0.01195 89 PHE A C   
590 O O   . PHE A 89 ? 0.29423 0.28980 0.31777 -0.04214 -0.08434 0.00045  89 PHE A O   
591 C CB  . PHE A 89 ? 0.20374 0.24238 0.26659 -0.00011 -0.03566 0.00766  89 PHE A CB  
592 C CG  . PHE A 89 ? 0.20875 0.24894 0.28231 0.00918  -0.01258 0.00672  89 PHE A CG  
593 C CD1 . PHE A 89 ? 0.22877 0.26005 0.28588 0.02325  0.00776  0.00224  89 PHE A CD1 
594 C CD2 . PHE A 89 ? 0.25450 0.29881 0.34859 0.00106  -0.01379 0.01187  89 PHE A CD2 
595 C CE1 . PHE A 89 ? 0.24129 0.26446 0.29344 0.02982  0.02594  0.00193  89 PHE A CE1 
596 C CE2 . PHE A 89 ? 0.22264 0.26544 0.32082 0.01016  0.00805  0.01295  89 PHE A CE2 
597 C CZ  . PHE A 89 ? 0.21790 0.24870 0.29100 0.02489  0.02768  0.00768  89 PHE A CZ  
598 N N   . LYS A 90 ? 0.29073 0.25658 0.27079 -0.02178 -0.04540 -0.02435 90 LYS A N   
599 C CA  . LYS A 90 ? 0.32688 0.26277 0.29125 -0.03710 -0.05667 -0.02836 90 LYS A CA  
600 C C   . LYS A 90 ? 0.27333 0.20998 0.25199 -0.02921 -0.03635 -0.02954 90 LYS A C   
601 O O   . LYS A 90 ? 0.32648 0.27419 0.30693 -0.01237 -0.01524 -0.03153 90 LYS A O   
602 C CB  . LYS A 90 ? 0.43167 0.30941 0.32322 -0.04212 -0.06209 -0.04385 90 LYS A CB  
603 C CG  . LYS A 90 ? 0.45892 0.31768 0.32020 -0.02034 -0.03068 -0.05367 90 LYS A CG  
604 C CD  . LYS A 90 ? 0.66389 0.45669 0.44682 -0.01997 -0.02705 -0.06591 90 LYS A CD  
605 C CE  . LYS A 90 ? 0.75094 0.52475 0.51652 0.00489  0.01084  -0.06805 90 LYS A CE  
606 N NZ  . LYS A 90 ? 0.81435 0.54192 0.51883 0.01542  0.02730  -0.07096 90 LYS A NZ  
607 N N   . LEU A 91 ? 0.30047 0.22384 0.28919 -0.04481 -0.04722 -0.02539 91 LEU A N   
608 C CA  . LEU A 91 ? 0.27295 0.18680 0.26755 -0.03967 -0.03031 -0.02592 91 LEU A CA  
609 C C   . LEU A 91 ? 0.38513 0.25000 0.32507 -0.03073 -0.01697 -0.04114 91 LEU A C   
610 O O   . LEU A 91 ? 0.43964 0.25406 0.32779 -0.04021 -0.02760 -0.05210 91 LEU A O   
611 C CB  . LEU A 91 ? 0.29466 0.20445 0.31708 -0.06202 -0.04766 -0.01442 91 LEU A CB  
612 C CG  . LEU A 91 ? 0.35129 0.24235 0.37697 -0.06129 -0.03376 -0.01322 91 LEU A CG  
613 C CD1 . LEU A 91 ? 0.27670 0.20974 0.33967 -0.04146 -0.00781 -0.00198 91 LEU A CD1 
614 C CD2 . LEU A 91 ? 0.38400 0.26118 0.43102 -0.09084 -0.05849 -0.00141 91 LEU A CD2 
615 N N   . ILE A 92 ? 0.34685 0.22220 0.29504 -0.01191 0.00706  -0.03888 92 ILE A N   
616 C CA  . ILE A 92 ? 0.35629 0.19038 0.27043 0.00059  0.02600  -0.04418 92 ILE A CA  
617 C C   . ILE A 92 ? 0.36988 0.17638 0.28635 -0.00576 0.02869  -0.04185 92 ILE A C   
618 O O   . ILE A 92 ? 0.45339 0.19759 0.32452 -0.01011 0.03068  -0.05127 92 ILE A O   
619 C CB  . ILE A 92 ? 0.33619 0.20126 0.26825 0.02237  0.04612  -0.03488 92 ILE A CB  
620 C CG1 . ILE A 92 ? 0.36926 0.25247 0.29517 0.02666  0.04383  -0.03637 92 ILE A CG1 
621 C CG2 . ILE A 92 ? 0.42270 0.25466 0.33834 0.03967  0.07053  -0.03070 92 ILE A CG2 
622 C CD1 . ILE A 92 ? 0.52838 0.36643 0.40429 0.03114  0.05103  -0.04566 92 ILE A CD1 
623 N N   . GLY A 93 ? 0.34023 0.18322 0.30095 -0.00648 0.03052  -0.02929 93 GLY A N   
624 C CA  . GLY A 93 ? 0.36352 0.18290 0.33117 -0.01362 0.03321  -0.02392 93 GLY A CA  
625 C C   . GLY A 93 ? 0.37093 0.23310 0.38097 -0.00729 0.04257  -0.00738 93 GLY A C   
626 O O   . GLY A 93 ? 0.31849 0.21998 0.34333 0.00116  0.04573  -0.00233 93 GLY A O   
627 N N   . ASP A 94 ? 0.41696 0.26085 0.43698 -0.01290 0.04710  0.00076  94 ASP A N   
628 C CA  . ASP A 94 ? 0.36712 0.23982 0.41645 -0.00645 0.05888  0.01814  94 ASP A CA  
629 C C   . ASP A 94 ? 0.39159 0.27319 0.43082 0.01465  0.07275  0.02409  94 ASP A C   
630 O O   . ASP A 94 ? 0.41389 0.27185 0.43636 0.02576  0.08043  0.02142  94 ASP A O   
631 C CB  . ASP A 94 ? 0.40651 0.25261 0.46808 -0.01808 0.06078  0.02768  94 ASP A CB  
632 C CG  . ASP A 94 ? 0.46650 0.31891 0.55830 -0.04368 0.04316  0.03423  94 ASP A CG  
633 O OD1 . ASP A 94 ? 0.49160 0.37595 0.60146 -0.04929 0.03218  0.03484  94 ASP A OD1 
634 O OD2 . ASP A 94 ? 0.60000 0.42612 0.70268 -0.05914 0.03949  0.04272  94 ASP A OD2 
635 N N   . ALA A 95 ? 0.33718 0.24906 0.38506 0.01998  0.07668  0.03575  95 ALA A N   
636 C CA  . ALA A 95 ? 0.39906 0.31700 0.44044 0.03272  0.08249  0.04951  95 ALA A CA  
637 C C   . ALA A 95 ? 0.41022 0.30773 0.46005 0.03487  0.09291  0.06313  95 ALA A C   
638 O O   . ALA A 95 ? 0.39996 0.28193 0.46091 0.02397  0.09542  0.06254  95 ALA A O   
639 C CB  . ALA A 95 ? 0.40951 0.34826 0.43752 0.03334  0.07961  0.05645  95 ALA A CB  
640 N N   . PRO A 96 ? 0.40080 0.29907 0.45093 0.04756  0.09734  0.07951  96 PRO A N   
641 C CA  . PRO A 96 ? 0.45493 0.33074 0.51364 0.05205  0.10891  0.09486  96 PRO A CA  
642 C C   . PRO A 96 ? 0.50054 0.37959 0.56096 0.04322  0.11243  0.10483  96 PRO A C   
643 O O   . PRO A 96 ? 0.53272 0.43145 0.57973 0.04105  0.10955  0.10806  96 PRO A O   
644 C CB  . PRO A 96 ? 0.46049 0.35153 0.52648 0.06810  0.10911  0.11801  96 PRO A CB  
645 C CG  . PRO A 96 ? 0.42014 0.33032 0.48824 0.07268  0.10219  0.11134  96 PRO A CG  
646 C CD  . PRO A 96 ? 0.34316 0.26171 0.39493 0.05839  0.09174  0.08804  96 PRO A CD  
647 N N   . SER A 97 ? 0.58136 0.43314 0.65410 0.03883  0.12183  0.11095  97 SER A N   
648 C CA  . SER A 97 ? 0.64597 0.49945 0.72918 0.03088  0.13025  0.12559  97 SER A CA  
649 C C   . SER A 97 ? 0.76048 0.61693 0.83130 0.04262  0.13751  0.15037  97 SER A C   
650 O O   . SER A 97 ? 0.80185 0.67503 0.85072 0.05061  0.12907  0.15587  97 SER A O   
651 C CB  . SER A 97 ? 0.63942 0.45952 0.74296 0.01636  0.13288  0.12500  97 SER A CB  
# 
loop_
_pdbx_poly_seq_scheme.asym_id 
_pdbx_poly_seq_scheme.entity_id 
_pdbx_poly_seq_scheme.seq_id 
_pdbx_poly_seq_scheme.mon_id 
_pdbx_poly_seq_scheme.ndb_seq_num 
_pdbx_poly_seq_scheme.pdb_seq_num 
_pdbx_poly_seq_scheme.auth_seq_num 
_pdbx_poly_seq_scheme.pdb_mon_id 
_pdbx_poly_seq_scheme.auth_mon_id 
_pdbx_poly_seq_scheme.pdb_strand_id 
_pdbx_poly_seq_scheme.pdb_ins_code 
_pdbx_poly_seq_scheme.hetero 
A 1 1   MET 1   1   ?  ?   ?   A . n 
A 1 2   ALA 2   2   ?  ?   ?   A . n 
A 1 3   THR 3   3   ?  ?   ?   A . n 
A 1 4   VAL 4   4   ?  ?   ?   A . n 
A 1 5   GLY 5   5   ?  ?   ?   A . n 
A 1 6   GLY 6   6   ?  ?   ?   A . n 
A 1 7   ILE 7   7   ?  ?   ?   A . n 
A 1 8   LYS 8   8   ?  ?   ?   A . n 
A 1 9   GLU 9   9   ?  ?   ?   A . n 
A 1 10  VAL 10  10  ?  ?   ?   A . n 
A 1 11  ASP 11  11  ?  ?   ?   A . n 
A 1 12  GLY 12  12  ?  ?   ?   A . n 
A 1 13  ASN 13  13  ?  ?   ?   A . n 
A 1 14  GLN 14  14  ?  ?   ?   A . n 
A 1 15  ASN 15  15  ?  ?   ?   A . n 
A 1 16  SER 16  16  ?  ?   ?   A . n 
A 1 17  LEU 17  17  ?  ?   ?   A . n 
A 1 18  GLU 18  18  18 GLU GLU A . n 
A 1 19  ILE 19  19  19 ILE ILE A . n 
A 1 20  GLU 20  20  20 GLU GLU A . n 
A 1 21  SER 21  21  21 SER SER A . n 
A 1 22  LEU 22  22  22 LEU LEU A . n 
A 1 23  ALA 23  23  23 ALA ALA A . n 
A 1 24  ARG 24  24  24 ARG ARG A . n 
A 1 25  TYR 25  25  25 TYR TYR A . n 
A 1 26  ALA 26  26  26 ALA ALA A . n 
A 1 27  VAL 27  27  27 VAL VAL A . n 
A 1 28  ASP 28  28  28 ASP ASP A . n 
A 1 29  GLU 29  29  29 GLU GLU A . n 
A 1 30  HIS 30  30  30 HIS HIS A . n 
A 1 31  ASN 31  31  31 ASN ASN A . n 
A 1 32  LYS 32  32  32 LYS LYS A . n 
A 1 33  LYS 33  33  33 LYS LYS A . n 
A 1 34  GLN 34  34  34 GLN GLN A . n 
A 1 35  ASN 35  35  35 ASN ASN A . n 
A 1 36  SER 36  36  36 SER SER A . n 
A 1 37  LEU 37  37  37 LEU LEU A . n 
A 1 38  LEU 38  38  38 LEU LEU A . n 
A 1 39  GLN 39  39  39 GLN GLN A . n 
A 1 40  PHE 40  40  40 PHE PHE A . n 
A 1 41  GLU 41  41  41 GLU GLU A . n 
A 1 42  LYS 42  42  42 LYS LYS A . n 
A 1 43  VAL 43  43  43 VAL VAL A . n 
A 1 44  VAL 44  44  44 VAL VAL A . n 
A 1 45  ASN 45  45  45 ASN ASN A . n 
A 1 46  THR 46  46  46 THR THR A . n 
A 1 47  LYS 47  47  47 LYS LYS A . n 
A 1 48  GLN 48  48  48 GLN GLN A . n 
A 1 49  GLN 49  49  49 GLN GLN A . n 
A 1 50  VAL 50  50  50 VAL VAL A . n 
A 1 51  VAL 51  51  51 VAL VAL A . n 
A 1 52  SER 52  52  52 SER SER A . n 
A 1 53  GLY 53  53  53 GLY GLY A . n 
A 1 54  THR 54  54  54 THR THR A . n 
A 1 55  ILE 55  55  55 ILE ILE A . n 
A 1 56  TYR 56  56  56 TYR TYR A . n 
A 1 57  ILE 57  57  57 ILE ILE A . n 
A 1 58  ILE 58  58  58 ILE ILE A . n 
A 1 59  THR 59  59  59 THR THR A . n 
A 1 60  LEU 60  60  60 LEU LEU A . n 
A 1 61  GLU 61  61  61 GLU GLU A . n 
A 1 62  ALA 62  62  62 ALA ALA A . n 
A 1 63  VAL 63  63  63 VAL VAL A . n 
A 1 64  ASP 64  64  64 ASP ASP A . n 
A 1 65  GLY 65  65  65 GLY GLY A . n 
A 1 66  GLY 66  66  66 GLY GLY A . n 
A 1 67  LYS 67  67  67 LYS LYS A . n 
A 1 68  LYS 68  68  68 LYS LYS A . n 
A 1 69  LYS 69  69  69 LYS LYS A . n 
A 1 70  VAL 70  70  70 VAL VAL A . n 
A 1 71  TYR 71  71  71 TYR TYR A . n 
A 1 72  GLU 72  72  72 GLU GLU A . n 
A 1 73  ALA 73  73  73 ALA ALA A . n 
A 1 74  LYS 74  74  74 LYS LYS A . n 
A 1 75  VAL 75  75  75 VAL VAL A . n 
A 1 76  TRP 76  76  76 TRP TRP A . n 
A 1 77  GLU 77  77  77 GLU GLU A . n 
A 1 78  LYS 78  78  78 LYS LYS A . n 
A 1 79  PRO 79  79  79 PRO PRO A . n 
A 1 80  TRP 80  80  80 TRP TRP A . n 
A 1 81  MET 81  81  81 MET MET A . n 
A 1 82  ASN 82  82  82 ASN ASN A . n 
A 1 83  PHE 83  83  83 PHE PHE A . n 
A 1 84  LYS 84  84  84 LYS LYS A . n 
A 1 85  GLU 85  85  85 GLU GLU A . n 
A 1 86  LEU 86  86  86 LEU LEU A . n 
A 1 87  GLN 87  87  87 GLN GLN A . n 
A 1 88  GLU 88  88  88 GLU GLU A . n 
A 1 89  PHE 89  89  89 PHE PHE A . n 
A 1 90  LYS 90  90  90 LYS LYS A . n 
A 1 91  LEU 91  91  91 LEU LEU A . n 
A 1 92  ILE 92  92  92 ILE ILE A . n 
A 1 93  GLY 93  93  93 GLY GLY A . n 
A 1 94  ASP 94  94  94 ASP ASP A . n 
A 1 95  ALA 95  95  95 ALA ALA A . n 
A 1 96  PRO 96  96  96 PRO PRO A . n 
A 1 97  SER 97  97  97 SER SER A . n 
A 1 98  GLY 98  98  ?  ?   ?   A . n 
A 1 99  SER 99  99  ?  ?   ?   A . n 
A 1 100 SER 100 100 ?  ?   ?   A . n 
A 1 101 ALA 101 101 ?  ?   ?   A . n 
# 
loop_
_pdbx_nonpoly_scheme.asym_id 
_pdbx_nonpoly_scheme.entity_id 
_pdbx_nonpoly_scheme.mon_id 
_pdbx_nonpoly_scheme.ndb_seq_num 
_pdbx_nonpoly_scheme.pdb_seq_num 
_pdbx_nonpoly_scheme.auth_seq_num 
_pdbx_nonpoly_scheme.pdb_mon_id 
_pdbx_nonpoly_scheme.auth_mon_id 
_pdbx_nonpoly_scheme.pdb_strand_id 
_pdbx_nonpoly_scheme.pdb_ins_code 
B 2 TAM 1  201 1  TAM TAM A . 
C 3 SO4 1  202 1  SO4 SO4 A . 
D 3 SO4 1  203 2  SO4 SO4 A . 
E 3 SO4 1  204 3  SO4 SO4 A . 
F 4 HOH 1  301 20 HOH HOH A . 
F 4 HOH 2  302 29 HOH HOH A . 
F 4 HOH 3  303 46 HOH HOH A . 
F 4 HOH 4  304 13 HOH HOH A . 
F 4 HOH 5  305 28 HOH HOH A . 
F 4 HOH 6  306 10 HOH HOH A . 
F 4 HOH 7  307 33 HOH HOH A . 
F 4 HOH 8  308 24 HOH HOH A . 
F 4 HOH 9  309 55 HOH HOH A . 
F 4 HOH 10 310 9  HOH HOH A . 
F 4 HOH 11 311 5  HOH HOH A . 
F 4 HOH 12 312 52 HOH HOH A . 
F 4 HOH 13 313 22 HOH HOH A . 
F 4 HOH 14 314 31 HOH HOH A . 
F 4 HOH 15 315 27 HOH HOH A . 
F 4 HOH 16 316 8  HOH HOH A . 
F 4 HOH 17 317 63 HOH HOH A . 
F 4 HOH 18 318 12 HOH HOH A . 
F 4 HOH 19 319 2  HOH HOH A . 
F 4 HOH 20 320 4  HOH HOH A . 
F 4 HOH 21 321 59 HOH HOH A . 
F 4 HOH 22 322 68 HOH HOH A . 
F 4 HOH 23 323 17 HOH HOH A . 
F 4 HOH 24 324 51 HOH HOH A . 
F 4 HOH 25 325 42 HOH HOH A . 
F 4 HOH 26 326 25 HOH HOH A . 
F 4 HOH 27 327 40 HOH HOH A . 
F 4 HOH 28 328 57 HOH HOH A . 
F 4 HOH 29 329 45 HOH HOH A . 
F 4 HOH 30 330 1  HOH HOH A . 
F 4 HOH 31 331 26 HOH HOH A . 
F 4 HOH 32 332 3  HOH HOH A . 
F 4 HOH 33 333 6  HOH HOH A . 
F 4 HOH 34 334 54 HOH HOH A . 
F 4 HOH 35 335 36 HOH HOH A . 
F 4 HOH 36 336 32 HOH HOH A . 
F 4 HOH 37 337 69 HOH HOH A . 
F 4 HOH 38 338 66 HOH HOH A . 
F 4 HOH 39 339 67 HOH HOH A . 
F 4 HOH 40 340 41 HOH HOH A . 
F 4 HOH 41 341 37 HOH HOH A . 
F 4 HOH 42 342 11 HOH HOH A . 
F 4 HOH 43 343 15 HOH HOH A . 
F 4 HOH 44 344 65 HOH HOH A . 
F 4 HOH 45 345 21 HOH HOH A . 
F 4 HOH 46 346 7  HOH HOH A . 
F 4 HOH 47 347 16 HOH HOH A . 
F 4 HOH 48 348 14 HOH HOH A . 
F 4 HOH 49 349 50 HOH HOH A . 
F 4 HOH 50 350 18 HOH HOH A . 
F 4 HOH 51 351 61 HOH HOH A . 
F 4 HOH 52 352 48 HOH HOH A . 
F 4 HOH 53 353 19 HOH HOH A . 
F 4 HOH 54 354 58 HOH HOH A . 
F 4 HOH 55 355 35 HOH HOH A . 
F 4 HOH 56 356 47 HOH HOH A . 
F 4 HOH 57 357 53 HOH HOH A . 
F 4 HOH 58 358 60 HOH HOH A . 
F 4 HOH 59 359 39 HOH HOH A . 
F 4 HOH 60 360 56 HOH HOH A . 
F 4 HOH 61 361 38 HOH HOH A . 
F 4 HOH 62 362 44 HOH HOH A . 
F 4 HOH 63 363 30 HOH HOH A . 
F 4 HOH 64 364 64 HOH HOH A . 
F 4 HOH 65 365 23 HOH HOH A . 
F 4 HOH 66 366 43 HOH HOH A . 
F 4 HOH 67 367 34 HOH HOH A . 
F 4 HOH 68 368 62 HOH HOH A . 
F 4 HOH 69 369 49 HOH HOH A . 
F 4 HOH 70 370 70 HOH HOH A . 
# 
_pdbx_struct_assembly.id                   1 
_pdbx_struct_assembly.details              author_and_software_defined_assembly 
_pdbx_struct_assembly.method_details       PISA 
_pdbx_struct_assembly.oligomeric_details   dimeric 
_pdbx_struct_assembly.oligomeric_count     2 
# 
_pdbx_struct_assembly_gen.assembly_id       1 
_pdbx_struct_assembly_gen.oper_expression   1,2 
_pdbx_struct_assembly_gen.asym_id_list      A,B,C,D,E,F 
# 
loop_
_pdbx_struct_assembly_prop.biol_id 
_pdbx_struct_assembly_prop.type 
_pdbx_struct_assembly_prop.value 
_pdbx_struct_assembly_prop.details 
1 'ABSA (A^2)' 6210 ? 
1 MORE         -131 ? 
1 'SSA (A^2)'  9380 ? 
# 
loop_
_pdbx_struct_oper_list.id 
_pdbx_struct_oper_list.type 
_pdbx_struct_oper_list.name 
_pdbx_struct_oper_list.symmetry_operation 
_pdbx_struct_oper_list.matrix[1][1] 
_pdbx_struct_oper_list.matrix[1][2] 
_pdbx_struct_oper_list.matrix[1][3] 
_pdbx_struct_oper_list.vector[1] 
_pdbx_struct_oper_list.matrix[2][1] 
_pdbx_struct_oper_list.matrix[2][2] 
_pdbx_struct_oper_list.matrix[2][3] 
_pdbx_struct_oper_list.vector[2] 
_pdbx_struct_oper_list.matrix[3][1] 
_pdbx_struct_oper_list.matrix[3][2] 
_pdbx_struct_oper_list.matrix[3][3] 
_pdbx_struct_oper_list.vector[3] 
1 'identity operation'         1_555 x,y,z       1.0000000000 0.0000000000 0.0000000000  0.0000000000  0.0000000000 1.0000000000  0.0000000000  0.0000000000 0.0000000000  0.0000000000  1.0000000000  0.0000000000  
2 'crystal symmetry operation' 3_554 -x,y,-z-1/2 0.3773097619 0.9260765141 -0.0044309936 -2.0443343496 0.9260765141 -0.3773240170 -0.0029793146 3.0344906500 -0.0044309936 -0.0029793146 -0.9999857449 -1.2437691106 
# 
_pdbx_struct_special_symmetry.id              1 
_pdbx_struct_special_symmetry.PDB_model_num   1 
_pdbx_struct_special_symmetry.auth_asym_id    A 
_pdbx_struct_special_symmetry.auth_comp_id    SO4 
_pdbx_struct_special_symmetry.auth_seq_id     202 
_pdbx_struct_special_symmetry.PDB_ins_code    ? 
_pdbx_struct_special_symmetry.label_asym_id   C 
_pdbx_struct_special_symmetry.label_comp_id   SO4 
_pdbx_struct_special_symmetry.label_seq_id    . 
# 
loop_
_pdbx_audit_revision_history.ordinal 
_pdbx_audit_revision_history.data_content_type 
_pdbx_audit_revision_history.major_revision 
_pdbx_audit_revision_history.minor_revision 
_pdbx_audit_revision_history.revision_date 
1 'Structure model' 1 0 2020-10-14 
2 'Structure model' 1 1 2023-10-11 
# 
_pdbx_audit_revision_details.ordinal             1 
_pdbx_audit_revision_details.revision_ordinal    1 
_pdbx_audit_revision_details.data_content_type   'Structure model' 
_pdbx_audit_revision_details.provider            repository 
_pdbx_audit_revision_details.type                'Initial release' 
_pdbx_audit_revision_details.description         ? 
_pdbx_audit_revision_details.details             ? 
# 
loop_
_pdbx_audit_revision_group.ordinal 
_pdbx_audit_revision_group.revision_ordinal 
_pdbx_audit_revision_group.data_content_type 
_pdbx_audit_revision_group.group 
1 2 'Structure model' 'Data collection'        
2 2 'Structure model' 'Database references'    
3 2 'Structure model' 'Refinement description' 
# 
loop_
_pdbx_audit_revision_category.ordinal 
_pdbx_audit_revision_category.revision_ordinal 
_pdbx_audit_revision_category.data_content_type 
_pdbx_audit_revision_category.category 
1 2 'Structure model' chem_comp_atom                
2 2 'Structure model' chem_comp_bond                
3 2 'Structure model' database_2                    
4 2 'Structure model' pdbx_initial_refinement_model 
# 
loop_
_pdbx_audit_revision_item.ordinal 
_pdbx_audit_revision_item.revision_ordinal 
_pdbx_audit_revision_item.data_content_type 
_pdbx_audit_revision_item.item 
1 2 'Structure model' '_database_2.pdbx_DOI'                
2 2 'Structure model' '_database_2.pdbx_database_accession' 
# 
loop_
_space_group_symop.id 
_space_group_symop.operation_xyz 
1 x,y,z               
2 x,-y,-z             
3 -x,y,-z+1/2         
4 -x,-y,z+1/2         
5 x+1/2,y+1/2,z       
6 x+1/2,-y+1/2,-z     
7 -x+1/2,y+1/2,-z+1/2 
8 -x+1/2,-y+1/2,z+1/2 
# 
loop_
_software.citation_id 
_software.classification 
_software.compiler_name 
_software.compiler_version 
_software.contact_author 
_software.contact_author_email 
_software.date 
_software.description 
_software.dependencies 
_software.hardware 
_software.language 
_software.location 
_software.mods 
_software.name 
_software.os 
_software.os_version 
_software.type 
_software.version 
_software.pdbx_ordinal 
? refinement       ? ? ? ? ? ? ? ? ? ? ? PHENIX ? ? ? v1.16-3549 1 
? 'data reduction' ? ? ? ? ? ? ? ? ? ? ? XDS    ? ? ? .          2 
? 'data scaling'   ? ? ? ? ? ? ? ? ? ? ? XDS    ? ? ? .          3 
? phasing          ? ? ? ? ? ? ? ? ? ? ? PHASER ? ? ? .          4 
# 
_pdbx_entry_details.entry_id                 6VLP 
_pdbx_entry_details.has_ligand_of_interest   N 
_pdbx_entry_details.compound_details         ? 
_pdbx_entry_details.source_details           ? 
_pdbx_entry_details.nonpolymer_details       ? 
_pdbx_entry_details.sequence_details         ? 
# 
loop_
_pdbx_validate_symm_contact.id 
_pdbx_validate_symm_contact.PDB_model_num 
_pdbx_validate_symm_contact.auth_atom_id_1 
_pdbx_validate_symm_contact.auth_asym_id_1 
_pdbx_validate_symm_contact.auth_comp_id_1 
_pdbx_validate_symm_contact.auth_seq_id_1 
_pdbx_validate_symm_contact.PDB_ins_code_1 
_pdbx_validate_symm_contact.label_alt_id_1 
_pdbx_validate_symm_contact.site_symmetry_1 
_pdbx_validate_symm_contact.auth_atom_id_2 
_pdbx_validate_symm_contact.auth_asym_id_2 
_pdbx_validate_symm_contact.auth_comp_id_2 
_pdbx_validate_symm_contact.auth_seq_id_2 
_pdbx_validate_symm_contact.PDB_ins_code_2 
_pdbx_validate_symm_contact.label_alt_id_2 
_pdbx_validate_symm_contact.site_symmetry_2 
_pdbx_validate_symm_contact.dist 
1 1 O A HOH 334 ? ? 1_555 O A HOH 354 ? ? 7_454 1.85 
2 1 O A HOH 317 ? ? 1_555 O A HOH 357 ? ? 3_554 1.98 
3 1 O A HOH 357 ? ? 1_555 O A HOH 358 ? ? 7_544 2.04 
4 1 O A HOH 323 ? ? 1_555 O A HOH 329 ? ? 3_554 2.07 
# 
_pdbx_distant_solvent_atoms.id                                1 
_pdbx_distant_solvent_atoms.PDB_model_num                     1 
_pdbx_distant_solvent_atoms.auth_atom_id                      O 
_pdbx_distant_solvent_atoms.label_alt_id                      ? 
_pdbx_distant_solvent_atoms.auth_asym_id                      A 
_pdbx_distant_solvent_atoms.auth_comp_id                      HOH 
_pdbx_distant_solvent_atoms.auth_seq_id                       370 
_pdbx_distant_solvent_atoms.PDB_ins_code                      ? 
_pdbx_distant_solvent_atoms.neighbor_macromolecule_distance   6.05 
_pdbx_distant_solvent_atoms.neighbor_ligand_distance          . 
# 
loop_
_pdbx_unobs_or_zero_occ_atoms.id 
_pdbx_unobs_or_zero_occ_atoms.PDB_model_num 
_pdbx_unobs_or_zero_occ_atoms.polymer_flag 
_pdbx_unobs_or_zero_occ_atoms.occupancy_flag 
_pdbx_unobs_or_zero_occ_atoms.auth_asym_id 
_pdbx_unobs_or_zero_occ_atoms.auth_comp_id 
_pdbx_unobs_or_zero_occ_atoms.auth_seq_id 
_pdbx_unobs_or_zero_occ_atoms.PDB_ins_code 
_pdbx_unobs_or_zero_occ_atoms.auth_atom_id 
_pdbx_unobs_or_zero_occ_atoms.label_alt_id 
_pdbx_unobs_or_zero_occ_atoms.label_asym_id 
_pdbx_unobs_or_zero_occ_atoms.label_comp_id 
_pdbx_unobs_or_zero_occ_atoms.label_seq_id 
_pdbx_unobs_or_zero_occ_atoms.label_atom_id 
1 1 Y 1 A GLU 18 ? CG  ? A GLU 18 CG  
2 1 Y 1 A GLU 18 ? CD  ? A GLU 18 CD  
3 1 Y 1 A GLU 18 ? OE1 ? A GLU 18 OE1 
4 1 Y 1 A GLU 18 ? OE2 ? A GLU 18 OE2 
5 1 Y 1 A LYS 67 ? CD  ? A LYS 67 CD  
6 1 Y 1 A LYS 67 ? CE  ? A LYS 67 CE  
7 1 Y 1 A LYS 67 ? NZ  ? A LYS 67 NZ  
8 1 Y 1 A SER 97 ? OG  ? A SER 97 OG  
# 
loop_
_pdbx_unobs_or_zero_occ_residues.id 
_pdbx_unobs_or_zero_occ_residues.PDB_model_num 
_pdbx_unobs_or_zero_occ_residues.polymer_flag 
_pdbx_unobs_or_zero_occ_residues.occupancy_flag 
_pdbx_unobs_or_zero_occ_residues.auth_asym_id 
_pdbx_unobs_or_zero_occ_residues.auth_comp_id 
_pdbx_unobs_or_zero_occ_residues.auth_seq_id 
_pdbx_unobs_or_zero_occ_residues.PDB_ins_code 
_pdbx_unobs_or_zero_occ_residues.label_asym_id 
_pdbx_unobs_or_zero_occ_residues.label_comp_id 
_pdbx_unobs_or_zero_occ_residues.label_seq_id 
1  1 Y 1 A MET 1   ? A MET 1   
2  1 Y 1 A ALA 2   ? A ALA 2   
3  1 Y 1 A THR 3   ? A THR 3   
4  1 Y 1 A VAL 4   ? A VAL 4   
5  1 Y 1 A GLY 5   ? A GLY 5   
6  1 Y 1 A GLY 6   ? A GLY 6   
7  1 Y 1 A ILE 7   ? A ILE 7   
8  1 Y 1 A LYS 8   ? A LYS 8   
9  1 Y 1 A GLU 9   ? A GLU 9   
10 1 Y 1 A VAL 10  ? A VAL 10  
11 1 Y 1 A ASP 11  ? A ASP 11  
12 1 Y 1 A GLY 12  ? A GLY 12  
13 1 Y 1 A ASN 13  ? A ASN 13  
14 1 Y 1 A GLN 14  ? A GLN 14  
15 1 Y 1 A ASN 15  ? A ASN 15  
16 1 Y 1 A SER 16  ? A SER 16  
17 1 Y 1 A LEU 17  ? A LEU 17  
18 1 Y 1 A GLY 98  ? A GLY 98  
19 1 Y 1 A SER 99  ? A SER 99  
20 1 Y 1 A SER 100 ? A SER 100 
21 1 Y 1 A ALA 101 ? A ALA 101 
# 
loop_
_chem_comp_atom.comp_id 
_chem_comp_atom.atom_id 
_chem_comp_atom.type_symbol 
_chem_comp_atom.pdbx_aromatic_flag 
_chem_comp_atom.pdbx_stereo_config 
_chem_comp_atom.pdbx_ordinal 
ALA N    N N N 1   
ALA CA   C N S 2   
ALA C    C N N 3   
ALA O    O N N 4   
ALA CB   C N N 5   
ALA OXT  O N N 6   
ALA H    H N N 7   
ALA H2   H N N 8   
ALA HA   H N N 9   
ALA HB1  H N N 10  
ALA HB2  H N N 11  
ALA HB3  H N N 12  
ALA HXT  H N N 13  
ARG N    N N N 14  
ARG CA   C N S 15  
ARG C    C N N 16  
ARG O    O N N 17  
ARG CB   C N N 18  
ARG CG   C N N 19  
ARG CD   C N N 20  
ARG NE   N N N 21  
ARG CZ   C N N 22  
ARG NH1  N N N 23  
ARG NH2  N N N 24  
ARG OXT  O N N 25  
ARG H    H N N 26  
ARG H2   H N N 27  
ARG HA   H N N 28  
ARG HB2  H N N 29  
ARG HB3  H N N 30  
ARG HG2  H N N 31  
ARG HG3  H N N 32  
ARG HD2  H N N 33  
ARG HD3  H N N 34  
ARG HE   H N N 35  
ARG HH11 H N N 36  
ARG HH12 H N N 37  
ARG HH21 H N N 38  
ARG HH22 H N N 39  
ARG HXT  H N N 40  
ASN N    N N N 41  
ASN CA   C N S 42  
ASN C    C N N 43  
ASN O    O N N 44  
ASN CB   C N N 45  
ASN CG   C N N 46  
ASN OD1  O N N 47  
ASN ND2  N N N 48  
ASN OXT  O N N 49  
ASN H    H N N 50  
ASN H2   H N N 51  
ASN HA   H N N 52  
ASN HB2  H N N 53  
ASN HB3  H N N 54  
ASN HD21 H N N 55  
ASN HD22 H N N 56  
ASN HXT  H N N 57  
ASP N    N N N 58  
ASP CA   C N S 59  
ASP C    C N N 60  
ASP O    O N N 61  
ASP CB   C N N 62  
ASP CG   C N N 63  
ASP OD1  O N N 64  
ASP OD2  O N N 65  
ASP OXT  O N N 66  
ASP H    H N N 67  
ASP H2   H N N 68  
ASP HA   H N N 69  
ASP HB2  H N N 70  
ASP HB3  H N N 71  
ASP HD2  H N N 72  
ASP HXT  H N N 73  
GLN N    N N N 74  
GLN CA   C N S 75  
GLN C    C N N 76  
GLN O    O N N 77  
GLN CB   C N N 78  
GLN CG   C N N 79  
GLN CD   C N N 80  
GLN OE1  O N N 81  
GLN NE2  N N N 82  
GLN OXT  O N N 83  
GLN H    H N N 84  
GLN H2   H N N 85  
GLN HA   H N N 86  
GLN HB2  H N N 87  
GLN HB3  H N N 88  
GLN HG2  H N N 89  
GLN HG3  H N N 90  
GLN HE21 H N N 91  
GLN HE22 H N N 92  
GLN HXT  H N N 93  
GLU N    N N N 94  
GLU CA   C N S 95  
GLU C    C N N 96  
GLU O    O N N 97  
GLU CB   C N N 98  
GLU CG   C N N 99  
GLU CD   C N N 100 
GLU OE1  O N N 101 
GLU OE2  O N N 102 
GLU OXT  O N N 103 
GLU H    H N N 104 
GLU H2   H N N 105 
GLU HA   H N N 106 
GLU HB2  H N N 107 
GLU HB3  H N N 108 
GLU HG2  H N N 109 
GLU HG3  H N N 110 
GLU HE2  H N N 111 
GLU HXT  H N N 112 
GLY N    N N N 113 
GLY CA   C N N 114 
GLY C    C N N 115 
GLY O    O N N 116 
GLY OXT  O N N 117 
GLY H    H N N 118 
GLY H2   H N N 119 
GLY HA2  H N N 120 
GLY HA3  H N N 121 
GLY HXT  H N N 122 
HIS N    N N N 123 
HIS CA   C N S 124 
HIS C    C N N 125 
HIS O    O N N 126 
HIS CB   C N N 127 
HIS CG   C Y N 128 
HIS ND1  N Y N 129 
HIS CD2  C Y N 130 
HIS CE1  C Y N 131 
HIS NE2  N Y N 132 
HIS OXT  O N N 133 
HIS H    H N N 134 
HIS H2   H N N 135 
HIS HA   H N N 136 
HIS HB2  H N N 137 
HIS HB3  H N N 138 
HIS HD1  H N N 139 
HIS HD2  H N N 140 
HIS HE1  H N N 141 
HIS HE2  H N N 142 
HIS HXT  H N N 143 
HOH O    O N N 144 
HOH H1   H N N 145 
HOH H2   H N N 146 
ILE N    N N N 147 
ILE CA   C N S 148 
ILE C    C N N 149 
ILE O    O N N 150 
ILE CB   C N S 151 
ILE CG1  C N N 152 
ILE CG2  C N N 153 
ILE CD1  C N N 154 
ILE OXT  O N N 155 
ILE H    H N N 156 
ILE H2   H N N 157 
ILE HA   H N N 158 
ILE HB   H N N 159 
ILE HG12 H N N 160 
ILE HG13 H N N 161 
ILE HG21 H N N 162 
ILE HG22 H N N 163 
ILE HG23 H N N 164 
ILE HD11 H N N 165 
ILE HD12 H N N 166 
ILE HD13 H N N 167 
ILE HXT  H N N 168 
LEU N    N N N 169 
LEU CA   C N S 170 
LEU C    C N N 171 
LEU O    O N N 172 
LEU CB   C N N 173 
LEU CG   C N N 174 
LEU CD1  C N N 175 
LEU CD2  C N N 176 
LEU OXT  O N N 177 
LEU H    H N N 178 
LEU H2   H N N 179 
LEU HA   H N N 180 
LEU HB2  H N N 181 
LEU HB3  H N N 182 
LEU HG   H N N 183 
LEU HD11 H N N 184 
LEU HD12 H N N 185 
LEU HD13 H N N 186 
LEU HD21 H N N 187 
LEU HD22 H N N 188 
LEU HD23 H N N 189 
LEU HXT  H N N 190 
LYS N    N N N 191 
LYS CA   C N S 192 
LYS C    C N N 193 
LYS O    O N N 194 
LYS CB   C N N 195 
LYS CG   C N N 196 
LYS CD   C N N 197 
LYS CE   C N N 198 
LYS NZ   N N N 199 
LYS OXT  O N N 200 
LYS H    H N N 201 
LYS H2   H N N 202 
LYS HA   H N N 203 
LYS HB2  H N N 204 
LYS HB3  H N N 205 
LYS HG2  H N N 206 
LYS HG3  H N N 207 
LYS HD2  H N N 208 
LYS HD3  H N N 209 
LYS HE2  H N N 210 
LYS HE3  H N N 211 
LYS HZ1  H N N 212 
LYS HZ2  H N N 213 
LYS HZ3  H N N 214 
LYS HXT  H N N 215 
MET N    N N N 216 
MET CA   C N S 217 
MET C    C N N 218 
MET O    O N N 219 
MET CB   C N N 220 
MET CG   C N N 221 
MET SD   S N N 222 
MET CE   C N N 223 
MET OXT  O N N 224 
MET H    H N N 225 
MET H2   H N N 226 
MET HA   H N N 227 
MET HB2  H N N 228 
MET HB3  H N N 229 
MET HG2  H N N 230 
MET HG3  H N N 231 
MET HE1  H N N 232 
MET HE2  H N N 233 
MET HE3  H N N 234 
MET HXT  H N N 235 
PHE N    N N N 236 
PHE CA   C N S 237 
PHE C    C N N 238 
PHE O    O N N 239 
PHE CB   C N N 240 
PHE CG   C Y N 241 
PHE CD1  C Y N 242 
PHE CD2  C Y N 243 
PHE CE1  C Y N 244 
PHE CE2  C Y N 245 
PHE CZ   C Y N 246 
PHE OXT  O N N 247 
PHE H    H N N 248 
PHE H2   H N N 249 
PHE HA   H N N 250 
PHE HB2  H N N 251 
PHE HB3  H N N 252 
PHE HD1  H N N 253 
PHE HD2  H N N 254 
PHE HE1  H N N 255 
PHE HE2  H N N 256 
PHE HZ   H N N 257 
PHE HXT  H N N 258 
PRO N    N N N 259 
PRO CA   C N S 260 
PRO C    C N N 261 
PRO O    O N N 262 
PRO CB   C N N 263 
PRO CG   C N N 264 
PRO CD   C N N 265 
PRO OXT  O N N 266 
PRO H    H N N 267 
PRO HA   H N N 268 
PRO HB2  H N N 269 
PRO HB3  H N N 270 
PRO HG2  H N N 271 
PRO HG3  H N N 272 
PRO HD2  H N N 273 
PRO HD3  H N N 274 
PRO HXT  H N N 275 
SER N    N N N 276 
SER CA   C N S 277 
SER C    C N N 278 
SER O    O N N 279 
SER CB   C N N 280 
SER OG   O N N 281 
SER OXT  O N N 282 
SER H    H N N 283 
SER H2   H N N 284 
SER HA   H N N 285 
SER HB2  H N N 286 
SER HB3  H N N 287 
SER HG   H N N 288 
SER HXT  H N N 289 
SO4 S    S N N 290 
SO4 O1   O N N 291 
SO4 O2   O N N 292 
SO4 O3   O N N 293 
SO4 O4   O N N 294 
TAM C    C N N 295 
TAM C1   C N N 296 
TAM C2   C N N 297 
TAM C3   C N N 298 
TAM C4   C N N 299 
TAM C5   C N N 300 
TAM C6   C N N 301 
TAM N    N N N 302 
TAM O4   O N N 303 
TAM O5   O N N 304 
TAM O6   O N N 305 
TAM H11  H N N 306 
TAM H12  H N N 307 
TAM H21  H N N 308 
TAM H22  H N N 309 
TAM H31  H N N 310 
TAM H32  H N N 311 
TAM H41  H N N 312 
TAM H42  H N N 313 
TAM H51  H N N 314 
TAM H52  H N N 315 
TAM H61  H N N 316 
TAM H62  H N N 317 
TAM HN1  H N N 318 
TAM HN2  H N N 319 
TAM HO4  H N N 320 
TAM HO5  H N N 321 
TAM HO6  H N N 322 
THR N    N N N 323 
THR CA   C N S 324 
THR C    C N N 325 
THR O    O N N 326 
THR CB   C N R 327 
THR OG1  O N N 328 
THR CG2  C N N 329 
THR OXT  O N N 330 
THR H    H N N 331 
THR H2   H N N 332 
THR HA   H N N 333 
THR HB   H N N 334 
THR HG1  H N N 335 
THR HG21 H N N 336 
THR HG22 H N N 337 
THR HG23 H N N 338 
THR HXT  H N N 339 
TRP N    N N N 340 
TRP CA   C N S 341 
TRP C    C N N 342 
TRP O    O N N 343 
TRP CB   C N N 344 
TRP CG   C Y N 345 
TRP CD1  C Y N 346 
TRP CD2  C Y N 347 
TRP NE1  N Y N 348 
TRP CE2  C Y N 349 
TRP CE3  C Y N 350 
TRP CZ2  C Y N 351 
TRP CZ3  C Y N 352 
TRP CH2  C Y N 353 
TRP OXT  O N N 354 
TRP H    H N N 355 
TRP H2   H N N 356 
TRP HA   H N N 357 
TRP HB2  H N N 358 
TRP HB3  H N N 359 
TRP HD1  H N N 360 
TRP HE1  H N N 361 
TRP HE3  H N N 362 
TRP HZ2  H N N 363 
TRP HZ3  H N N 364 
TRP HH2  H N N 365 
TRP HXT  H N N 366 
TYR N    N N N 367 
TYR CA   C N S 368 
TYR C    C N N 369 
TYR O    O N N 370 
TYR CB   C N N 371 
TYR CG   C Y N 372 
TYR CD1  C Y N 373 
TYR CD2  C Y N 374 
TYR CE1  C Y N 375 
TYR CE2  C Y N 376 
TYR CZ   C Y N 377 
TYR OH   O N N 378 
TYR OXT  O N N 379 
TYR H    H N N 380 
TYR H2   H N N 381 
TYR HA   H N N 382 
TYR HB2  H N N 383 
TYR HB3  H N N 384 
TYR HD1  H N N 385 
TYR HD2  H N N 386 
TYR HE1  H N N 387 
TYR HE2  H N N 388 
TYR HH   H N N 389 
TYR HXT  H N N 390 
VAL N    N N N 391 
VAL CA   C N S 392 
VAL C    C N N 393 
VAL O    O N N 394 
VAL CB   C N N 395 
VAL CG1  C N N 396 
VAL CG2  C N N 397 
VAL OXT  O N N 398 
VAL H    H N N 399 
VAL H2   H N N 400 
VAL HA   H N N 401 
VAL HB   H N N 402 
VAL HG11 H N N 403 
VAL HG12 H N N 404 
VAL HG13 H N N 405 
VAL HG21 H N N 406 
VAL HG22 H N N 407 
VAL HG23 H N N 408 
VAL HXT  H N N 409 
# 
loop_
_chem_comp_bond.comp_id 
_chem_comp_bond.atom_id_1 
_chem_comp_bond.atom_id_2 
_chem_comp_bond.value_order 
_chem_comp_bond.pdbx_aromatic_flag 
_chem_comp_bond.pdbx_stereo_config 
_chem_comp_bond.pdbx_ordinal 
ALA N   CA   sing N N 1   
ALA N   H    sing N N 2   
ALA N   H2   sing N N 3   
ALA CA  C    sing N N 4   
ALA CA  CB   sing N N 5   
ALA CA  HA   sing N N 6   
ALA C   O    doub N N 7   
ALA C   OXT  sing N N 8   
ALA CB  HB1  sing N N 9   
ALA CB  HB2  sing N N 10  
ALA CB  HB3  sing N N 11  
ALA OXT HXT  sing N N 12  
ARG N   CA   sing N N 13  
ARG N   H    sing N N 14  
ARG N   H2   sing N N 15  
ARG CA  C    sing N N 16  
ARG CA  CB   sing N N 17  
ARG CA  HA   sing N N 18  
ARG C   O    doub N N 19  
ARG C   OXT  sing N N 20  
ARG CB  CG   sing N N 21  
ARG CB  HB2  sing N N 22  
ARG CB  HB3  sing N N 23  
ARG CG  CD   sing N N 24  
ARG CG  HG2  sing N N 25  
ARG CG  HG3  sing N N 26  
ARG CD  NE   sing N N 27  
ARG CD  HD2  sing N N 28  
ARG CD  HD3  sing N N 29  
ARG NE  CZ   sing N N 30  
ARG NE  HE   sing N N 31  
ARG CZ  NH1  sing N N 32  
ARG CZ  NH2  doub N N 33  
ARG NH1 HH11 sing N N 34  
ARG NH1 HH12 sing N N 35  
ARG NH2 HH21 sing N N 36  
ARG NH2 HH22 sing N N 37  
ARG OXT HXT  sing N N 38  
ASN N   CA   sing N N 39  
ASN N   H    sing N N 40  
ASN N   H2   sing N N 41  
ASN CA  C    sing N N 42  
ASN CA  CB   sing N N 43  
ASN CA  HA   sing N N 44  
ASN C   O    doub N N 45  
ASN C   OXT  sing N N 46  
ASN CB  CG   sing N N 47  
ASN CB  HB2  sing N N 48  
ASN CB  HB3  sing N N 49  
ASN CG  OD1  doub N N 50  
ASN CG  ND2  sing N N 51  
ASN ND2 HD21 sing N N 52  
ASN ND2 HD22 sing N N 53  
ASN OXT HXT  sing N N 54  
ASP N   CA   sing N N 55  
ASP N   H    sing N N 56  
ASP N   H2   sing N N 57  
ASP CA  C    sing N N 58  
ASP CA  CB   sing N N 59  
ASP CA  HA   sing N N 60  
ASP C   O    doub N N 61  
ASP C   OXT  sing N N 62  
ASP CB  CG   sing N N 63  
ASP CB  HB2  sing N N 64  
ASP CB  HB3  sing N N 65  
ASP CG  OD1  doub N N 66  
ASP CG  OD2  sing N N 67  
ASP OD2 HD2  sing N N 68  
ASP OXT HXT  sing N N 69  
GLN N   CA   sing N N 70  
GLN N   H    sing N N 71  
GLN N   H2   sing N N 72  
GLN CA  C    sing N N 73  
GLN CA  CB   sing N N 74  
GLN CA  HA   sing N N 75  
GLN C   O    doub N N 76  
GLN C   OXT  sing N N 77  
GLN CB  CG   sing N N 78  
GLN CB  HB2  sing N N 79  
GLN CB  HB3  sing N N 80  
GLN CG  CD   sing N N 81  
GLN CG  HG2  sing N N 82  
GLN CG  HG3  sing N N 83  
GLN CD  OE1  doub N N 84  
GLN CD  NE2  sing N N 85  
GLN NE2 HE21 sing N N 86  
GLN NE2 HE22 sing N N 87  
GLN OXT HXT  sing N N 88  
GLU N   CA   sing N N 89  
GLU N   H    sing N N 90  
GLU N   H2   sing N N 91  
GLU CA  C    sing N N 92  
GLU CA  CB   sing N N 93  
GLU CA  HA   sing N N 94  
GLU C   O    doub N N 95  
GLU C   OXT  sing N N 96  
GLU CB  CG   sing N N 97  
GLU CB  HB2  sing N N 98  
GLU CB  HB3  sing N N 99  
GLU CG  CD   sing N N 100 
GLU CG  HG2  sing N N 101 
GLU CG  HG3  sing N N 102 
GLU CD  OE1  doub N N 103 
GLU CD  OE2  sing N N 104 
GLU OE2 HE2  sing N N 105 
GLU OXT HXT  sing N N 106 
GLY N   CA   sing N N 107 
GLY N   H    sing N N 108 
GLY N   H2   sing N N 109 
GLY CA  C    sing N N 110 
GLY CA  HA2  sing N N 111 
GLY CA  HA3  sing N N 112 
GLY C   O    doub N N 113 
GLY C   OXT  sing N N 114 
GLY OXT HXT  sing N N 115 
HIS N   CA   sing N N 116 
HIS N   H    sing N N 117 
HIS N   H2   sing N N 118 
HIS CA  C    sing N N 119 
HIS CA  CB   sing N N 120 
HIS CA  HA   sing N N 121 
HIS C   O    doub N N 122 
HIS C   OXT  sing N N 123 
HIS CB  CG   sing N N 124 
HIS CB  HB2  sing N N 125 
HIS CB  HB3  sing N N 126 
HIS CG  ND1  sing Y N 127 
HIS CG  CD2  doub Y N 128 
HIS ND1 CE1  doub Y N 129 
HIS ND1 HD1  sing N N 130 
HIS CD2 NE2  sing Y N 131 
HIS CD2 HD2  sing N N 132 
HIS CE1 NE2  sing Y N 133 
HIS CE1 HE1  sing N N 134 
HIS NE2 HE2  sing N N 135 
HIS OXT HXT  sing N N 136 
HOH O   H1   sing N N 137 
HOH O   H2   sing N N 138 
ILE N   CA   sing N N 139 
ILE N   H    sing N N 140 
ILE N   H2   sing N N 141 
ILE CA  C    sing N N 142 
ILE CA  CB   sing N N 143 
ILE CA  HA   sing N N 144 
ILE C   O    doub N N 145 
ILE C   OXT  sing N N 146 
ILE CB  CG1  sing N N 147 
ILE CB  CG2  sing N N 148 
ILE CB  HB   sing N N 149 
ILE CG1 CD1  sing N N 150 
ILE CG1 HG12 sing N N 151 
ILE CG1 HG13 sing N N 152 
ILE CG2 HG21 sing N N 153 
ILE CG2 HG22 sing N N 154 
ILE CG2 HG23 sing N N 155 
ILE CD1 HD11 sing N N 156 
ILE CD1 HD12 sing N N 157 
ILE CD1 HD13 sing N N 158 
ILE OXT HXT  sing N N 159 
LEU N   CA   sing N N 160 
LEU N   H    sing N N 161 
LEU N   H2   sing N N 162 
LEU CA  C    sing N N 163 
LEU CA  CB   sing N N 164 
LEU CA  HA   sing N N 165 
LEU C   O    doub N N 166 
LEU C   OXT  sing N N 167 
LEU CB  CG   sing N N 168 
LEU CB  HB2  sing N N 169 
LEU CB  HB3  sing N N 170 
LEU CG  CD1  sing N N 171 
LEU CG  CD2  sing N N 172 
LEU CG  HG   sing N N 173 
LEU CD1 HD11 sing N N 174 
LEU CD1 HD12 sing N N 175 
LEU CD1 HD13 sing N N 176 
LEU CD2 HD21 sing N N 177 
LEU CD2 HD22 sing N N 178 
LEU CD2 HD23 sing N N 179 
LEU OXT HXT  sing N N 180 
LYS N   CA   sing N N 181 
LYS N   H    sing N N 182 
LYS N   H2   sing N N 183 
LYS CA  C    sing N N 184 
LYS CA  CB   sing N N 185 
LYS CA  HA   sing N N 186 
LYS C   O    doub N N 187 
LYS C   OXT  sing N N 188 
LYS CB  CG   sing N N 189 
LYS CB  HB2  sing N N 190 
LYS CB  HB3  sing N N 191 
LYS CG  CD   sing N N 192 
LYS CG  HG2  sing N N 193 
LYS CG  HG3  sing N N 194 
LYS CD  CE   sing N N 195 
LYS CD  HD2  sing N N 196 
LYS CD  HD3  sing N N 197 
LYS CE  NZ   sing N N 198 
LYS CE  HE2  sing N N 199 
LYS CE  HE3  sing N N 200 
LYS NZ  HZ1  sing N N 201 
LYS NZ  HZ2  sing N N 202 
LYS NZ  HZ3  sing N N 203 
LYS OXT HXT  sing N N 204 
MET N   CA   sing N N 205 
MET N   H    sing N N 206 
MET N   H2   sing N N 207 
MET CA  C    sing N N 208 
MET CA  CB   sing N N 209 
MET CA  HA   sing N N 210 
MET C   O    doub N N 211 
MET C   OXT  sing N N 212 
MET CB  CG   sing N N 213 
MET CB  HB2  sing N N 214 
MET CB  HB3  sing N N 215 
MET CG  SD   sing N N 216 
MET CG  HG2  sing N N 217 
MET CG  HG3  sing N N 218 
MET SD  CE   sing N N 219 
MET CE  HE1  sing N N 220 
MET CE  HE2  sing N N 221 
MET CE  HE3  sing N N 222 
MET OXT HXT  sing N N 223 
PHE N   CA   sing N N 224 
PHE N   H    sing N N 225 
PHE N   H2   sing N N 226 
PHE CA  C    sing N N 227 
PHE CA  CB   sing N N 228 
PHE CA  HA   sing N N 229 
PHE C   O    doub N N 230 
PHE C   OXT  sing N N 231 
PHE CB  CG   sing N N 232 
PHE CB  HB2  sing N N 233 
PHE CB  HB3  sing N N 234 
PHE CG  CD1  doub Y N 235 
PHE CG  CD2  sing Y N 236 
PHE CD1 CE1  sing Y N 237 
PHE CD1 HD1  sing N N 238 
PHE CD2 CE2  doub Y N 239 
PHE CD2 HD2  sing N N 240 
PHE CE1 CZ   doub Y N 241 
PHE CE1 HE1  sing N N 242 
PHE CE2 CZ   sing Y N 243 
PHE CE2 HE2  sing N N 244 
PHE CZ  HZ   sing N N 245 
PHE OXT HXT  sing N N 246 
PRO N   CA   sing N N 247 
PRO N   CD   sing N N 248 
PRO N   H    sing N N 249 
PRO CA  C    sing N N 250 
PRO CA  CB   sing N N 251 
PRO CA  HA   sing N N 252 
PRO C   O    doub N N 253 
PRO C   OXT  sing N N 254 
PRO CB  CG   sing N N 255 
PRO CB  HB2  sing N N 256 
PRO CB  HB3  sing N N 257 
PRO CG  CD   sing N N 258 
PRO CG  HG2  sing N N 259 
PRO CG  HG3  sing N N 260 
PRO CD  HD2  sing N N 261 
PRO CD  HD3  sing N N 262 
PRO OXT HXT  sing N N 263 
SER N   CA   sing N N 264 
SER N   H    sing N N 265 
SER N   H2   sing N N 266 
SER CA  C    sing N N 267 
SER CA  CB   sing N N 268 
SER CA  HA   sing N N 269 
SER C   O    doub N N 270 
SER C   OXT  sing N N 271 
SER CB  OG   sing N N 272 
SER CB  HB2  sing N N 273 
SER CB  HB3  sing N N 274 
SER OG  HG   sing N N 275 
SER OXT HXT  sing N N 276 
SO4 S   O1   doub N N 277 
SO4 S   O2   doub N N 278 
SO4 S   O3   sing N N 279 
SO4 S   O4   sing N N 280 
TAM C   C1   sing N N 281 
TAM C   C2   sing N N 282 
TAM C   C3   sing N N 283 
TAM C   N    sing N N 284 
TAM C1  C4   sing N N 285 
TAM C1  H11  sing N N 286 
TAM C1  H12  sing N N 287 
TAM C2  C5   sing N N 288 
TAM C2  H21  sing N N 289 
TAM C2  H22  sing N N 290 
TAM C3  C6   sing N N 291 
TAM C3  H31  sing N N 292 
TAM C3  H32  sing N N 293 
TAM C4  O4   sing N N 294 
TAM C4  H41  sing N N 295 
TAM C4  H42  sing N N 296 
TAM C5  O5   sing N N 297 
TAM C5  H51  sing N N 298 
TAM C5  H52  sing N N 299 
TAM C6  O6   sing N N 300 
TAM C6  H61  sing N N 301 
TAM C6  H62  sing N N 302 
TAM N   HN1  sing N N 303 
TAM N   HN2  sing N N 304 
TAM O4  HO4  sing N N 305 
TAM O5  HO5  sing N N 306 
TAM O6  HO6  sing N N 307 
THR N   CA   sing N N 308 
THR N   H    sing N N 309 
THR N   H2   sing N N 310 
THR CA  C    sing N N 311 
THR CA  CB   sing N N 312 
THR CA  HA   sing N N 313 
THR C   O    doub N N 314 
THR C   OXT  sing N N 315 
THR CB  OG1  sing N N 316 
THR CB  CG2  sing N N 317 
THR CB  HB   sing N N 318 
THR OG1 HG1  sing N N 319 
THR CG2 HG21 sing N N 320 
THR CG2 HG22 sing N N 321 
THR CG2 HG23 sing N N 322 
THR OXT HXT  sing N N 323 
TRP N   CA   sing N N 324 
TRP N   H    sing N N 325 
TRP N   H2   sing N N 326 
TRP CA  C    sing N N 327 
TRP CA  CB   sing N N 328 
TRP CA  HA   sing N N 329 
TRP C   O    doub N N 330 
TRP C   OXT  sing N N 331 
TRP CB  CG   sing N N 332 
TRP CB  HB2  sing N N 333 
TRP CB  HB3  sing N N 334 
TRP CG  CD1  doub Y N 335 
TRP CG  CD2  sing Y N 336 
TRP CD1 NE1  sing Y N 337 
TRP CD1 HD1  sing N N 338 
TRP CD2 CE2  doub Y N 339 
TRP CD2 CE3  sing Y N 340 
TRP NE1 CE2  sing Y N 341 
TRP NE1 HE1  sing N N 342 
TRP CE2 CZ2  sing Y N 343 
TRP CE3 CZ3  doub Y N 344 
TRP CE3 HE3  sing N N 345 
TRP CZ2 CH2  doub Y N 346 
TRP CZ2 HZ2  sing N N 347 
TRP CZ3 CH2  sing Y N 348 
TRP CZ3 HZ3  sing N N 349 
TRP CH2 HH2  sing N N 350 
TRP OXT HXT  sing N N 351 
TYR N   CA   sing N N 352 
TYR N   H    sing N N 353 
TYR N   H2   sing N N 354 
TYR CA  C    sing N N 355 
TYR CA  CB   sing N N 356 
TYR CA  HA   sing N N 357 
TYR C   O    doub N N 358 
TYR C   OXT  sing N N 359 
TYR CB  CG   sing N N 360 
TYR CB  HB2  sing N N 361 
TYR CB  HB3  sing N N 362 
TYR CG  CD1  doub Y N 363 
TYR CG  CD2  sing Y N 364 
TYR CD1 CE1  sing Y N 365 
TYR CD1 HD1  sing N N 366 
TYR CD2 CE2  doub Y N 367 
TYR CD2 HD2  sing N N 368 
TYR CE1 CZ   doub Y N 369 
TYR CE1 HE1  sing N N 370 
TYR CE2 CZ   sing Y N 371 
TYR CE2 HE2  sing N N 372 
TYR CZ  OH   sing N N 373 
TYR OH  HH   sing N N 374 
TYR OXT HXT  sing N N 375 
VAL N   CA   sing N N 376 
VAL N   H    sing N N 377 
VAL N   H2   sing N N 378 
VAL CA  C    sing N N 379 
VAL CA  CB   sing N N 380 
VAL CA  HA   sing N N 381 
VAL C   O    doub N N 382 
VAL C   OXT  sing N N 383 
VAL CB  CG1  sing N N 384 
VAL CB  CG2  sing N N 385 
VAL CB  HB   sing N N 386 
VAL CG1 HG11 sing N N 387 
VAL CG1 HG12 sing N N 388 
VAL CG1 HG13 sing N N 389 
VAL CG2 HG21 sing N N 390 
VAL CG2 HG22 sing N N 391 
VAL CG2 HG23 sing N N 392 
VAL OXT HXT  sing N N 393 
# 
_pdbx_audit_support.funding_organization   'Brazilian National Council for Scientific and Technological Development (CNPq)' 
_pdbx_audit_support.country                Brazil 
_pdbx_audit_support.grant_number           ? 
_pdbx_audit_support.ordinal                1 
# 
loop_
_pdbx_entity_nonpoly.entity_id 
_pdbx_entity_nonpoly.name 
_pdbx_entity_nonpoly.comp_id 
2 'TRIS(HYDROXYETHYL)AMINOMETHANE' TAM 
3 'SULFATE ION'                    SO4 
4 water                            HOH 
# 
_pdbx_initial_refinement_model.id               1 
_pdbx_initial_refinement_model.entity_id_list   ? 
_pdbx_initial_refinement_model.type             'experimental model' 
_pdbx_initial_refinement_model.source_name      PDB 
_pdbx_initial_refinement_model.accession_code   4TX4 
_pdbx_initial_refinement_model.details          'PDB entry 4TX4' 
# 
_pdbx_struct_assembly_auth_evidence.id                     1 
_pdbx_struct_assembly_auth_evidence.assembly_id            1 
_pdbx_struct_assembly_auth_evidence.experimental_support   'gel filtration' 
_pdbx_struct_assembly_auth_evidence.details                ? 
# 
_space_group.crystal_system   orthorhombic 
_space_group.name_H-M_alt     'C 2 2 21' 
_space_group.IT_number        20 
_space_group.name_Hall        'C 2c 2' 
_space_group.id               1 
# 
